data_4TTE
# 
_entry.id   4TTE 
# 
_audit_conform.dict_name       mmcif_pdbx.dic 
_audit_conform.dict_version    5.379 
_audit_conform.dict_location   http://mmcif.pdb.org/dictionaries/ascii/mmcif_pdbx.dic 
# 
loop_
_database_2.database_id 
_database_2.database_code 
_database_2.pdbx_database_accession 
_database_2.pdbx_DOI 
PDB   4TTE         pdb_00004tte 10.2210/pdb4tte/pdb 
WWPDB D_1000202244 ?            ?                   
# 
loop_
_pdbx_database_related.content_type 
_pdbx_database_related.db_id 
_pdbx_database_related.db_name 
_pdbx_database_related.details 
unspecified 4TT2 PDB . 
unspecified 4TT4 PDB . 
unspecified 4TT6 PDB . 
unspecified 4TU4 PDB . 
unspecified 4TU6 PDB . 
# 
_pdbx_database_status.status_code                     REL 
_pdbx_database_status.status_code_sf                  REL 
_pdbx_database_status.status_code_mr                  ? 
_pdbx_database_status.entry_id                        4TTE 
_pdbx_database_status.recvd_initial_deposition_date   2014-06-20 
_pdbx_database_status.SG_entry                        N 
_pdbx_database_status.deposit_site                    RCSB 
_pdbx_database_status.process_site                    RCSB 
_pdbx_database_status.status_code_cs                  ? 
_pdbx_database_status.methods_development_category    ? 
_pdbx_database_status.status_code_nmr_data            ? 
_pdbx_database_status.pdb_format_compatible           Y 
# 
loop_
_audit_author.name 
_audit_author.pdbx_ordinal 
'Poncet-Montange, G.' 1  
'Zhan, Y.'            2  
'Bardenhagen, J.'     3  
'Petrocchi, A.'       4  
'Leo, E.'             5  
'Shi, X.'             6  
'Lee, G.'             7  
'Leonard, P.'         8  
'Geck Do, M.'         9  
'Cardozo, M.'         10 
'Palmer, W.'          11 
'Andersen, J.'        12 
'Jones, P.'           13 
'Ladbury, J.'         14 
# 
_citation.abstract                  ? 
_citation.abstract_id_CAS           ? 
_citation.book_id_ISBN              ? 
_citation.book_publisher            ? 
_citation.book_publisher_city       ? 
_citation.book_title                ? 
_citation.coordinate_linkage        ? 
_citation.country                   UK 
_citation.database_id_Medline       ? 
_citation.details                   ? 
_citation.id                        primary 
_citation.journal_abbrev            Biochem.J. 
_citation.journal_id_ASTM           BIJOAK 
_citation.journal_id_CSD            0043 
_citation.journal_id_ISSN           1470-8728 
_citation.journal_full              ? 
_citation.journal_issue             ? 
_citation.journal_volume            466 
_citation.language                  ? 
_citation.page_first                337 
_citation.page_last                 346 
_citation.title                     
'Observed bromodomain flexibility reveals histone peptide- and small molecule ligand-compatible forms of ATAD2.' 
_citation.year                      2015 
_citation.database_id_CSD           ? 
_citation.pdbx_database_id_DOI      10.1042/BJ20140933 
_citation.pdbx_database_id_PubMed   25486442 
_citation.unpublished_flag          ? 
# 
loop_
_citation_author.citation_id 
_citation_author.name 
_citation_author.ordinal 
_citation_author.identifier_ORCID 
primary 'Poncet-Montange, G.' 1  ? 
primary 'Zhan, Y.'            2  ? 
primary 'Bardenhagen, J.P.'   3  ? 
primary 'Petrocchi, A.'       4  ? 
primary 'Leo, E.'             5  ? 
primary 'Shi, X.'             6  ? 
primary 'Lee, G.R.'           7  ? 
primary 'Leonard, P.G.'       8  ? 
primary 'Geck Do, M.K.'       9  ? 
primary 'Cardozo, M.G.'       10 ? 
primary 'Andersen, J.N.'      11 ? 
primary 'Palmer, W.S.'        12 ? 
primary 'Jones, P.'           13 ? 
primary 'Ladbury, J.E.'       14 ? 
# 
_cell.length_a           79.310 
_cell.length_b           79.310 
_cell.length_c           137.381 
_cell.angle_alpha        90.000 
_cell.angle_beta         90.000 
_cell.angle_gamma        120.000 
_cell.entry_id           4TTE 
_cell.Z_PDB              12 
_cell.pdbx_unique_axis   ? 
# 
_symmetry.space_group_name_H-M             'P 65 2 2' 
_symmetry.entry_id                         4TTE 
_symmetry.Int_Tables_number                179 
_symmetry.pdbx_full_space_group_name_H-M   ? 
_symmetry.cell_setting                     ? 
# 
loop_
_entity.id 
_entity.type 
_entity.src_method 
_entity.pdbx_description 
_entity.formula_weight 
_entity.pdbx_number_of_molecules 
_entity.pdbx_ec 
_entity.pdbx_mutation 
_entity.pdbx_fragment 
_entity.details 
1 polymer     man 'ATPase family AAA domain-containing protein 2'           15453.514 1   3.6.1.3 ? 
'bromodomain (UNP residues 981-1108)' ? 
2 non-polymer syn 'SULFATE ION'                                             96.063    1   ?       ? ? ? 
3 non-polymer syn 'CHLORIDE ION'                                            35.453    1   ?       ? ? ? 
4 non-polymer syn GLYCEROL                                                  92.094    1   ?       ? ? ? 
5 non-polymer syn 'methyl 3-amino-5-(3,5-dimethyl-1,2-oxazol-4-yl)benzoate' 246.262   1   ?       ? ? ? 
6 water       nat water                                                     18.015    253 ?       ? ? ? 
# 
_entity_name_com.entity_id   1 
_entity_name_com.name        'AAA nuclear coregulator cancer-associated protein,ANCCA' 
# 
_entity_poly.entity_id                      1 
_entity_poly.type                           'polypeptide(L)' 
_entity_poly.nstd_linkage                   no 
_entity_poly.nstd_monomer                   no 
_entity_poly.pdbx_seq_one_letter_code       
;SMQEEDTFRELRIFLRNVTHRLAIDKRFRVFTKPVDPDEVPDYVTVIKQPMDLSSVISKIDLHKYLTVKDYLRDIDLICS
NALEYNPDRDPGDRLIRHRACALRDTAYAIIKEELDEDFEQLCEEIQESR
;
_entity_poly.pdbx_seq_one_letter_code_can   
;SMQEEDTFRELRIFLRNVTHRLAIDKRFRVFTKPVDPDEVPDYVTVIKQPMDLSSVISKIDLHKYLTVKDYLRDIDLICS
NALEYNPDRDPGDRLIRHRACALRDTAYAIIKEELDEDFEQLCEEIQESR
;
_entity_poly.pdbx_strand_id                 A 
_entity_poly.pdbx_target_identifier         ? 
# 
loop_
_entity_poly_seq.entity_id 
_entity_poly_seq.num 
_entity_poly_seq.mon_id 
_entity_poly_seq.hetero 
1 1   SER n 
1 2   MET n 
1 3   GLN n 
1 4   GLU n 
1 5   GLU n 
1 6   ASP n 
1 7   THR n 
1 8   PHE n 
1 9   ARG n 
1 10  GLU n 
1 11  LEU n 
1 12  ARG n 
1 13  ILE n 
1 14  PHE n 
1 15  LEU n 
1 16  ARG n 
1 17  ASN n 
1 18  VAL n 
1 19  THR n 
1 20  HIS n 
1 21  ARG n 
1 22  LEU n 
1 23  ALA n 
1 24  ILE n 
1 25  ASP n 
1 26  LYS n 
1 27  ARG n 
1 28  PHE n 
1 29  ARG n 
1 30  VAL n 
1 31  PHE n 
1 32  THR n 
1 33  LYS n 
1 34  PRO n 
1 35  VAL n 
1 36  ASP n 
1 37  PRO n 
1 38  ASP n 
1 39  GLU n 
1 40  VAL n 
1 41  PRO n 
1 42  ASP n 
1 43  TYR n 
1 44  VAL n 
1 45  THR n 
1 46  VAL n 
1 47  ILE n 
1 48  LYS n 
1 49  GLN n 
1 50  PRO n 
1 51  MET n 
1 52  ASP n 
1 53  LEU n 
1 54  SER n 
1 55  SER n 
1 56  VAL n 
1 57  ILE n 
1 58  SER n 
1 59  LYS n 
1 60  ILE n 
1 61  ASP n 
1 62  LEU n 
1 63  HIS n 
1 64  LYS n 
1 65  TYR n 
1 66  LEU n 
1 67  THR n 
1 68  VAL n 
1 69  LYS n 
1 70  ASP n 
1 71  TYR n 
1 72  LEU n 
1 73  ARG n 
1 74  ASP n 
1 75  ILE n 
1 76  ASP n 
1 77  LEU n 
1 78  ILE n 
1 79  CYS n 
1 80  SER n 
1 81  ASN n 
1 82  ALA n 
1 83  LEU n 
1 84  GLU n 
1 85  TYR n 
1 86  ASN n 
1 87  PRO n 
1 88  ASP n 
1 89  ARG n 
1 90  ASP n 
1 91  PRO n 
1 92  GLY n 
1 93  ASP n 
1 94  ARG n 
1 95  LEU n 
1 96  ILE n 
1 97  ARG n 
1 98  HIS n 
1 99  ARG n 
1 100 ALA n 
1 101 CYS n 
1 102 ALA n 
1 103 LEU n 
1 104 ARG n 
1 105 ASP n 
1 106 THR n 
1 107 ALA n 
1 108 TYR n 
1 109 ALA n 
1 110 ILE n 
1 111 ILE n 
1 112 LYS n 
1 113 GLU n 
1 114 GLU n 
1 115 LEU n 
1 116 ASP n 
1 117 GLU n 
1 118 ASP n 
1 119 PHE n 
1 120 GLU n 
1 121 GLN n 
1 122 LEU n 
1 123 CYS n 
1 124 GLU n 
1 125 GLU n 
1 126 ILE n 
1 127 GLN n 
1 128 GLU n 
1 129 SER n 
1 130 ARG n 
# 
_entity_src_gen.entity_id                          1 
_entity_src_gen.pdbx_src_id                        1 
_entity_src_gen.pdbx_alt_source_flag               sample 
_entity_src_gen.pdbx_seq_type                      'Biological sequence' 
_entity_src_gen.pdbx_beg_seq_num                   1 
_entity_src_gen.pdbx_end_seq_num                   130 
_entity_src_gen.gene_src_common_name               Human 
_entity_src_gen.gene_src_genus                     ? 
_entity_src_gen.pdbx_gene_src_gene                 'ATAD2, L16, PRO2000' 
_entity_src_gen.gene_src_species                   ? 
_entity_src_gen.gene_src_strain                    ? 
_entity_src_gen.gene_src_tissue                    ? 
_entity_src_gen.gene_src_tissue_fraction           ? 
_entity_src_gen.gene_src_details                   ? 
_entity_src_gen.pdbx_gene_src_fragment             ? 
_entity_src_gen.pdbx_gene_src_scientific_name      'Homo sapiens' 
_entity_src_gen.pdbx_gene_src_ncbi_taxonomy_id     9606 
_entity_src_gen.pdbx_gene_src_variant              ? 
_entity_src_gen.pdbx_gene_src_cell_line            ? 
_entity_src_gen.pdbx_gene_src_atcc                 ? 
_entity_src_gen.pdbx_gene_src_organ                ? 
_entity_src_gen.pdbx_gene_src_organelle            ? 
_entity_src_gen.pdbx_gene_src_cell                 ? 
_entity_src_gen.pdbx_gene_src_cellular_location    ? 
_entity_src_gen.host_org_common_name               ? 
_entity_src_gen.pdbx_host_org_scientific_name      'Escherichia coli' 
_entity_src_gen.pdbx_host_org_ncbi_taxonomy_id     469008 
_entity_src_gen.host_org_genus                     ? 
_entity_src_gen.pdbx_host_org_gene                 ? 
_entity_src_gen.pdbx_host_org_organ                ? 
_entity_src_gen.host_org_species                   ? 
_entity_src_gen.pdbx_host_org_tissue               ? 
_entity_src_gen.pdbx_host_org_tissue_fraction      ? 
_entity_src_gen.pdbx_host_org_strain               'BL21(DE3)' 
_entity_src_gen.pdbx_host_org_variant              ? 
_entity_src_gen.pdbx_host_org_cell_line            ? 
_entity_src_gen.pdbx_host_org_atcc                 ? 
_entity_src_gen.pdbx_host_org_culture_collection   ? 
_entity_src_gen.pdbx_host_org_cell                 ? 
_entity_src_gen.pdbx_host_org_organelle            ? 
_entity_src_gen.pdbx_host_org_cellular_location    ? 
_entity_src_gen.pdbx_host_org_vector_type          plasmid 
_entity_src_gen.pdbx_host_org_vector               ? 
_entity_src_gen.host_org_details                   ? 
_entity_src_gen.expression_system_id               ? 
_entity_src_gen.plasmid_name                       pNIC28-Bsa4 
_entity_src_gen.plasmid_details                    ? 
_entity_src_gen.pdbx_description                   ? 
# 
_struct_ref.id                         1 
_struct_ref.db_name                    UNP 
_struct_ref.db_code                    ATAD2_HUMAN 
_struct_ref.pdbx_db_accession          Q6PL18 
_struct_ref.entity_id                  1 
_struct_ref.pdbx_seq_one_letter_code   
;QEEDTFRELRIFLRNVTHRLAIDKRFRVFTKPVDPDEVPDYVTVIKQPMDLSSVISKIDLHKYLTVKDYLRDIDLICSNA
LEYNPDRDPGDRLIRHRACALRDTAYAIIKEELDEDFEQLCEEIQESR
;
_struct_ref.pdbx_align_begin           981 
_struct_ref.pdbx_db_isoform            ? 
# 
_struct_ref_seq.align_id                      1 
_struct_ref_seq.ref_id                        1 
_struct_ref_seq.pdbx_PDB_id_code              4TTE 
_struct_ref_seq.pdbx_strand_id                A 
_struct_ref_seq.seq_align_beg                 3 
_struct_ref_seq.pdbx_seq_align_beg_ins_code   ? 
_struct_ref_seq.seq_align_end                 130 
_struct_ref_seq.pdbx_seq_align_end_ins_code   ? 
_struct_ref_seq.pdbx_db_accession             Q6PL18 
_struct_ref_seq.db_align_beg                  981 
_struct_ref_seq.pdbx_db_align_beg_ins_code    ? 
_struct_ref_seq.db_align_end                  1108 
_struct_ref_seq.pdbx_db_align_end_ins_code    ? 
_struct_ref_seq.pdbx_auth_seq_align_beg       981 
_struct_ref_seq.pdbx_auth_seq_align_end       1108 
# 
loop_
_struct_ref_seq_dif.align_id 
_struct_ref_seq_dif.pdbx_pdb_id_code 
_struct_ref_seq_dif.mon_id 
_struct_ref_seq_dif.pdbx_pdb_strand_id 
_struct_ref_seq_dif.seq_num 
_struct_ref_seq_dif.pdbx_pdb_ins_code 
_struct_ref_seq_dif.pdbx_seq_db_name 
_struct_ref_seq_dif.pdbx_seq_db_accession_code 
_struct_ref_seq_dif.db_mon_id 
_struct_ref_seq_dif.pdbx_seq_db_seq_num 
_struct_ref_seq_dif.details 
_struct_ref_seq_dif.pdbx_auth_seq_num 
_struct_ref_seq_dif.pdbx_ordinal 
1 4TTE SER A 1 ? UNP Q6PL18 ? ? 'expression tag' 979 1 
1 4TTE MET A 2 ? UNP Q6PL18 ? ? 'expression tag' 980 2 
# 
loop_
_chem_comp.id 
_chem_comp.type 
_chem_comp.mon_nstd_flag 
_chem_comp.name 
_chem_comp.pdbx_synonyms 
_chem_comp.formula 
_chem_comp.formula_weight 
36Z non-polymer         . 'methyl 3-amino-5-(3,5-dimethyl-1,2-oxazol-4-yl)benzoate' ?                               
'C13 H14 N2 O3'  246.262 
ALA 'L-peptide linking' y ALANINE                                                   ?                               'C3 H7 N O2' 
89.093  
ARG 'L-peptide linking' y ARGININE                                                  ?                               
'C6 H15 N4 O2 1' 175.209 
ASN 'L-peptide linking' y ASPARAGINE                                                ?                               'C4 H8 N2 O3' 
132.118 
ASP 'L-peptide linking' y 'ASPARTIC ACID'                                           ?                               'C4 H7 N O4' 
133.103 
CL  non-polymer         . 'CHLORIDE ION'                                            ?                               'Cl -1' 35.453 
CYS 'L-peptide linking' y CYSTEINE                                                  ?                               'C3 H7 N O2 S' 
121.158 
GLN 'L-peptide linking' y GLUTAMINE                                                 ?                               'C5 H10 N2 O3' 
146.144 
GLU 'L-peptide linking' y 'GLUTAMIC ACID'                                           ?                               'C5 H9 N O4' 
147.129 
GLY 'peptide linking'   y GLYCINE                                                   ?                               'C2 H5 N O2' 
75.067  
GOL non-polymer         . GLYCEROL                                                  'GLYCERIN; PROPANE-1,2,3-TRIOL' 'C3 H8 O3' 
92.094  
HIS 'L-peptide linking' y HISTIDINE                                                 ?                               
'C6 H10 N3 O2 1' 156.162 
HOH non-polymer         . WATER                                                     ?                               'H2 O' 18.015  
ILE 'L-peptide linking' y ISOLEUCINE                                                ?                               'C6 H13 N O2' 
131.173 
LEU 'L-peptide linking' y LEUCINE                                                   ?                               'C6 H13 N O2' 
131.173 
LYS 'L-peptide linking' y LYSINE                                                    ?                               
'C6 H15 N2 O2 1' 147.195 
MET 'L-peptide linking' y METHIONINE                                                ?                               
'C5 H11 N O2 S'  149.211 
PHE 'L-peptide linking' y PHENYLALANINE                                             ?                               'C9 H11 N O2' 
165.189 
PRO 'L-peptide linking' y PROLINE                                                   ?                               'C5 H9 N O2' 
115.130 
SER 'L-peptide linking' y SERINE                                                    ?                               'C3 H7 N O3' 
105.093 
SO4 non-polymer         . 'SULFATE ION'                                             ?                               'O4 S -2' 
96.063  
THR 'L-peptide linking' y THREONINE                                                 ?                               'C4 H9 N O3' 
119.119 
TYR 'L-peptide linking' y TYROSINE                                                  ?                               'C9 H11 N O3' 
181.189 
VAL 'L-peptide linking' y VALINE                                                    ?                               'C5 H11 N O2' 
117.146 
# 
_exptl.absorpt_coefficient_mu     ? 
_exptl.absorpt_correction_T_max   ? 
_exptl.absorpt_correction_T_min   ? 
_exptl.absorpt_correction_type    ? 
_exptl.absorpt_process_details    ? 
_exptl.entry_id                   4TTE 
_exptl.crystals_number            1 
_exptl.details                    ? 
_exptl.method                     'X-RAY DIFFRACTION' 
_exptl.method_details             ? 
# 
_exptl_crystal.colour                      ? 
_exptl_crystal.density_diffrn              ? 
_exptl_crystal.density_Matthews            4.04 
_exptl_crystal.density_method              ? 
_exptl_crystal.density_percent_sol         69.53 
_exptl_crystal.description                 ? 
_exptl_crystal.F_000                       ? 
_exptl_crystal.id                          1 
_exptl_crystal.preparation                 ? 
_exptl_crystal.size_max                    ? 
_exptl_crystal.size_mid                    ? 
_exptl_crystal.size_min                    ? 
_exptl_crystal.size_rad                    ? 
_exptl_crystal.colour_lustre               ? 
_exptl_crystal.colour_modifier             ? 
_exptl_crystal.colour_primary              ? 
_exptl_crystal.density_meas                ? 
_exptl_crystal.density_meas_esd            ? 
_exptl_crystal.density_meas_gt             ? 
_exptl_crystal.density_meas_lt             ? 
_exptl_crystal.density_meas_temp           ? 
_exptl_crystal.density_meas_temp_esd       ? 
_exptl_crystal.density_meas_temp_gt        ? 
_exptl_crystal.density_meas_temp_lt        ? 
_exptl_crystal.pdbx_crystal_image_url      ? 
_exptl_crystal.pdbx_crystal_image_format   ? 
_exptl_crystal.pdbx_mosaicity              ? 
_exptl_crystal.pdbx_mosaicity_esd          ? 
# 
_exptl_crystal_grow.apparatus       ? 
_exptl_crystal_grow.atmosphere      ? 
_exptl_crystal_grow.crystal_id      1 
_exptl_crystal_grow.details         ? 
_exptl_crystal_grow.method          'VAPOR DIFFUSION, HANGING DROP' 
_exptl_crystal_grow.method_ref      ? 
_exptl_crystal_grow.pH              5.5 
_exptl_crystal_grow.pressure        ? 
_exptl_crystal_grow.pressure_esd    ? 
_exptl_crystal_grow.seeding         ? 
_exptl_crystal_grow.seeding_ref     ? 
_exptl_crystal_grow.temp            298 
_exptl_crystal_grow.temp_details    ? 
_exptl_crystal_grow.temp_esd        ? 
_exptl_crystal_grow.time            ? 
_exptl_crystal_grow.pdbx_details    '2.1-2.4M Ammonium Sulfate, 0.1M Bis-Tris pH5.5, 10% Glycerol' 
_exptl_crystal_grow.pdbx_pH_range   5.2-5.7 
# 
_diffrn.ambient_environment    ? 
_diffrn.ambient_temp           193 
_diffrn.ambient_temp_details   ? 
_diffrn.ambient_temp_esd       ? 
_diffrn.crystal_id             1 
_diffrn.crystal_support        ? 
_diffrn.crystal_treatment      ? 
_diffrn.details                ? 
_diffrn.id                     1 
_diffrn.ambient_pressure       ? 
_diffrn.ambient_pressure_esd   ? 
_diffrn.ambient_pressure_gt    ? 
_diffrn.ambient_pressure_lt    ? 
_diffrn.ambient_temp_gt        ? 
_diffrn.ambient_temp_lt        ? 
# 
_diffrn_detector.details                      ? 
_diffrn_detector.detector                     CCD 
_diffrn_detector.diffrn_id                    1 
_diffrn_detector.type                         'ADSC QUANTUM 315r' 
_diffrn_detector.area_resol_mean              ? 
_diffrn_detector.dtime                        ? 
_diffrn_detector.pdbx_frames_total            ? 
_diffrn_detector.pdbx_collection_time_total   ? 
_diffrn_detector.pdbx_collection_date         2013-06-20 
# 
_diffrn_radiation.collimation                      ? 
_diffrn_radiation.diffrn_id                        1 
_diffrn_radiation.filter_edge                      ? 
_diffrn_radiation.inhomogeneity                    ? 
_diffrn_radiation.monochromator                    ? 
_diffrn_radiation.polarisn_norm                    ? 
_diffrn_radiation.polarisn_ratio                   ? 
_diffrn_radiation.probe                            ? 
_diffrn_radiation.type                             ? 
_diffrn_radiation.xray_symbol                      ? 
_diffrn_radiation.wavelength_id                    1 
_diffrn_radiation.pdbx_monochromatic_or_laue_m_l   M 
_diffrn_radiation.pdbx_wavelength_list             ? 
_diffrn_radiation.pdbx_wavelength                  ? 
_diffrn_radiation.pdbx_diffrn_protocol             'SINGLE WAVELENGTH' 
_diffrn_radiation.pdbx_analyzer                    ? 
_diffrn_radiation.pdbx_scattering_type             x-ray 
# 
_diffrn_radiation_wavelength.id           1 
_diffrn_radiation_wavelength.wavelength   1.11587 
_diffrn_radiation_wavelength.wt           1.0 
# 
_diffrn_source.current                     ? 
_diffrn_source.details                     ? 
_diffrn_source.diffrn_id                   1 
_diffrn_source.power                       ? 
_diffrn_source.size                        ? 
_diffrn_source.source                      SYNCHROTRON 
_diffrn_source.target                      ? 
_diffrn_source.type                        'ALS BEAMLINE 8.3.1' 
_diffrn_source.voltage                     ? 
_diffrn_source.take-off_angle              ? 
_diffrn_source.pdbx_wavelength_list        1.11587 
_diffrn_source.pdbx_wavelength             ? 
_diffrn_source.pdbx_synchrotron_beamline   8.3.1 
_diffrn_source.pdbx_synchrotron_site       ALS 
# 
_reflns.entry_id                     4TTE 
_reflns.pdbx_diffrn_id               1 
_reflns.pdbx_ordinal                 1 
_reflns.d_resolution_high            1.800 
_reflns.d_resolution_low             48.570 
_reflns.pdbx_number_measured_all     519476 
_reflns.number_obs                   24459 
_reflns.pdbx_scaling_rejects         45 
_reflns.pdbx_Rmerge_I_obs            0.083 
_reflns.pdbx_netI_over_sigmaI        25.000 
_reflns.pdbx_redundancy              21.200 
_reflns.percent_possible_obs         100.000 
_reflns.pdbx_Rpim_I_all              0.018 
_reflns.pdbx_CC_half                 0.999 
_reflns.observed_criterion_sigma_I   ? 
_reflns.observed_criterion_sigma_F   ? 
_reflns.number_all                   ? 
_reflns.pdbx_Rsym_value              ? 
_reflns.B_iso_Wilson_estimate        ? 
# 
loop_
_reflns_shell.pdbx_diffrn_id 
_reflns_shell.pdbx_ordinal 
_reflns_shell.d_res_high 
_reflns_shell.d_res_low 
_reflns_shell.number_measured_obs 
_reflns_shell.number_measured_all 
_reflns_shell.number_unique_obs 
_reflns_shell.pdbx_rejects 
_reflns_shell.Rmerge_I_obs 
_reflns_shell.meanI_over_sigI_obs 
_reflns_shell.pdbx_Rsym_value 
_reflns_shell.pdbx_chi_squared 
_reflns_shell.pdbx_redundancy 
_reflns_shell.percent_possible_obs 
_reflns_shell.pdbx_netI_over_sigmaI_obs 
_reflns_shell.number_possible 
_reflns_shell.number_unique_all 
_reflns_shell.Rmerge_F_all 
_reflns_shell.Rmerge_F_obs 
_reflns_shell.Rmerge_I_all 
_reflns_shell.meanI_over_sigI_all 
_reflns_shell.percent_possible_all 
_reflns_shell.pdbx_Rrim_I_all 
_reflns_shell.pdbx_Rpim_I_all 
_reflns_shell.pdbx_CC_half 
1 1 1.800 1.840  ? 18370 ? 0 0.980 2.500  ? ? 13.000 ? ? ? 1411 ? ? ? ? 100.000 ? 0.280 0.804 
1 2 9.000 48.570 ? 4316  ? 0 0.026 50.600 ? ? 16.400 ? ? ? 263  ? ? ? ? 98.500  ? 0.007 1.000 
# 
_refine.entry_id                                 4TTE 
_refine.pdbx_refine_id                           'X-RAY DIFFRACTION' 
_refine.ls_d_res_high                            1.8000 
_refine.ls_d_res_low                             68.6800 
_refine.pdbx_ls_sigma_F                          0.000 
_refine.pdbx_data_cutoff_high_absF               ? 
_refine.pdbx_data_cutoff_low_absF                ? 
_refine.ls_percent_reflns_obs                    99.9600 
_refine.ls_number_reflns_obs                     24396 
_refine.ls_number_reflns_all                     ? 
_refine.pdbx_ls_cross_valid_method               THROUGHOUT 
_refine.ls_matrix_type                           ? 
_refine.pdbx_R_Free_selection_details            RANDOM 
_refine.details                                  
'HYDROGENS HAVE BEEN ADDED IN THE RIDING POSITIONS U VALUES      : REFINED INDIVIDUALLY' 
_refine.ls_R_factor_all                          ? 
_refine.ls_R_factor_obs                          0.1840 
_refine.ls_R_factor_R_work                       0.1833 
_refine.ls_wR_factor_R_work                      ? 
_refine.ls_R_factor_R_free                       0.1970 
_refine.ls_wR_factor_R_free                      ? 
_refine.ls_percent_reflns_R_free                 5.1000 
_refine.ls_number_reflns_R_free                  1244 
_refine.ls_number_reflns_R_work                  23152 
_refine.ls_R_factor_R_free_error                 ? 
_refine.B_iso_mean                               30.0770 
_refine.solvent_model_param_bsol                 ? 
_refine.solvent_model_param_ksol                 ? 
_refine.pdbx_isotropic_thermal_model             ? 
_refine.aniso_B[1][1]                            -0.0000 
_refine.aniso_B[2][2]                            -0.0000 
_refine.aniso_B[3][3]                            0.0100 
_refine.aniso_B[1][2]                            -0.0000 
_refine.aniso_B[1][3]                            -0.0000 
_refine.aniso_B[2][3]                            -0.0000 
_refine.correlation_coeff_Fo_to_Fc               0.9600 
_refine.correlation_coeff_Fo_to_Fc_free          0.9540 
_refine.overall_SU_R_Cruickshank_DPI             ? 
_refine.pdbx_overall_SU_R_free_Cruickshank_DPI   ? 
_refine.pdbx_overall_SU_R_Blow_DPI               ? 
_refine.pdbx_overall_SU_R_free_Blow_DPI          ? 
_refine.overall_SU_R_free                        ? 
_refine.pdbx_overall_ESU_R                       0.0950 
_refine.pdbx_overall_ESU_R_Free                  0.0890 
_refine.overall_SU_ML                            0.0600 
_refine.overall_SU_B                             1.9250 
_refine.solvent_model_details                    MASK 
_refine.pdbx_solvent_vdw_probe_radii             1.2000 
_refine.pdbx_solvent_ion_probe_radii             0.8000 
_refine.pdbx_solvent_shrinkage_radii             0.8000 
_refine.ls_number_parameters                     ? 
_refine.ls_number_restraints                     ? 
_refine.pdbx_starting_model                      3DAI 
_refine.pdbx_method_to_determine_struct          'MOLECULAR REPLACEMENT' 
_refine.pdbx_stereochemistry_target_values       'MAXIMUM LIKELIHOOD' 
_refine.pdbx_stereochem_target_val_spec_case     ? 
_refine.overall_FOM_work_R_set                   ? 
_refine.B_iso_max                                86.710 
_refine.B_iso_min                                13.700 
_refine.pdbx_overall_phase_error                 ? 
_refine.occupancy_max                            ? 
_refine.occupancy_min                            ? 
_refine.pdbx_diffrn_id                           1 
_refine.pdbx_TLS_residual_ADP_flag               ? 
_refine.pdbx_ls_sigma_I                          ? 
_refine.pdbx_data_cutoff_high_rms_absF           ? 
_refine.ls_R_factor_R_free_error_details         ? 
# 
_refine_hist.cycle_id                         final 
_refine_hist.pdbx_refine_id                   'X-RAY DIFFRACTION' 
_refine_hist.d_res_high                       1.8000 
_refine_hist.d_res_low                        68.6800 
_refine_hist.pdbx_number_atoms_ligand         30 
_refine_hist.number_atoms_solvent             253 
_refine_hist.number_atoms_total               1367 
_refine_hist.pdbx_number_residues_total       130 
_refine_hist.pdbx_B_iso_mean_ligand           41.00 
_refine_hist.pdbx_B_iso_mean_solvent          44.15 
_refine_hist.pdbx_number_atoms_protein        1084 
_refine_hist.pdbx_number_atoms_nucleic_acid   0 
# 
loop_
_refine_ls_restr.pdbx_refine_id 
_refine_ls_restr.type 
_refine_ls_restr.number 
_refine_ls_restr.dev_ideal 
_refine_ls_restr.dev_ideal_target 
_refine_ls_restr.weight 
_refine_ls_restr.pdbx_restraint_function 
'X-RAY DIFFRACTION' r_bond_refined_d       1184 0.013  0.019  ? ? 
'X-RAY DIFFRACTION' r_bond_other_d         1135 0.001  0.020  ? ? 
'X-RAY DIFFRACTION' r_angle_refined_deg    1613 1.482  2.003  ? ? 
'X-RAY DIFFRACTION' r_angle_other_deg      2619 0.844  3.004  ? ? 
'X-RAY DIFFRACTION' r_dihedral_angle_1_deg 145  4.329  5.000  ? ? 
'X-RAY DIFFRACTION' r_dihedral_angle_2_deg 66   34.521 23.636 ? ? 
'X-RAY DIFFRACTION' r_dihedral_angle_3_deg 222  13.296 15.000 ? ? 
'X-RAY DIFFRACTION' r_dihedral_angle_4_deg 14   14.334 15.000 ? ? 
'X-RAY DIFFRACTION' r_chiral_restr         179  0.089  0.200  ? ? 
'X-RAY DIFFRACTION' r_gen_planes_refined   1329 0.006  0.021  ? ? 
'X-RAY DIFFRACTION' r_gen_planes_other     269  0.001  0.020  ? ? 
'X-RAY DIFFRACTION' r_mcbond_it            535  1.954  2.666  ? ? 
'X-RAY DIFFRACTION' r_mcbond_other         534  1.946  2.658  ? ? 
'X-RAY DIFFRACTION' r_mcangle_it           671  2.975  3.979  ? ? 
# 
_refine_ls_shell.d_res_high                       1.8000 
_refine_ls_shell.d_res_low                        1.8470 
_refine_ls_shell.pdbx_total_number_of_bins_used   20 
_refine_ls_shell.percent_reflns_obs               100.0000 
_refine_ls_shell.number_reflns_R_work             1664 
_refine_ls_shell.R_factor_all                     ? 
_refine_ls_shell.R_factor_R_work                  0.2980 
_refine_ls_shell.R_factor_R_free                  0.2590 
_refine_ls_shell.percent_reflns_R_free            ? 
_refine_ls_shell.number_reflns_R_free             87 
_refine_ls_shell.R_factor_R_free_error            ? 
_refine_ls_shell.number_reflns_all                1751 
_refine_ls_shell.number_reflns_obs                ? 
_refine_ls_shell.pdbx_refine_id                   'X-RAY DIFFRACTION' 
# 
_struct.entry_id                     4TTE 
_struct.title                        
'Crystal structure of ATAD2A bromodomain complexed with methyl 3-amino-5-(3,5-dimethyl-1,2-oxazol-4-yl)benzoate' 
_struct.pdbx_model_details           ? 
_struct.pdbx_formula_weight          ? 
_struct.pdbx_formula_weight_method   ? 
_struct.pdbx_model_type_details      ? 
_struct.pdbx_CASP_flag               ? 
# 
_struct_keywords.entry_id        4TTE 
_struct_keywords.text            'ATAD2 bromodomain inhibitor complex, GENE REGULATION' 
_struct_keywords.pdbx_keywords   'GENE REGULATION' 
# 
loop_
_struct_asym.id 
_struct_asym.pdbx_blank_PDB_chainid_flag 
_struct_asym.pdbx_modified 
_struct_asym.entity_id 
_struct_asym.details 
A N N 1 ? 
B N N 2 ? 
C N N 3 ? 
D N N 4 ? 
E N N 5 ? 
F N N 6 ? 
# 
loop_
_struct_conf.conf_type_id 
_struct_conf.id 
_struct_conf.pdbx_PDB_helix_id 
_struct_conf.beg_label_comp_id 
_struct_conf.beg_label_asym_id 
_struct_conf.beg_label_seq_id 
_struct_conf.pdbx_beg_PDB_ins_code 
_struct_conf.end_label_comp_id 
_struct_conf.end_label_asym_id 
_struct_conf.end_label_seq_id 
_struct_conf.pdbx_end_PDB_ins_code 
_struct_conf.beg_auth_comp_id 
_struct_conf.beg_auth_asym_id 
_struct_conf.beg_auth_seq_id 
_struct_conf.end_auth_comp_id 
_struct_conf.end_auth_asym_id 
_struct_conf.end_auth_seq_id 
_struct_conf.pdbx_PDB_helix_class 
_struct_conf.details 
_struct_conf.pdbx_PDB_helix_length 
HELX_P HELX_P1 AA1 SER A 1   ? ILE A 24  ? SER A 979  ILE A 1002 1 ? 24 
HELX_P HELX_P2 AA2 ASP A 25  ? THR A 32  ? ASP A 1003 THR A 1010 5 ? 8  
HELX_P HELX_P3 AA3 ASP A 42  ? ILE A 47  ? ASP A 1020 ILE A 1025 1 ? 6  
HELX_P HELX_P4 AA4 ASP A 52  ? LEU A 62  ? ASP A 1030 LEU A 1040 1 ? 11 
HELX_P HELX_P5 AA5 THR A 67  ? ASN A 86  ? THR A 1045 ASN A 1064 1 ? 20 
HELX_P HELX_P6 AA6 ASP A 90  ? LEU A 115 ? ASP A 1068 LEU A 1093 1 ? 26 
HELX_P HELX_P7 AA7 ASP A 116 ? SER A 129 ? ASP A 1094 SER A 1107 1 ? 14 
# 
_struct_conf_type.id          HELX_P 
_struct_conf_type.criteria    ? 
_struct_conf_type.reference   ? 
# 
loop_
_struct_site.id 
_struct_site.pdbx_evidence_code 
_struct_site.pdbx_auth_asym_id 
_struct_site.pdbx_auth_comp_id 
_struct_site.pdbx_auth_seq_id 
_struct_site.pdbx_auth_ins_code 
_struct_site.pdbx_num_residues 
_struct_site.details 
AC1 Software A SO4 1201 ? 8 'binding site for residue SO4 A 1201' 
AC2 Software A CL  1202 ? 2 'binding site for residue CL A 1202'  
AC3 Software A GOL 1203 ? 7 'binding site for residue GOL A 1203' 
AC4 Software A 36Z 1204 ? 9 'binding site for residue 36Z A 1204' 
# 
loop_
_struct_site_gen.id 
_struct_site_gen.site_id 
_struct_site_gen.pdbx_num_res 
_struct_site_gen.label_comp_id 
_struct_site_gen.label_asym_id 
_struct_site_gen.label_seq_id 
_struct_site_gen.pdbx_auth_ins_code 
_struct_site_gen.auth_comp_id 
_struct_site_gen.auth_asym_id 
_struct_site_gen.auth_seq_id 
_struct_site_gen.label_atom_id 
_struct_site_gen.label_alt_id 
_struct_site_gen.symmetry 
_struct_site_gen.details 
1  AC1 8 ARG A 9   ? ARG A 987  . ? 1_555 ? 
2  AC1 8 ARG A 12  ? ARG A 990  . ? 1_555 ? 
3  AC1 8 ARG A 16  ? ARG A 994  . ? 1_555 ? 
4  AC1 8 ARG A 89  ? ARG A 1067 . ? 6_554 ? 
5  AC1 8 ARG A 94  ? ARG A 1072 . ? 6_554 ? 
6  AC1 8 HOH F .   ? HOH A 1352 . ? 1_555 ? 
7  AC1 8 HOH F .   ? HOH A 1358 . ? 1_555 ? 
8  AC1 8 HOH F .   ? HOH A 1359 . ? 1_555 ? 
9  AC2 2 ARG A 99  ? ARG A 1077 . ? 1_555 ? 
10 AC2 2 HOH F .   ? HOH A 1368 . ? 1_555 ? 
11 AC3 7 GLU A 10  ? GLU A 988  . ? 1_555 ? 
12 AC3 7 GLU A 114 ? GLU A 1092 . ? 1_555 ? 
13 AC3 7 LEU A 115 ? LEU A 1093 . ? 1_555 ? 
14 AC3 7 ASP A 116 ? ASP A 1094 . ? 1_555 ? 
15 AC3 7 PHE A 119 ? PHE A 1097 . ? 1_555 ? 
16 AC3 7 HOH F .   ? HOH A 1321 . ? 1_555 ? 
17 AC3 7 HOH F .   ? HOH A 1339 . ? 1_555 ? 
18 AC4 9 ARG A 29  ? ARG A 1007 . ? 1_555 ? 
19 AC4 9 VAL A 30  ? VAL A 1008 . ? 1_555 ? 
20 AC4 9 LYS A 33  ? LYS A 1011 . ? 1_555 ? 
21 AC4 9 PRO A 34  ? PRO A 1012 . ? 1_555 ? 
22 AC4 9 TYR A 85  ? TYR A 1063 . ? 1_555 ? 
23 AC4 9 ASN A 86  ? ASN A 1064 . ? 1_555 ? 
24 AC4 9 ILE A 96  ? ILE A 1074 . ? 1_555 ? 
25 AC4 9 HOH F .   ? HOH A 1412 . ? 1_555 ? 
26 AC4 9 HOH F .   ? HOH A 1491 . ? 1_555 ? 
# 
_atom_sites.entry_id                    4TTE 
_atom_sites.fract_transf_matrix[1][1]   0.00345538 
_atom_sites.fract_transf_matrix[1][2]   0.01197914 
_atom_sites.fract_transf_matrix[1][3]   -0.00751971 
_atom_sites.fract_transf_matrix[2][1]   0.01074879 
_atom_sites.fract_transf_matrix[2][2]   -0.00041143 
_atom_sites.fract_transf_matrix[2][3]   -0.00981115 
_atom_sites.fract_transf_matrix[3][1]   -0.00478288 
_atom_sites.fract_transf_matrix[3][2]   -0.00186071 
_atom_sites.fract_transf_matrix[3][3]   -0.00516195 
_atom_sites.fract_transf_vector[1]      -0.138994 
_atom_sites.fract_transf_vector[2]      0.400746 
_atom_sites.fract_transf_vector[3]      0.027231 
# 
loop_
_atom_type.symbol 
C  
CL 
N  
O  
S  
# 
loop_
_atom_site.group_PDB 
_atom_site.id 
_atom_site.type_symbol 
_atom_site.label_atom_id 
_atom_site.label_alt_id 
_atom_site.label_comp_id 
_atom_site.label_asym_id 
_atom_site.label_entity_id 
_atom_site.label_seq_id 
_atom_site.pdbx_PDB_ins_code 
_atom_site.Cartn_x 
_atom_site.Cartn_y 
_atom_site.Cartn_z 
_atom_site.occupancy 
_atom_site.B_iso_or_equiv 
_atom_site.pdbx_formal_charge 
_atom_site.auth_seq_id 
_atom_site.auth_comp_id 
_atom_site.auth_asym_id 
_atom_site.auth_atom_id 
_atom_site.pdbx_PDB_model_num 
ATOM   1    N  N   . SER A 1 1   ? 5.203   -22.700 13.158  1.00 47.00 ? 979  SER A N   1 
ATOM   2    C  CA  . SER A 1 1   ? 5.960   -22.685 14.441  1.00 46.54 ? 979  SER A CA  1 
ATOM   3    C  C   . SER A 1 1   ? 5.921   -21.306 15.107  1.00 49.19 ? 979  SER A C   1 
ATOM   4    O  O   . SER A 1 1   ? 5.422   -20.346 14.519  1.00 42.84 ? 979  SER A O   1 
ATOM   5    C  CB  . SER A 1 1   ? 7.405   -23.103 14.206  1.00 47.60 ? 979  SER A CB  1 
ATOM   6    O  OG  . SER A 1 1   ? 8.088   -22.163 13.400  1.00 47.67 ? 979  SER A OG  1 
ATOM   7    N  N   . MET A 1 2   ? 6.452   -21.226 16.332  1.00 49.12 ? 980  MET A N   1 
ATOM   8    C  CA  . MET A 1 2   ? 6.631   -19.943 17.033  1.00 48.49 ? 980  MET A CA  1 
ATOM   9    C  C   . MET A 1 2   ? 7.687   -19.083 16.325  1.00 44.21 ? 980  MET A C   1 
ATOM   10   O  O   . MET A 1 2   ? 7.532   -17.866 16.250  1.00 42.60 ? 980  MET A O   1 
ATOM   11   C  CB  . MET A 1 2   ? 7.026   -20.168 18.497  0.30 47.15 ? 980  MET A CB  1 
ATOM   12   C  CG  . MET A 1 2   ? 7.037   -18.913 19.362  0.30 47.29 ? 980  MET A CG  1 
ATOM   13   S  SD  . MET A 1 2   ? 5.399   -18.226 19.692  0.30 48.92 ? 980  MET A SD  1 
ATOM   14   C  CE  . MET A 1 2   ? 5.341   -16.835 18.568  0.30 46.94 ? 980  MET A CE  1 
ATOM   15   N  N   . GLN A 1 3   ? 8.750   -19.706 15.821  1.00 41.42 ? 981  GLN A N   1 
ATOM   16   C  CA  . GLN A 1 3   ? 9.716   -19.019 14.975  1.00 44.70 ? 981  GLN A CA  1 
ATOM   17   C  C   . GLN A 1 3   ? 9.036   -18.348 13.780  1.00 39.76 ? 981  GLN A C   1 
ATOM   18   O  O   . GLN A 1 3   ? 9.345   -17.209 13.441  1.00 39.08 ? 981  GLN A O   1 
ATOM   19   C  CB  . GLN A 1 3   ? 10.761  -19.989 14.436  1.00 48.87 ? 981  GLN A CB  1 
ATOM   20   C  CG  . GLN A 1 3   ? 11.906  -20.280 15.393  1.00 54.81 ? 981  GLN A CG  1 
ATOM   21   C  CD  . GLN A 1 3   ? 12.645  -21.559 15.037  0.50 56.56 ? 981  GLN A CD  1 
ATOM   22   O  OE1 . GLN A 1 3   ? 12.033  -22.623 14.906  0.50 56.52 ? 981  GLN A OE1 1 
ATOM   23   N  NE2 . GLN A 1 3   ? 13.964  -21.465 14.883  0.50 58.16 ? 981  GLN A NE2 1 
ATOM   24   N  N   . GLU A 1 4   ? 8.133   -19.072 13.128  1.00 34.36 ? 982  GLU A N   1 
ATOM   25   C  CA  . GLU A 1 4   ? 7.453   -18.533 11.959  1.00 30.53 ? 982  GLU A CA  1 
ATOM   26   C  C   . GLU A 1 4   ? 6.515   -17.403 12.345  1.00 29.20 ? 982  GLU A C   1 
ATOM   27   O  O   . GLU A 1 4   ? 6.439   -16.404 11.633  1.00 25.15 ? 982  GLU A O   1 
ATOM   28   C  CB  . GLU A 1 4   ? 6.740   -19.637 11.180  1.00 31.00 ? 982  GLU A CB  1 
ATOM   29   C  CG  . GLU A 1 4   ? 7.727   -20.589 10.492  1.00 30.93 ? 982  GLU A CG  1 
ATOM   30   C  CD  . GLU A 1 4   ? 7.063   -21.807 9.859   1.00 33.32 ? 982  GLU A CD  1 
ATOM   31   O  OE1 . GLU A 1 4   ? 5.902   -22.080 10.218  1.00 33.62 ? 982  GLU A OE1 1 
ATOM   32   O  OE2 . GLU A 1 4   ? 7.702   -22.468 8.989   1.00 30.80 ? 982  GLU A OE2 1 
ATOM   33   N  N   . GLU A 1 5   ? 5.790   -17.547 13.454  1.00 28.23 ? 983  GLU A N   1 
ATOM   34   C  CA  . GLU A 1 5   ? 4.924   -16.472 13.928  1.00 29.03 ? 983  GLU A CA  1 
ATOM   35   C  C   . GLU A 1 5   ? 5.761   -15.217 14.261  1.00 27.72 ? 983  GLU A C   1 
ATOM   36   O  O   . GLU A 1 5   ? 5.294   -14.086 14.038  1.00 24.57 ? 983  GLU A O   1 
ATOM   37   C  CB  . GLU A 1 5   ? 4.143   -16.894 15.185  1.00 34.12 ? 983  GLU A CB  1 
ATOM   38   C  CG  . GLU A 1 5   ? 3.081   -17.961 14.973  1.00 39.66 ? 983  GLU A CG  1 
ATOM   39   C  CD  . GLU A 1 5   ? 2.667   -18.667 16.269  0.50 42.61 ? 983  GLU A CD  1 
ATOM   40   O  OE1 . GLU A 1 5   ? 2.918   -18.128 17.376  0.50 44.91 ? 983  GLU A OE1 1 
ATOM   41   O  OE2 . GLU A 1 5   ? 2.080   -19.773 16.174  0.50 45.63 ? 983  GLU A OE2 1 
ATOM   42   N  N   . ASP A 1 6   ? 6.957   -15.408 14.828  1.00 25.93 ? 984  ASP A N   1 
ATOM   43   C  CA  . ASP A 1 6   ? 7.868   -14.291 15.117  1.00 28.17 ? 984  ASP A CA  1 
ATOM   44   C  C   . ASP A 1 6   ? 8.278   -13.587 13.808  1.00 24.91 ? 984  ASP A C   1 
ATOM   45   O  O   . ASP A 1 6   ? 8.423   -12.362 13.790  1.00 22.61 ? 984  ASP A O   1 
ATOM   46   C  CB  . ASP A 1 6   ? 9.164   -14.735 15.823  1.00 30.72 ? 984  ASP A CB  1 
ATOM   47   C  CG  . ASP A 1 6   ? 8.962   -15.192 17.291  1.00 33.42 ? 984  ASP A CG  1 
ATOM   48   O  OD1 . ASP A 1 6   ? 7.928   -14.904 17.922  1.00 36.65 ? 984  ASP A OD1 1 
ATOM   49   O  OD2 . ASP A 1 6   ? 9.894   -15.842 17.785  1.00 41.07 ? 984  ASP A OD2 1 
ATOM   50   N  N   . THR A 1 7   ? 8.489   -14.368 12.746  1.00 22.62 ? 985  THR A N   1 
ATOM   51   C  CA  . THR A 1 7   ? 8.848   -13.814 11.434  1.00 22.43 ? 985  THR A CA  1 
ATOM   52   C  C   . THR A 1 7   ? 7.705   -12.939 10.907  1.00 21.03 ? 985  THR A C   1 
ATOM   53   O  O   . THR A 1 7   ? 7.918   -11.779 10.516  1.00 19.80 ? 985  THR A O   1 
ATOM   54   C  CB  . THR A 1 7   ? 9.209   -14.905 10.402  1.00 22.70 ? 985  THR A CB  1 
ATOM   55   O  OG1 . THR A 1 7   ? 10.318  -15.690 10.892  1.00 24.03 ? 985  THR A OG1 1 
ATOM   56   C  CG2 . THR A 1 7   ? 9.583   -14.274 9.086   1.00 22.46 ? 985  THR A CG2 1 
ATOM   57   N  N   . PHE A 1 8   ? 6.488   -13.475 10.891  1.00 20.33 ? 986  PHE A N   1 
ATOM   58   C  CA  . PHE A 1 8   ? 5.354   -12.677 10.445  1.00 21.41 ? 986  PHE A CA  1 
ATOM   59   C  C   . PHE A 1 8   ? 5.104   -11.485 11.348  1.00 20.88 ? 986  PHE A C   1 
ATOM   60   O  O   . PHE A 1 8   ? 4.671   -10.430 10.873  1.00 22.02 ? 986  PHE A O   1 
ATOM   61   C  CB  . PHE A 1 8   ? 4.082   -13.523 10.274  1.00 22.88 ? 986  PHE A CB  1 
ATOM   62   C  CG  . PHE A 1 8   ? 4.169   -14.532 9.164   1.00 24.96 ? 986  PHE A CG  1 
ATOM   63   C  CD1 . PHE A 1 8   ? 4.686   -14.195 7.907   1.00 26.33 ? 986  PHE A CD1 1 
ATOM   64   C  CD2 . PHE A 1 8   ? 3.730   -15.823 9.363   1.00 26.24 ? 986  PHE A CD2 1 
ATOM   65   C  CE1 . PHE A 1 8   ? 4.754   -15.129 6.878   1.00 27.58 ? 986  PHE A CE1 1 
ATOM   66   C  CE2 . PHE A 1 8   ? 3.802   -16.759 8.340   1.00 26.05 ? 986  PHE A CE2 1 
ATOM   67   C  CZ  . PHE A 1 8   ? 4.306   -16.422 7.101   1.00 26.36 ? 986  PHE A CZ  1 
ATOM   68   N  N   . ARG A 1 9   ? 5.327   -11.613 12.655  1.00 20.93 ? 987  ARG A N   1 
ATOM   69   C  CA  . ARG A 1 9   ? 5.178   -10.450 13.515  1.00 22.99 ? 987  ARG A CA  1 
ATOM   70   C  C   . ARG A 1 9   ? 6.196   -9.361  13.140  1.00 19.70 ? 987  ARG A C   1 
ATOM   71   O  O   . ARG A 1 9   ? 5.844   -8.173  13.087  1.00 17.80 ? 987  ARG A O   1 
ATOM   72   C  CB  . ARG A 1 9   ? 5.326   -10.816 14.978  1.00 24.68 ? 987  ARG A CB  1 
ATOM   73   C  CG  . ARG A 1 9   ? 4.920   -9.685  15.870  1.00 28.02 ? 987  ARG A CG  1 
ATOM   74   C  CD  . ARG A 1 9   ? 4.573   -10.172 17.258  1.00 29.99 ? 987  ARG A CD  1 
ATOM   75   N  NE  . ARG A 1 9   ? 4.184   -9.005  18.040  1.00 35.36 ? 987  ARG A NE  1 
ATOM   76   C  CZ  . ARG A 1 9   ? 5.007   -8.252  18.789  1.00 38.04 ? 987  ARG A CZ  1 
ATOM   77   N  NH1 . ARG A 1 9   ? 6.335   -8.530  18.918  1.00 39.34 ? 987  ARG A NH1 1 
ATOM   78   N  NH2 . ARG A 1 9   ? 4.479   -7.216  19.438  1.00 37.22 ? 987  ARG A NH2 1 
ATOM   79   N  N   . GLU A 1 10  ? 7.441   -9.755  12.888  1.00 18.60 ? 988  GLU A N   1 
ATOM   80   C  CA  . GLU A 1 10  ? 8.440   -8.778  12.454  1.00 18.65 ? 988  GLU A CA  1 
ATOM   81   C  C   . GLU A 1 10  ? 8.032   -8.098  11.131  1.00 18.53 ? 988  GLU A C   1 
ATOM   82   O  O   . GLU A 1 10  ? 8.205   -6.852  10.983  1.00 18.91 ? 988  GLU A O   1 
ATOM   83   C  CB  . GLU A 1 10  ? 9.828   -9.389  12.346  1.00 20.16 ? 988  GLU A CB  1 
ATOM   84   C  CG  . GLU A 1 10  ? 10.851  -8.406  11.815  1.00 21.50 ? 988  GLU A CG  1 
ATOM   85   C  CD  . GLU A 1 10  ? 12.300  -8.786  12.067  1.00 25.88 ? 988  GLU A CD  1 
ATOM   86   O  OE1 . GLU A 1 10  ? 13.156  -7.988  11.611  1.00 22.98 ? 988  GLU A OE1 1 
ATOM   87   O  OE2 . GLU A 1 10  ? 12.589  -9.850  12.676  1.00 23.13 ? 988  GLU A OE2 1 
ATOM   88   N  N   . LEU A 1 11  ? 7.508   -8.881  10.187  1.00 17.86 ? 989  LEU A N   1 
ATOM   89   C  CA  . LEU A 1 11  ? 7.002   -8.356  8.932   1.00 17.93 ? 989  LEU A CA  1 
ATOM   90   C  C   . LEU A 1 11  ? 5.922   -7.301  9.196   1.00 17.99 ? 989  LEU A C   1 
ATOM   91   O  O   . LEU A 1 11  ? 5.971   -6.213  8.641   1.00 17.38 ? 989  LEU A O   1 
ATOM   92   C  CB  . LEU A 1 11  ? 6.472   -9.458  8.021   1.00 20.25 ? 989  LEU A CB  1 
ATOM   93   C  CG  . LEU A 1 11  ? 5.799   -8.930  6.741   1.00 19.53 ? 989  LEU A CG  1 
ATOM   94   C  CD1 . LEU A 1 11  ? 6.804   -8.242  5.832   1.00 20.74 ? 989  LEU A CD1 1 
ATOM   95   C  CD2 . LEU A 1 11  ? 5.035   -10.056 6.023   1.00 21.39 ? 989  LEU A CD2 1 
ATOM   96   N  N   . ARG A 1 12  ? 4.977   -7.594  10.084  1.00 16.07 ? 990  ARG A N   1 
ATOM   97   C  CA  . ARG A 1 12  ? 3.922   -6.600  10.407  1.00 17.30 ? 990  ARG A CA  1 
ATOM   98   C  C   . ARG A 1 12  ? 4.454   -5.300  10.977  1.00 15.84 ? 990  ARG A C   1 
ATOM   99   O  O   . ARG A 1 12  ? 4.029   -4.187  10.583  1.00 15.96 ? 990  ARG A O   1 
ATOM   100  C  CB  . ARG A 1 12  ? 2.861   -7.209  11.358  1.00 18.05 ? 990  ARG A CB  1 
ATOM   101  C  CG  . ARG A 1 12  ? 2.090   -8.347  10.720  1.00 19.55 ? 990  ARG A CG  1 
ATOM   102  C  CD  . ARG A 1 12  ? 0.842   -8.737  11.500  1.00 19.69 ? 990  ARG A CD  1 
ATOM   103  N  NE  . ARG A 1 12  ? 1.171   -9.250  12.820  1.00 19.71 ? 990  ARG A NE  1 
ATOM   104  C  CZ  . ARG A 1 12  ? 1.441   -10.525 13.116  1.00 21.64 ? 990  ARG A CZ  1 
ATOM   105  N  NH1 . ARG A 1 12  ? 1.407   -11.473 12.201  1.00 21.28 ? 990  ARG A NH1 1 
ATOM   106  N  NH2 . ARG A 1 12  ? 1.716   -10.864 14.373  1.00 24.48 ? 990  ARG A NH2 1 
ATOM   107  N  N   . ILE A 1 13  ? 5.387   -5.420  11.895  1.00 17.25 ? 991  ILE A N   1 
ATOM   108  C  CA  . ILE A 1 13  ? 6.050   -4.273  12.498  1.00 17.78 ? 991  ILE A CA  1 
ATOM   109  C  C   . ILE A 1 13  ? 6.724   -3.417  11.412  1.00 16.65 ? 991  ILE A C   1 
ATOM   110  O  O   . ILE A 1 13  ? 6.528   -2.183  11.378  1.00 15.90 ? 991  ILE A O   1 
ATOM   111  C  CB  . ILE A 1 13  ? 7.050   -4.735  13.577  1.00 19.67 ? 991  ILE A CB  1 
ATOM   112  C  CG1 . ILE A 1 13  ? 6.258   -5.341  14.765  1.00 21.79 ? 991  ILE A CG1 1 
ATOM   113  C  CG2 . ILE A 1 13  ? 7.900   -3.591  14.046  1.00 20.94 ? 991  ILE A CG2 1 
ATOM   114  C  CD1 . ILE A 1 13  ? 7.103   -6.103  15.744  1.00 22.99 ? 991  ILE A CD1 1 
ATOM   115  N  N   . PHE A 1 14  ? 7.502   -4.070  10.570  1.00 15.61 ? 992  PHE A N   1 
ATOM   116  C  CA  . PHE A 1 14  ? 8.175   -3.406  9.443   1.00 17.42 ? 992  PHE A CA  1 
ATOM   117  C  C   . PHE A 1 14  ? 7.162   -2.699  8.539   1.00 16.87 ? 992  PHE A C   1 
ATOM   118  O  O   . PHE A 1 14  ? 7.312   -1.477  8.241   1.00 17.37 ? 992  PHE A O   1 
ATOM   119  C  CB  . PHE A 1 14  ? 8.995   -4.404  8.645   1.00 19.06 ? 992  PHE A CB  1 
ATOM   120  C  CG  . PHE A 1 14  ? 9.624   -3.799  7.423   1.00 19.70 ? 992  PHE A CG  1 
ATOM   121  C  CD1 . PHE A 1 14  ? 10.707  -2.941  7.524   1.00 21.53 ? 992  PHE A CD1 1 
ATOM   122  C  CD2 . PHE A 1 14  ? 9.109   -4.096  6.179   1.00 21.60 ? 992  PHE A CD2 1 
ATOM   123  C  CE1 . PHE A 1 14  ? 11.268  -2.371  6.376   1.00 22.65 ? 992  PHE A CE1 1 
ATOM   124  C  CE2 . PHE A 1 14  ? 9.684   -3.559  5.030   1.00 22.36 ? 992  PHE A CE2 1 
ATOM   125  C  CZ  . PHE A 1 14  ? 10.756  -2.708  5.135   1.00 22.30 ? 992  PHE A CZ  1 
ATOM   126  N  N   . LEU A 1 15  ? 6.099   -3.400  8.155   1.00 16.96 ? 993  LEU A N   1 
ATOM   127  C  CA  . LEU A 1 15  ? 5.074   -2.804  7.290   1.00 17.30 ? 993  LEU A CA  1 
ATOM   128  C  C   . LEU A 1 15  ? 4.314   -1.638  7.929   1.00 16.86 ? 993  LEU A C   1 
ATOM   129  O  O   . LEU A 1 15  ? 4.034   -0.647  7.256   1.00 16.73 ? 993  LEU A O   1 
ATOM   130  C  CB  . LEU A 1 15  ? 4.094   -3.853  6.763   1.00 17.72 ? 993  LEU A CB  1 
ATOM   131  C  CG  . LEU A 1 15  ? 4.665   -4.988  5.903   1.00 17.88 ? 993  LEU A CG  1 
ATOM   132  C  CD1 . LEU A 1 15  ? 3.555   -5.949  5.543   1.00 19.59 ? 993  LEU A CD1 1 
ATOM   133  C  CD2 . LEU A 1 15  ? 5.356   -4.447  4.632   1.00 17.44 ? 993  LEU A CD2 1 
ATOM   134  N  N   . ARG A 1 16  ? 3.976   -1.739  9.201   1.00 16.58 ? 994  ARG A N   1 
ATOM   135  C  CA  . ARG A 1 16  ? 3.354   -0.624  9.915   1.00 18.01 ? 994  ARG A CA  1 
ATOM   136  C  C   . ARG A 1 16  ? 4.221   0.611   9.933   1.00 18.85 ? 994  ARG A C   1 
ATOM   137  O  O   . ARG A 1 16  ? 3.720   1.744   9.759   1.00 18.52 ? 994  ARG A O   1 
ATOM   138  C  CB  . ARG A 1 16  ? 3.087   -0.981  11.369  1.00 20.80 ? 994  ARG A CB  1 
ATOM   139  C  CG  . ARG A 1 16  ? 1.915   -1.850  11.574  1.00 23.09 ? 994  ARG A CG  1 
ATOM   140  C  CD  . ARG A 1 16  ? 1.423   -1.814  13.022  1.00 23.94 ? 994  ARG A CD  1 
ATOM   141  N  NE  . ARG A 1 16  ? 0.735   -3.069  13.194  1.00 22.95 ? 994  ARG A NE  1 
ATOM   142  C  CZ  . ARG A 1 16  ? 1.264   -4.208  13.602  1.00 22.97 ? 994  ARG A CZ  1 
ATOM   143  N  NH1 . ARG A 1 16  ? 2.513   -4.287  14.023  1.00 23.11 ? 994  ARG A NH1 1 
ATOM   144  N  NH2 . ARG A 1 16  ? 0.509   -5.294  13.587  1.00 24.57 ? 994  ARG A NH2 1 
ATOM   145  N  N   . ASN A 1 17  ? 5.514   0.419   10.168  1.00 18.34 ? 995  ASN A N   1 
ATOM   146  C  CA  . ASN A 1 17  ? 6.460   1.567   10.199  1.00 19.45 ? 995  ASN A CA  1 
ATOM   147  C  C   . ASN A 1 17  ? 6.537   2.225   8.861   1.00 19.65 ? 995  ASN A C   1 
ATOM   148  O  O   . ASN A 1 17  ? 6.488   3.466   8.809   1.00 19.22 ? 995  ASN A O   1 
ATOM   149  C  CB  . ASN A 1 17  ? 7.854   1.159   10.665  1.00 20.11 ? 995  ASN A CB  1 
ATOM   150  C  CG  . ASN A 1 17  ? 8.920   2.285   10.516  0.50 18.25 ? 995  ASN A CG  1 
ATOM   151  O  OD1 . ASN A 1 17  ? 9.676   2.327   9.547   0.50 13.70 ? 995  ASN A OD1 1 
ATOM   152  N  ND2 . ASN A 1 17  ? 9.014   3.152   11.531  0.50 20.74 ? 995  ASN A ND2 1 
ATOM   153  N  N   . VAL A 1 18  ? 6.688   1.432   7.787   1.00 19.41 ? 996  VAL A N   1 
ATOM   154  C  CA  . VAL A 1 18  ? 6.728   1.988   6.427   1.00 19.91 ? 996  VAL A CA  1 
ATOM   155  C  C   . VAL A 1 18  ? 5.421   2.744   6.115   1.00 18.14 ? 996  VAL A C   1 
ATOM   156  O  O   . VAL A 1 18  ? 5.425   3.906   5.635   1.00 17.31 ? 996  VAL A O   1 
ATOM   157  C  CB  . VAL A 1 18  ? 6.966   0.906   5.362   1.00 20.35 ? 996  VAL A CB  1 
ATOM   158  C  CG1 . VAL A 1 18  ? 6.811   1.466   3.957   1.00 21.26 ? 996  VAL A CG1 1 
ATOM   159  C  CG2 . VAL A 1 18  ? 8.322   0.252   5.565   1.00 21.15 ? 996  VAL A CG2 1 
ATOM   160  N  N   . THR A 1 19  ? 4.286   2.125   6.427   1.00 16.14 ? 997  THR A N   1 
ATOM   161  C  CA  . THR A 1 19  ? 2.975   2.725   6.125   1.00 17.59 ? 997  THR A CA  1 
ATOM   162  C  C   . THR A 1 19  ? 2.778   4.044   6.895   1.00 17.61 ? 997  THR A C   1 
ATOM   163  O  O   . THR A 1 19  ? 2.278   5.030   6.314   1.00 17.50 ? 997  THR A O   1 
ATOM   164  C  CB  . THR A 1 19  ? 1.845   1.721   6.437   1.00 17.47 ? 997  THR A CB  1 
ATOM   165  O  OG1 . THR A 1 19  ? 2.106   0.500   5.752   1.00 17.10 ? 997  THR A OG1 1 
ATOM   166  C  CG2 . THR A 1 19  ? 0.482   2.239   5.997   1.00 18.82 ? 997  THR A CG2 1 
ATOM   167  N  N   . HIS A 1 20  ? 3.205   4.079   8.157   1.00 18.22 ? 998  HIS A N   1 
ATOM   168  C  CA  A HIS A 1 20  ? 3.146   5.308   8.964   0.50 19.06 ? 998  HIS A CA  1 
ATOM   169  C  CA  B HIS A 1 20  ? 3.181   5.294   8.973   0.50 21.13 ? 998  HIS A CA  1 
ATOM   170  C  C   . HIS A 1 20  ? 3.965   6.415   8.292   1.00 19.81 ? 998  HIS A C   1 
ATOM   171  O  O   . HIS A 1 20  ? 3.527   7.562   8.210   1.00 19.36 ? 998  HIS A O   1 
ATOM   172  C  CB  A HIS A 1 20  ? 3.623   5.046   10.407  0.50 20.23 ? 998  HIS A CB  1 
ATOM   173  C  CB  B HIS A 1 20  ? 3.801   4.990   10.337  0.50 25.28 ? 998  HIS A CB  1 
ATOM   174  C  CG  A HIS A 1 20  ? 3.645   6.264   11.276  0.50 20.75 ? 998  HIS A CG  1 
ATOM   175  C  CG  B HIS A 1 20  ? 3.814   6.150   11.273  0.50 29.79 ? 998  HIS A CG  1 
ATOM   176  N  ND1 A HIS A 1 20  ? 2.507   6.987   11.575  0.50 19.30 ? 998  HIS A ND1 1 
ATOM   177  N  ND1 B HIS A 1 20  ? 4.759   7.152   11.207  0.50 33.59 ? 998  HIS A ND1 1 
ATOM   178  C  CD2 A HIS A 1 20  ? 4.661   6.874   11.937  0.50 21.43 ? 998  HIS A CD2 1 
ATOM   179  C  CD2 B HIS A 1 20  ? 2.995   6.469   12.304  0.50 32.37 ? 998  HIS A CD2 1 
ATOM   180  C  CE1 A HIS A 1 20  ? 2.828   8.013   12.344  0.50 20.38 ? 998  HIS A CE1 1 
ATOM   181  C  CE1 B HIS A 1 20  ? 4.518   8.041   12.156  0.50 34.78 ? 998  HIS A CE1 1 
ATOM   182  N  NE2 A HIS A 1 20  ? 4.131   7.971   12.573  0.50 22.10 ? 998  HIS A NE2 1 
ATOM   183  N  NE2 B HIS A 1 20  ? 3.455   7.648   12.838  0.50 34.98 ? 998  HIS A NE2 1 
ATOM   184  N  N   . ARG A 1 21  ? 5.165   6.084   7.836   1.00 18.24 ? 999  ARG A N   1 
ATOM   185  C  CA  . ARG A 1 21  ? 5.999   7.081   7.150   1.00 19.35 ? 999  ARG A CA  1 
ATOM   186  C  C   . ARG A 1 21  ? 5.355   7.616   5.874   1.00 19.42 ? 999  ARG A C   1 
ATOM   187  O  O   . ARG A 1 21  ? 5.523   8.802   5.550   1.00 21.76 ? 999  ARG A O   1 
ATOM   188  C  CB  . ARG A 1 21  ? 7.382   6.544   6.903   1.00 19.10 ? 999  ARG A CB  1 
ATOM   189  C  CG  . ARG A 1 21  ? 8.165   6.422   8.215   1.00 20.86 ? 999  ARG A CG  1 
ATOM   190  C  CD  . ARG A 1 21  ? 9.189   5.287   8.190   1.00 22.92 ? 999  ARG A CD  1 
ATOM   191  N  NE  . ARG A 1 21  ? 10.241  5.589   7.262   1.00 22.31 ? 999  ARG A NE  1 
ATOM   192  C  CZ  . ARG A 1 21  ? 11.154  4.702   6.863   1.00 21.25 ? 999  ARG A CZ  1 
ATOM   193  N  NH1 . ARG A 1 21  ? 11.188  3.459   7.347   1.00 20.45 ? 999  ARG A NH1 1 
ATOM   194  N  NH2 . ARG A 1 21  ? 12.045  5.084   6.004   1.00 21.97 ? 999  ARG A NH2 1 
ATOM   195  N  N   . LEU A 1 22  ? 4.634   6.780   5.139   1.00 18.36 ? 1000 LEU A N   1 
ATOM   196  C  CA  . LEU A 1 22  ? 3.888   7.258   3.983   1.00 18.28 ? 1000 LEU A CA  1 
ATOM   197  C  C   . LEU A 1 22  ? 2.736   8.122   4.437   1.00 19.17 ? 1000 LEU A C   1 
ATOM   198  O  O   . LEU A 1 22  ? 2.487   9.196   3.865   1.00 20.14 ? 1000 LEU A O   1 
ATOM   199  C  CB  . LEU A 1 22  ? 3.367   6.087   3.142   1.00 18.99 ? 1000 LEU A CB  1 
ATOM   200  C  CG  . LEU A 1 22  ? 4.471   5.168   2.582   1.00 18.37 ? 1000 LEU A CG  1 
ATOM   201  C  CD1 . LEU A 1 22  ? 3.884   3.948   1.892   1.00 19.58 ? 1000 LEU A CD1 1 
ATOM   202  C  CD2 . LEU A 1 22  ? 5.411   5.904   1.634   1.00 19.89 ? 1000 LEU A CD2 1 
ATOM   203  N  N   . ALA A 1 23  ? 2.044   7.667   5.465   1.00 18.00 ? 1001 ALA A N   1 
ATOM   204  C  CA  . ALA A 1 23  ? 0.797   8.334   5.900   1.00 19.89 ? 1001 ALA A CA  1 
ATOM   205  C  C   . ALA A 1 23  ? 1.036   9.723   6.475   1.00 21.40 ? 1001 ALA A C   1 
ATOM   206  O  O   . ALA A 1 23  ? 0.134   10.562  6.439   1.00 21.83 ? 1001 ALA A O   1 
ATOM   207  C  CB  . ALA A 1 23  ? 0.049   7.478   6.901   1.00 20.66 ? 1001 ALA A CB  1 
ATOM   208  N  N   . ILE A 1 24  ? 2.200   9.970   7.039   1.00 21.76 ? 1002 ILE A N   1 
ATOM   209  C  CA  . ILE A 1 24  ? 2.464   11.302  7.604   1.00 23.27 ? 1002 ILE A CA  1 
ATOM   210  C  C   . ILE A 1 24  ? 3.054   12.276  6.587   1.00 25.21 ? 1002 ILE A C   1 
ATOM   211  O  O   . ILE A 1 24  ? 3.258   13.444  6.895   1.00 24.91 ? 1002 ILE A O   1 
ATOM   212  C  CB  . ILE A 1 24  ? 3.371   11.256  8.849   1.00 25.10 ? 1002 ILE A CB  1 
ATOM   213  C  CG1 . ILE A 1 24  ? 4.795   10.830  8.496   1.00 25.35 ? 1002 ILE A CG1 1 
ATOM   214  C  CG2 . ILE A 1 24  ? 2.761   10.340  9.901   1.00 26.60 ? 1002 ILE A CG2 1 
ATOM   215  C  CD1 . ILE A 1 24  ? 5.712   10.665  9.711   1.00 29.63 ? 1002 ILE A CD1 1 
ATOM   216  N  N   . ASP A 1 25  ? 3.352   11.803  5.392   1.00 22.62 ? 1003 ASP A N   1 
ATOM   217  C  CA  . ASP A 1 25  ? 3.899   12.642  4.343   1.00 23.03 ? 1003 ASP A CA  1 
ATOM   218  C  C   . ASP A 1 25  ? 2.756   13.469  3.758   1.00 23.28 ? 1003 ASP A C   1 
ATOM   219  O  O   . ASP A 1 25  ? 1.740   12.941  3.289   1.00 21.37 ? 1003 ASP A O   1 
ATOM   220  C  CB  . ASP A 1 25  ? 4.528   11.769  3.268   1.00 23.59 ? 1003 ASP A CB  1 
ATOM   221  C  CG  . ASP A 1 25  ? 5.325   12.551  2.266   1.00 23.94 ? 1003 ASP A CG  1 
ATOM   222  O  OD1 . ASP A 1 25  ? 4.817   13.568  1.746   1.00 24.31 ? 1003 ASP A OD1 1 
ATOM   223  O  OD2 . ASP A 1 25  ? 6.445   12.117  1.952   1.00 24.47 ? 1003 ASP A OD2 1 
ATOM   224  N  N   . LYS A 1 26  ? 2.890   14.798  3.778   1.00 24.75 ? 1004 LYS A N   1 
ATOM   225  C  CA  . LYS A 1 26  ? 1.753   15.626  3.356   1.00 25.06 ? 1004 LYS A CA  1 
ATOM   226  C  C   . LYS A 1 26  ? 1.326   15.445  1.886   1.00 22.87 ? 1004 LYS A C   1 
ATOM   227  O  O   . LYS A 1 26  ? 0.160   15.666  1.551   1.00 22.70 ? 1004 LYS A O   1 
ATOM   228  C  CB  . LYS A 1 26  ? 1.997   17.107  3.697   1.00 27.88 ? 1004 LYS A CB  1 
ATOM   229  C  CG  . LYS A 1 26  ? 3.199   17.750  3.067   0.50 29.28 ? 1004 LYS A CG  1 
ATOM   230  C  CD  . LYS A 1 26  ? 3.786   18.857  3.959   0.50 32.16 ? 1004 LYS A CD  1 
ATOM   231  C  CE  . LYS A 1 26  ? 2.727   19.697  4.663   0.50 33.98 ? 1004 LYS A CE  1 
ATOM   232  N  NZ  . LYS A 1 26  ? 2.349   19.205  6.025   0.50 34.91 ? 1004 LYS A NZ  1 
ATOM   233  N  N   . ARG A 1 27  ? 2.234   15.023  1.022   1.00 22.01 ? 1005 ARG A N   1 
ATOM   234  C  CA  . ARG A 1 27  ? 1.868   14.747  -0.385  1.00 22.97 ? 1005 ARG A CA  1 
ATOM   235  C  C   . ARG A 1 27  ? 0.841   13.645  -0.534  1.00 22.09 ? 1005 ARG A C   1 
ATOM   236  O  O   . ARG A 1 27  ? 0.123   13.588  -1.538  1.00 21.27 ? 1005 ARG A O   1 
ATOM   237  C  CB  . ARG A 1 27  ? 3.068   14.309  -1.177  1.00 23.06 ? 1005 ARG A CB  1 
ATOM   238  C  CG  . ARG A 1 27  ? 4.144   15.355  -1.322  1.00 24.51 ? 1005 ARG A CG  1 
ATOM   239  C  CD  . ARG A 1 27  ? 5.337   14.746  -2.024  1.00 25.30 ? 1005 ARG A CD  1 
ATOM   240  N  NE  . ARG A 1 27  ? 6.017   13.788  -1.162  1.00 25.69 ? 1005 ARG A NE  1 
ATOM   241  C  CZ  . ARG A 1 27  ? 7.004   12.990  -1.552  1.00 26.35 ? 1005 ARG A CZ  1 
ATOM   242  N  NH1 . ARG A 1 27  ? 7.470   13.032  -2.799  1.00 26.91 ? 1005 ARG A NH1 1 
ATOM   243  N  NH2 . ARG A 1 27  ? 7.539   12.145  -0.694  1.00 26.70 ? 1005 ARG A NH2 1 
ATOM   244  N  N   . PHE A 1 28  ? 0.796   12.755  0.455   1.00 20.16 ? 1006 PHE A N   1 
ATOM   245  C  CA  . PHE A 1 28  ? -0.008  11.536  0.384   1.00 19.85 ? 1006 PHE A CA  1 
ATOM   246  C  C   . PHE A 1 28  ? -1.265  11.609  1.209   1.00 21.68 ? 1006 PHE A C   1 
ATOM   247  O  O   . PHE A 1 28  ? -1.968  10.609  1.350   1.00 20.08 ? 1006 PHE A O   1 
ATOM   248  C  CB  . PHE A 1 28  ? 0.846   10.319  0.776   1.00 18.33 ? 1006 PHE A CB  1 
ATOM   249  C  CG  . PHE A 1 28  ? 2.134   10.227  0.056   1.00 18.81 ? 1006 PHE A CG  1 
ATOM   250  C  CD1 . PHE A 1 28  ? 2.249   10.643  -1.284  1.00 18.33 ? 1006 PHE A CD1 1 
ATOM   251  C  CD2 . PHE A 1 28  ? 3.253   9.693   0.678   1.00 17.25 ? 1006 PHE A CD2 1 
ATOM   252  C  CE1 . PHE A 1 28  ? 3.455   10.535  -1.941  1.00 18.92 ? 1006 PHE A CE1 1 
ATOM   253  C  CE2 . PHE A 1 28  ? 4.451   9.607   0.030   1.00 18.61 ? 1006 PHE A CE2 1 
ATOM   254  C  CZ  . PHE A 1 28  ? 4.567   10.026  -1.291  1.00 19.08 ? 1006 PHE A CZ  1 
ATOM   255  N  N   . ARG A 1 29  ? -1.642  12.816  1.643   1.00 22.04 ? 1007 ARG A N   1 
ATOM   256  C  CA  . ARG A 1 29  ? -2.849  12.983  2.446   1.00 23.57 ? 1007 ARG A CA  1 
ATOM   257  C  C   . ARG A 1 29  ? -4.093  12.437  1.772   1.00 20.56 ? 1007 ARG A C   1 
ATOM   258  O  O   . ARG A 1 29  ? -4.942  11.845  2.421   1.00 22.83 ? 1007 ARG A O   1 
ATOM   259  C  CB  . ARG A 1 29  ? -3.054  14.461  2.816   1.00 26.58 ? 1007 ARG A CB  1 
ATOM   260  C  CG  . ARG A 1 29  ? -4.228  14.666  3.755   1.00 32.10 ? 1007 ARG A CG  1 
ATOM   261  C  CD  . ARG A 1 29  ? -4.713  16.118  3.810   1.00 39.67 ? 1007 ARG A CD  1 
ATOM   262  N  NE  . ARG A 1 29  ? -4.999  16.680  2.480   1.00 45.47 ? 1007 ARG A NE  1 
ATOM   263  C  CZ  . ARG A 1 29  ? -6.037  16.371  1.694   0.55 44.74 ? 1007 ARG A CZ  1 
ATOM   264  N  NH1 . ARG A 1 29  ? -6.961  15.479  2.056   0.55 46.91 ? 1007 ARG A NH1 1 
ATOM   265  N  NH2 . ARG A 1 29  ? -6.141  16.960  0.516   0.55 46.81 ? 1007 ARG A NH2 1 
ATOM   266  N  N   . VAL A 1 30  ? -4.180  12.582  0.464   1.00 21.85 ? 1008 VAL A N   1 
ATOM   267  C  CA  . VAL A 1 30  ? -5.357  12.156  -0.258  1.00 24.08 ? 1008 VAL A CA  1 
ATOM   268  C  C   . VAL A 1 30  ? -5.528  10.642  -0.250  1.00 23.53 ? 1008 VAL A C   1 
ATOM   269  O  O   . VAL A 1 30  ? -6.619  10.169  -0.499  1.00 22.30 ? 1008 VAL A O   1 
ATOM   270  C  CB  . VAL A 1 30  ? -5.409  12.671  -1.714  1.00 27.25 ? 1008 VAL A CB  1 
ATOM   271  C  CG1 . VAL A 1 30  ? -5.574  14.183  -1.704  1.00 30.98 ? 1008 VAL A CG1 1 
ATOM   272  C  CG2 . VAL A 1 30  ? -4.201  12.252  -2.535  1.00 27.71 ? 1008 VAL A CG2 1 
ATOM   273  N  N   . PHE A 1 31  ? -4.445  9.930   0.063   1.00 22.19 ? 1009 PHE A N   1 
ATOM   274  C  CA  . PHE A 1 31  ? -4.435  8.461   0.086   1.00 22.05 ? 1009 PHE A CA  1 
ATOM   275  C  C   . PHE A 1 31  ? -4.552  7.888   1.484   1.00 23.11 ? 1009 PHE A C   1 
ATOM   276  O  O   . PHE A 1 31  ? -4.454  6.662   1.665   1.00 23.45 ? 1009 PHE A O   1 
ATOM   277  C  CB  . PHE A 1 31  ? -3.139  7.956   -0.564  1.00 20.51 ? 1009 PHE A CB  1 
ATOM   278  C  CG  . PHE A 1 31  ? -2.895  8.519   -1.944  1.00 21.14 ? 1009 PHE A CG  1 
ATOM   279  C  CD1 . PHE A 1 31  ? -3.835  8.352   -2.970  1.00 20.31 ? 1009 PHE A CD1 1 
ATOM   280  C  CD2 . PHE A 1 31  ? -1.728  9.202   -2.222  1.00 21.76 ? 1009 PHE A CD2 1 
ATOM   281  C  CE1 . PHE A 1 31  ? -3.610  8.888   -4.222  1.00 22.50 ? 1009 PHE A CE1 1 
ATOM   282  C  CE2 . PHE A 1 31  ? -1.499  9.727   -3.478  1.00 22.98 ? 1009 PHE A CE2 1 
ATOM   283  C  CZ  . PHE A 1 31  ? -2.446  9.578   -4.479  1.00 22.92 ? 1009 PHE A CZ  1 
ATOM   284  N  N   . THR A 1 32  ? -4.767  8.731   2.484   1.00 23.35 ? 1010 THR A N   1 
ATOM   285  C  CA  . THR A 1 32  ? -4.762  8.283   3.879   1.00 24.77 ? 1010 THR A CA  1 
ATOM   286  C  C   . THR A 1 32  ? -6.089  7.704   4.353   1.00 27.44 ? 1010 THR A C   1 
ATOM   287  O  O   . THR A 1 32  ? -6.125  7.005   5.367   1.00 30.81 ? 1010 THR A O   1 
ATOM   288  C  CB  . THR A 1 32  ? -4.372  9.384   4.872   1.00 26.16 ? 1010 THR A CB  1 
ATOM   289  O  OG1 . THR A 1 32  ? -5.227  10.523  4.724   1.00 24.93 ? 1010 THR A OG1 1 
ATOM   290  C  CG2 . THR A 1 32  ? -2.914  9.794   4.680   1.00 25.43 ? 1010 THR A CG2 1 
ATOM   291  N  N   . LYS A 1 33  ? -7.164  8.015   3.636   1.00 27.29 ? 1011 LYS A N   1 
ATOM   292  C  CA  . LYS A 1 33  ? -8.506  7.575   4.003   1.00 32.12 ? 1011 LYS A CA  1 
ATOM   293  C  C   . LYS A 1 33  ? -9.232  7.167   2.731   1.00 29.89 ? 1011 LYS A C   1 
ATOM   294  O  O   . LYS A 1 33  ? -8.872  7.612   1.640   1.00 31.28 ? 1011 LYS A O   1 
ATOM   295  C  CB  . LYS A 1 33  ? -9.267  8.719   4.691   1.00 35.76 ? 1011 LYS A CB  1 
ATOM   296  C  CG  . LYS A 1 33  ? -8.729  9.112   6.064   1.00 42.68 ? 1011 LYS A CG  1 
ATOM   297  C  CD  . LYS A 1 33  ? -8.815  7.977   7.101   1.00 48.97 ? 1011 LYS A CD  1 
ATOM   298  C  CE  . LYS A 1 33  ? -7.823  8.179   8.247   1.00 51.10 ? 1011 LYS A CE  1 
ATOM   299  N  NZ  . LYS A 1 33  ? -7.857  7.089   9.270   1.00 56.67 ? 1011 LYS A NZ  1 
ATOM   300  N  N   . PRO A 1 34  ? -10.279 6.338   2.859   1.00 33.09 ? 1012 PRO A N   1 
ATOM   301  C  CA  . PRO A 1 34  ? -11.037 6.001   1.656   1.00 34.53 ? 1012 PRO A CA  1 
ATOM   302  C  C   . PRO A 1 34  ? -11.666 7.250   1.041   1.00 36.79 ? 1012 PRO A C   1 
ATOM   303  O  O   . PRO A 1 34  ? -11.940 8.219   1.757   1.00 35.83 ? 1012 PRO A O   1 
ATOM   304  C  CB  . PRO A 1 34  ? -12.124 5.052   2.165   1.00 35.80 ? 1012 PRO A CB  1 
ATOM   305  C  CG  . PRO A 1 34  ? -11.712 4.636   3.531   1.00 35.62 ? 1012 PRO A CG  1 
ATOM   306  C  CD  . PRO A 1 34  ? -10.876 5.757   4.071   1.00 35.31 ? 1012 PRO A CD  1 
ATOM   307  N  N   . VAL A 1 35  ? -11.855 7.233   -0.272  1.00 40.92 ? 1013 VAL A N   1 
ATOM   308  C  CA  . VAL A 1 35  ? -12.534 8.325   -0.968  1.00 46.30 ? 1013 VAL A CA  1 
ATOM   309  C  C   . VAL A 1 35  ? -13.950 8.444   -0.394  1.00 50.78 ? 1013 VAL A C   1 
ATOM   310  O  O   . VAL A 1 35  ? -14.619 7.430   -0.188  1.00 52.35 ? 1013 VAL A O   1 
ATOM   311  C  CB  . VAL A 1 35  ? -12.583 8.098   -2.497  1.00 44.18 ? 1013 VAL A CB  1 
ATOM   312  C  CG1 . VAL A 1 35  ? -13.483 9.133   -3.164  1.00 44.55 ? 1013 VAL A CG1 1 
ATOM   313  C  CG2 . VAL A 1 35  ? -11.182 8.151   -3.096  1.00 45.29 ? 1013 VAL A CG2 1 
ATOM   314  N  N   . ASP A 1 36  ? -14.384 9.674   -0.110  1.00 56.60 ? 1014 ASP A N   1 
ATOM   315  C  CA  . ASP A 1 36  ? -15.688 9.918   0.519   1.00 64.44 ? 1014 ASP A CA  1 
ATOM   316  C  C   . ASP A 1 36  ? -16.804 9.815   -0.527  1.00 64.25 ? 1014 ASP A C   1 
ATOM   317  O  O   . ASP A 1 36  ? -16.799 10.577  -1.498  1.00 62.50 ? 1014 ASP A O   1 
ATOM   318  C  CB  . ASP A 1 36  ? -15.701 11.311  1.172   1.00 67.18 ? 1014 ASP A CB  1 
ATOM   319  C  CG  . ASP A 1 36  ? -16.804 11.475  2.219   1.00 69.57 ? 1014 ASP A CG  1 
ATOM   320  O  OD1 . ASP A 1 36  ? -17.874 10.833  2.110   1.00 66.99 ? 1014 ASP A OD1 1 
ATOM   321  O  OD2 . ASP A 1 36  ? -16.591 12.267  3.161   1.00 74.59 ? 1014 ASP A OD2 1 
ATOM   322  N  N   . PRO A 1 37  ? -17.770 8.886   -0.329  1.00 70.87 ? 1015 PRO A N   1 
ATOM   323  C  CA  . PRO A 1 37  ? -18.853 8.726   -1.316  1.00 74.66 ? 1015 PRO A CA  1 
ATOM   324  C  C   . PRO A 1 37  ? -19.756 9.958   -1.419  1.00 77.67 ? 1015 PRO A C   1 
ATOM   325  O  O   . PRO A 1 37  ? -20.290 10.245  -2.496  1.00 78.58 ? 1015 PRO A O   1 
ATOM   326  C  CB  . PRO A 1 37  ? -19.641 7.522   -0.787  1.00 74.28 ? 1015 PRO A CB  1 
ATOM   327  C  CG  . PRO A 1 37  ? -19.370 7.509   0.677   1.00 71.96 ? 1015 PRO A CG  1 
ATOM   328  C  CD  . PRO A 1 37  ? -17.955 7.989   0.830   1.00 70.22 ? 1015 PRO A CD  1 
ATOM   329  N  N   . ASP A 1 38  ? -19.914 10.674  -0.304  1.00 79.68 ? 1016 ASP A N   1 
ATOM   330  C  CA  . ASP A 1 38  ? -20.614 11.957  -0.301  1.00 81.64 ? 1016 ASP A CA  1 
ATOM   331  C  C   . ASP A 1 38  ? -19.946 12.898  -1.303  1.00 83.35 ? 1016 ASP A C   1 
ATOM   332  O  O   . ASP A 1 38  ? -20.616 13.499  -2.146  1.00 86.71 ? 1016 ASP A O   1 
ATOM   333  C  CB  . ASP A 1 38  ? -20.614 12.585  1.101   1.00 80.79 ? 1016 ASP A CB  1 
ATOM   334  C  CG  . ASP A 1 38  ? -21.376 11.749  2.130   0.50 76.66 ? 1016 ASP A CG  1 
ATOM   335  O  OD1 . ASP A 1 38  ? -22.296 10.998  1.744   0.50 71.15 ? 1016 ASP A OD1 1 
ATOM   336  O  OD2 . ASP A 1 38  ? -21.051 11.847  3.330   0.50 74.66 ? 1016 ASP A OD2 1 
ATOM   337  N  N   . GLU A 1 39  ? -18.622 12.997  -1.230  1.00 79.30 ? 1017 GLU A N   1 
ATOM   338  C  CA  . GLU A 1 39  ? -17.879 13.874  -2.133  1.00 78.82 ? 1017 GLU A CA  1 
ATOM   339  C  C   . GLU A 1 39  ? -17.781 13.306  -3.556  1.00 74.32 ? 1017 GLU A C   1 
ATOM   340  O  O   . GLU A 1 39  ? -17.995 14.037  -4.527  1.00 73.38 ? 1017 GLU A O   1 
ATOM   341  C  CB  . GLU A 1 39  ? -16.482 14.165  -1.570  1.00 79.92 ? 1017 GLU A CB  1 
ATOM   342  C  CG  . GLU A 1 39  ? -16.481 14.829  -0.198  1.00 79.47 ? 1017 GLU A CG  1 
ATOM   343  C  CD  . GLU A 1 39  ? -17.276 16.120  -0.165  0.50 79.32 ? 1017 GLU A CD  1 
ATOM   344  O  OE1 . GLU A 1 39  ? -17.226 16.876  -1.157  0.50 77.57 ? 1017 GLU A OE1 1 
ATOM   345  O  OE2 . GLU A 1 39  ? -17.955 16.376  0.854   0.50 79.87 ? 1017 GLU A OE2 1 
ATOM   346  N  N   . VAL A 1 40  ? -17.465 12.014  -3.673  1.00 69.67 ? 1018 VAL A N   1 
ATOM   347  C  CA  . VAL A 1 40  ? -17.284 11.361  -4.978  1.00 65.69 ? 1018 VAL A CA  1 
ATOM   348  C  C   . VAL A 1 40  ? -18.191 10.129  -5.061  1.00 68.04 ? 1018 VAL A C   1 
ATOM   349  O  O   . VAL A 1 40  ? -17.767 9.017   -4.731  1.00 62.16 ? 1018 VAL A O   1 
ATOM   350  C  CB  . VAL A 1 40  ? -15.814 10.949  -5.228  1.00 62.97 ? 1018 VAL A CB  1 
ATOM   351  C  CG1 . VAL A 1 40  ? -15.562 10.773  -6.717  1.00 60.86 ? 1018 VAL A CG1 1 
ATOM   352  C  CG2 . VAL A 1 40  ? -14.848 11.982  -4.661  1.00 63.26 ? 1018 VAL A CG2 1 
ATOM   353  N  N   . PRO A 1 41  ? -19.446 10.322  -5.514  1.00 69.41 ? 1019 PRO A N   1 
ATOM   354  C  CA  . PRO A 1 41  ? -20.413 9.222   -5.476  1.00 67.49 ? 1019 PRO A CA  1 
ATOM   355  C  C   . PRO A 1 41  ? -20.177 8.140   -6.526  1.00 60.18 ? 1019 PRO A C   1 
ATOM   356  O  O   . PRO A 1 41  ? -20.486 6.978   -6.269  1.00 63.31 ? 1019 PRO A O   1 
ATOM   357  C  CB  . PRO A 1 41  ? -21.772 9.922   -5.698  1.00 68.65 ? 1019 PRO A CB  1 
ATOM   358  C  CG  . PRO A 1 41  ? -21.486 11.390  -5.784  1.00 70.02 ? 1019 PRO A CG  1 
ATOM   359  C  CD  . PRO A 1 41  ? -20.033 11.536  -6.108  1.00 69.85 ? 1019 PRO A CD  1 
ATOM   360  N  N   . ASP A 1 42  ? -19.625 8.493   -7.685  1.00 56.68 ? 1020 ASP A N   1 
ATOM   361  C  CA  . ASP A 1 42  ? -19.330 7.477   -8.695  1.00 58.15 ? 1020 ASP A CA  1 
ATOM   362  C  C   . ASP A 1 42  ? -18.000 6.738   -8.455  1.00 53.90 ? 1020 ASP A C   1 
ATOM   363  O  O   . ASP A 1 42  ? -17.613 5.896   -9.273  1.00 53.34 ? 1020 ASP A O   1 
ATOM   364  C  CB  . ASP A 1 42  ? -19.307 8.081   -10.098 1.00 61.51 ? 1020 ASP A CB  1 
ATOM   365  C  CG  . ASP A 1 42  ? -18.076 8.903   -10.348 1.00 65.58 ? 1020 ASP A CG  1 
ATOM   366  O  OD1 . ASP A 1 42  ? -17.879 9.871   -9.586  1.00 72.97 ? 1020 ASP A OD1 1 
ATOM   367  O  OD2 . ASP A 1 42  ? -17.302 8.573   -11.277 1.00 62.22 ? 1020 ASP A OD2 1 
ATOM   368  N  N   . TYR A 1 43  ? -17.291 7.042   -7.368  1.00 48.07 ? 1021 TYR A N   1 
ATOM   369  C  CA  . TYR A 1 43  ? -15.996 6.385   -7.157  1.00 42.30 ? 1021 TYR A CA  1 
ATOM   370  C  C   . TYR A 1 43  ? -16.161 4.878   -7.024  1.00 42.27 ? 1021 TYR A C   1 
ATOM   371  O  O   . TYR A 1 43  ? -15.525 4.116   -7.770  1.00 42.01 ? 1021 TYR A O   1 
ATOM   372  C  CB  . TYR A 1 43  ? -15.258 6.926   -5.936  1.00 42.10 ? 1021 TYR A CB  1 
ATOM   373  C  CG  . TYR A 1 43  ? -13.822 6.445   -5.900  1.00 37.06 ? 1021 TYR A CG  1 
ATOM   374  C  CD1 . TYR A 1 43  ? -12.855 7.048   -6.702  1.00 34.60 ? 1021 TYR A CD1 1 
ATOM   375  C  CD2 . TYR A 1 43  ? -13.444 5.355   -5.110  1.00 36.75 ? 1021 TYR A CD2 1 
ATOM   376  C  CE1 . TYR A 1 43  ? -11.540 6.621   -6.685  1.00 34.33 ? 1021 TYR A CE1 1 
ATOM   377  C  CE2 . TYR A 1 43  ? -12.123 4.906   -5.089  1.00 32.43 ? 1021 TYR A CE2 1 
ATOM   378  C  CZ  . TYR A 1 43  ? -11.182 5.544   -5.874  1.00 32.41 ? 1021 TYR A CZ  1 
ATOM   379  O  OH  . TYR A 1 43  ? -9.893  5.112   -5.894  1.00 29.94 ? 1021 TYR A OH  1 
ATOM   380  N  N   . VAL A 1 44  ? -17.026 4.478   -6.087  1.00 44.79 ? 1022 VAL A N   1 
ATOM   381  C  CA  . VAL A 1 44  ? -17.222 3.065   -5.722  1.00 48.84 ? 1022 VAL A CA  1 
ATOM   382  C  C   . VAL A 1 44  ? -17.813 2.258   -6.882  1.00 47.89 ? 1022 VAL A C   1 
ATOM   383  O  O   . VAL A 1 44  ? -17.620 1.042   -6.953  1.00 43.91 ? 1022 VAL A O   1 
ATOM   384  C  CB  . VAL A 1 44  ? -18.045 2.918   -4.411  1.00 52.18 ? 1022 VAL A CB  1 
ATOM   385  C  CG1 . VAL A 1 44  ? -18.488 1.483   -4.162  1.00 54.92 ? 1022 VAL A CG1 1 
ATOM   386  C  CG2 . VAL A 1 44  ? -17.210 3.373   -3.223  1.00 54.78 ? 1022 VAL A CG2 1 
ATOM   387  N  N   . THR A 1 45  ? -18.475 2.937   -7.812  1.00 47.84 ? 1023 THR A N   1 
ATOM   388  C  CA  . THR A 1 45  ? -18.963 2.283   -9.036  1.00 48.75 ? 1023 THR A CA  1 
ATOM   389  C  C   . THR A 1 45  ? -17.884 2.110   -10.127 1.00 45.11 ? 1023 THR A C   1 
ATOM   390  O  O   . THR A 1 45  ? -17.942 1.155   -10.909 1.00 44.27 ? 1023 THR A O   1 
ATOM   391  C  CB  . THR A 1 45  ? -20.222 3.003   -9.602  1.00 51.75 ? 1023 THR A CB  1 
ATOM   392  O  OG1 . THR A 1 45  ? -19.937 4.385   -9.865  1.00 54.35 ? 1023 THR A OG1 1 
ATOM   393  C  CG2 . THR A 1 45  ? -21.380 2.918   -8.610  1.00 54.26 ? 1023 THR A CG2 1 
ATOM   394  N  N   . VAL A 1 46  ? -16.889 3.003   -10.169 1.00 41.44 ? 1024 VAL A N   1 
ATOM   395  C  CA  . VAL A 1 46  ? -15.829 2.956   -11.207 1.00 38.16 ? 1024 VAL A CA  1 
ATOM   396  C  C   . VAL A 1 46  ? -14.585 2.163   -10.757 1.00 35.65 ? 1024 VAL A C   1 
ATOM   397  O  O   . VAL A 1 46  ? -13.966 1.432   -11.537 1.00 37.77 ? 1024 VAL A O   1 
ATOM   398  C  CB  . VAL A 1 46  ? -15.384 4.385   -11.603 1.00 41.21 ? 1024 VAL A CB  1 
ATOM   399  C  CG1 . VAL A 1 46  ? -14.195 4.359   -12.565 1.00 43.60 ? 1024 VAL A CG1 1 
ATOM   400  C  CG2 . VAL A 1 46  ? -16.544 5.152   -12.219 1.00 43.76 ? 1024 VAL A CG2 1 
ATOM   401  N  N   . ILE A 1 47  ? -14.210 2.349   -9.501  1.00 29.79 ? 1025 ILE A N   1 
ATOM   402  C  CA  . ILE A 1 47  ? -13.037 1.701   -8.951  1.00 27.13 ? 1025 ILE A CA  1 
ATOM   403  C  C   . ILE A 1 47  ? -13.486 0.484   -8.164  1.00 26.67 ? 1025 ILE A C   1 
ATOM   404  O  O   . ILE A 1 47  ? -14.121 0.600   -7.101  1.00 28.68 ? 1025 ILE A O   1 
ATOM   405  C  CB  . ILE A 1 47  ? -12.226 2.694   -8.086  1.00 25.36 ? 1025 ILE A CB  1 
ATOM   406  C  CG1 . ILE A 1 47  ? -11.635 3.827   -8.946  1.00 25.33 ? 1025 ILE A CG1 1 
ATOM   407  C  CG2 . ILE A 1 47  ? -11.127 1.987   -7.309  1.00 24.80 ? 1025 ILE A CG2 1 
ATOM   408  C  CD1 . ILE A 1 47  ? -10.730 3.422   -10.092 1.00 24.87 ? 1025 ILE A CD1 1 
ATOM   409  N  N   . LYS A 1 48  ? -13.139 -0.682  -8.683  1.00 28.88 ? 1026 LYS A N   1 
ATOM   410  C  CA  . LYS A 1 48  ? -13.707 -1.945  -8.160  1.00 30.98 ? 1026 LYS A CA  1 
ATOM   411  C  C   . LYS A 1 48  ? -13.068 -2.409  -6.859  1.00 31.86 ? 1026 LYS A C   1 
ATOM   412  O  O   . LYS A 1 48  ? -13.743 -3.058  -6.061  1.00 28.77 ? 1026 LYS A O   1 
ATOM   413  C  CB  . LYS A 1 48  ? -13.603 -3.042  -9.213  1.00 32.36 ? 1026 LYS A CB  1 
ATOM   414  C  CG  . LYS A 1 48  ? -14.356 -2.713  -10.493 1.00 33.73 ? 1026 LYS A CG  1 
ATOM   415  C  CD  . LYS A 1 48  ? -15.797 -2.314  -10.216 1.00 37.20 ? 1026 LYS A CD  1 
ATOM   416  C  CE  . LYS A 1 48  ? -16.593 -2.161  -11.500 1.00 40.02 ? 1026 LYS A CE  1 
ATOM   417  N  NZ  . LYS A 1 48  ? -17.882 -1.467  -11.221 1.00 42.13 ? 1026 LYS A NZ  1 
ATOM   418  N  N   . GLN A 1 49  ? -11.786 -2.082  -6.669  1.00 29.84 ? 1027 GLN A N   1 
ATOM   419  C  CA  A GLN A 1 49  ? -11.136 -2.359  -5.409  0.50 29.67 ? 1027 GLN A CA  1 
ATOM   420  C  CA  B GLN A 1 49  ? -11.053 -2.387  -5.449  0.50 29.89 ? 1027 GLN A CA  1 
ATOM   421  C  C   . GLN A 1 49  ? -10.454 -1.115  -4.854  1.00 27.93 ? 1027 GLN A C   1 
ATOM   422  O  O   . GLN A 1 49  ? -9.265  -0.887  -5.039  1.00 25.85 ? 1027 GLN A O   1 
ATOM   423  C  CB  A GLN A 1 49  ? -10.204 -3.563  -5.459  0.50 29.74 ? 1027 GLN A CB  1 
ATOM   424  C  CB  B GLN A 1 49  ? -9.860  -3.304  -5.755  0.50 30.45 ? 1027 GLN A CB  1 
ATOM   425  C  CG  A GLN A 1 49  ? -10.122 -4.154  -4.073  0.50 30.15 ? 1027 GLN A CG  1 
ATOM   426  C  CG  B GLN A 1 49  ? -10.136 -4.673  -6.331  0.50 30.90 ? 1027 GLN A CG  1 
ATOM   427  C  CD  A GLN A 1 49  ? -9.194  -5.319  -3.938  0.50 29.74 ? 1027 GLN A CD  1 
ATOM   428  C  CD  B GLN A 1 49  ? -8.860  -5.497  -6.422  0.50 29.88 ? 1027 GLN A CD  1 
ATOM   429  O  OE1 A GLN A 1 49  ? -8.918  -5.753  -2.827  0.50 32.15 ? 1027 GLN A OE1 1 
ATOM   430  O  OE1 B GLN A 1 49  ? -8.415  -6.051  -5.434  0.50 33.88 ? 1027 GLN A OE1 1 
ATOM   431  N  NE2 A GLN A 1 49  ? -8.718  -5.834  -5.046  0.50 31.16 ? 1027 GLN A NE2 1 
ATOM   432  N  NE2 B GLN A 1 49  ? -8.280  -5.580  -7.597  0.50 30.60 ? 1027 GLN A NE2 1 
ATOM   433  N  N   . PRO A 1 50  ? -11.238 -0.313  -4.137  1.00 27.92 ? 1028 PRO A N   1 
ATOM   434  C  CA  . PRO A 1 50  ? -10.693 0.864   -3.460  1.00 27.09 ? 1028 PRO A CA  1 
ATOM   435  C  C   . PRO A 1 50  ? -9.624  0.463   -2.473  1.00 25.95 ? 1028 PRO A C   1 
ATOM   436  O  O   . PRO A 1 50  ? -9.767  -0.589  -1.817  1.00 23.56 ? 1028 PRO A O   1 
ATOM   437  C  CB  . PRO A 1 50  ? -11.895 1.417   -2.694  1.00 27.76 ? 1028 PRO A CB  1 
ATOM   438  C  CG  . PRO A 1 50  ? -13.089 0.914   -3.436  1.00 29.02 ? 1028 PRO A CG  1 
ATOM   439  C  CD  . PRO A 1 50  ? -12.690 -0.436  -3.946  1.00 28.49 ? 1028 PRO A CD  1 
ATOM   440  N  N   . MET A 1 51  ? -8.564  1.267   -2.368  1.00 22.11 ? 1029 MET A N   1 
ATOM   441  C  CA  . MET A 1 51  ? -7.531  1.008   -1.382  1.00 22.62 ? 1029 MET A CA  1 
ATOM   442  C  C   . MET A 1 51  ? -6.980  2.344   -0.916  1.00 21.44 ? 1029 MET A C   1 
ATOM   443  O  O   . MET A 1 51  ? -6.960  3.305   -1.686  1.00 21.47 ? 1029 MET A O   1 
ATOM   444  C  CB  . MET A 1 51  ? -6.447  0.104   -1.986  1.00 22.89 ? 1029 MET A CB  1 
ATOM   445  C  CG  . MET A 1 51  ? -5.425  -0.454  -0.992  1.00 22.80 ? 1029 MET A CG  1 
ATOM   446  S  SD  . MET A 1 51  ? -6.100  -1.281  0.468   1.00 24.66 ? 1029 MET A SD  1 
ATOM   447  C  CE  . MET A 1 51  ? -7.042  -2.599  -0.325  1.00 25.57 ? 1029 MET A CE  1 
ATOM   448  N  N   . ASP A 1 52  ? -6.565  2.397   0.338   1.00 22.38 ? 1030 ASP A N   1 
ATOM   449  C  CA  . ASP A 1 52  ? -5.986  3.584   0.942   1.00 23.89 ? 1030 ASP A CA  1 
ATOM   450  C  C   . ASP A 1 52  ? -5.108  3.129   2.095   1.00 23.32 ? 1030 ASP A C   1 
ATOM   451  O  O   . ASP A 1 52  ? -5.136  1.950   2.502   1.00 22.76 ? 1030 ASP A O   1 
ATOM   452  C  CB  . ASP A 1 52  ? -7.082  4.513   1.469   1.00 24.45 ? 1030 ASP A CB  1 
ATOM   453  C  CG  . ASP A 1 52  ? -7.840  3.895   2.621   1.00 28.35 ? 1030 ASP A CG  1 
ATOM   454  O  OD1 . ASP A 1 52  ? -8.773  3.098   2.387   1.00 34.53 ? 1030 ASP A OD1 1 
ATOM   455  O  OD2 . ASP A 1 52  ? -7.472  4.138   3.774   1.00 30.06 ? 1030 ASP A OD2 1 
ATOM   456  N  N   . LEU A 1 53  ? -4.337  4.058   2.639   1.00 21.30 ? 1031 LEU A N   1 
ATOM   457  C  CA  . LEU A 1 53  ? -3.377  3.696   3.692   1.00 21.53 ? 1031 LEU A CA  1 
ATOM   458  C  C   . LEU A 1 53  ? -3.991  3.271   5.024   1.00 20.47 ? 1031 LEU A C   1 
ATOM   459  O  O   . LEU A 1 53  ? -3.381  2.461   5.734   1.00 20.50 ? 1031 LEU A O   1 
ATOM   460  C  CB  . LEU A 1 53  ? -2.345  4.801   3.905   1.00 20.33 ? 1031 LEU A CB  1 
ATOM   461  C  CG  . LEU A 1 53  ? -1.522  5.125   2.651   1.00 20.40 ? 1031 LEU A CG  1 
ATOM   462  C  CD1 . LEU A 1 53  ? -0.719  6.418   2.878   1.00 20.32 ? 1031 LEU A CD1 1 
ATOM   463  C  CD2 . LEU A 1 53  ? -0.597  3.970   2.261   1.00 20.14 ? 1031 LEU A CD2 1 
ATOM   464  N  N   . SER A 1 54  ? -5.171  3.770   5.376   1.00 22.12 ? 1032 SER A N   1 
ATOM   465  C  CA  A SER A 1 54  ? -5.842  3.334   6.595   0.50 22.86 ? 1032 SER A CA  1 
ATOM   466  C  CA  B SER A 1 54  ? -5.832  3.320   6.600   0.50 23.35 ? 1032 SER A CA  1 
ATOM   467  C  C   . SER A 1 54  ? -6.271  1.874   6.431   1.00 22.78 ? 1032 SER A C   1 
ATOM   468  O  O   . SER A 1 54  ? -6.148  1.079   7.358   1.00 23.31 ? 1032 SER A O   1 
ATOM   469  C  CB  A SER A 1 54  ? -7.045  4.234   6.934   0.50 23.87 ? 1032 SER A CB  1 
ATOM   470  C  CB  B SER A 1 54  ? -7.037  4.192   6.976   0.50 24.91 ? 1032 SER A CB  1 
ATOM   471  O  OG  A SER A 1 54  ? -8.063  4.140   5.943   0.50 23.60 ? 1032 SER A OG  1 
ATOM   472  O  OG  B SER A 1 54  ? -6.628  5.482   7.347   0.50 26.22 ? 1032 SER A OG  1 
ATOM   473  N  N   . SER A 1 55  ? -6.747  1.533   5.245   1.00 23.51 ? 1033 SER A N   1 
ATOM   474  C  CA  . SER A 1 55  ? -7.153  0.152   4.951   1.00 25.72 ? 1033 SER A CA  1 
ATOM   475  C  C   . SER A 1 55  ? -5.941  -0.768  4.964   1.00 22.73 ? 1033 SER A C   1 
ATOM   476  O  O   . SER A 1 55  ? -5.996  -1.899  5.439   1.00 20.15 ? 1033 SER A O   1 
ATOM   477  C  CB  . SER A 1 55  ? -7.864  0.077   3.616   1.00 27.82 ? 1033 SER A CB  1 
ATOM   478  O  OG  . SER A 1 55  ? -9.101  0.780   3.716   1.00 32.35 ? 1033 SER A OG  1 
ATOM   479  N  N   . VAL A 1 56  ? -4.827  -0.268  4.457   1.00 20.21 ? 1034 VAL A N   1 
ATOM   480  C  CA  . VAL A 1 56  ? -3.590  -1.050  4.509   1.00 19.89 ? 1034 VAL A CA  1 
ATOM   481  C  C   . VAL A 1 56  ? -3.201  -1.359  5.955   1.00 19.58 ? 1034 VAL A C   1 
ATOM   482  O  O   . VAL A 1 56  ? -2.854  -2.508  6.246   1.00 19.49 ? 1034 VAL A O   1 
ATOM   483  C  CB  . VAL A 1 56  ? -2.450  -0.340  3.766   1.00 19.11 ? 1034 VAL A CB  1 
ATOM   484  C  CG1 . VAL A 1 56  ? -1.092  -0.962  4.085   1.00 19.40 ? 1034 VAL A CG1 1 
ATOM   485  C  CG2 . VAL A 1 56  ? -2.704  -0.366  2.279   1.00 19.09 ? 1034 VAL A CG2 1 
ATOM   486  N  N   . ILE A 1 57  ? -3.254  -0.371  6.854   1.00 19.41 ? 1035 ILE A N   1 
ATOM   487  C  CA  . ILE A 1 57  ? -2.962  -0.580  8.285   1.00 21.51 ? 1035 ILE A CA  1 
ATOM   488  C  C   . ILE A 1 57  ? -3.911  -1.632  8.861   1.00 20.95 ? 1035 ILE A C   1 
ATOM   489  O  O   . ILE A 1 57  ? -3.481  -2.566  9.530   1.00 19.99 ? 1035 ILE A O   1 
ATOM   490  C  CB  . ILE A 1 57  ? -3.103  0.741   9.087   1.00 23.41 ? 1035 ILE A CB  1 
ATOM   491  C  CG1 . ILE A 1 57  ? -1.992  1.722   8.720   1.00 26.01 ? 1035 ILE A CG1 1 
ATOM   492  C  CG2 . ILE A 1 57  ? -3.109  0.496   10.588  1.00 24.88 ? 1035 ILE A CG2 1 
ATOM   493  C  CD1 . ILE A 1 57  ? -0.631  1.189   9.074   1.00 29.26 ? 1035 ILE A CD1 1 
ATOM   494  N  N   . SER A 1 58  ? -5.196  -1.483  8.581   1.00 22.53 ? 1036 SER A N   1 
ATOM   495  C  CA  . SER A 1 58  ? -6.204  -2.496  9.006   1.00 22.33 ? 1036 SER A CA  1 
ATOM   496  C  C   . SER A 1 58  ? -5.832  -3.908  8.530   1.00 20.82 ? 1036 SER A C   1 
ATOM   497  O  O   . SER A 1 58  ? -5.899  -4.887  9.313   1.00 21.12 ? 1036 SER A O   1 
ATOM   498  C  CB  . SER A 1 58  ? -7.594  -2.110  8.471   1.00 24.08 ? 1036 SER A CB  1 
ATOM   499  O  OG  . SER A 1 58  ? -8.023  -0.924  9.127   1.00 27.87 ? 1036 SER A OG  1 
ATOM   500  N  N   . LYS A 1 59  ? -5.436  -4.034  7.268   1.00 20.20 ? 1037 LYS A N   1 
ATOM   501  C  CA  . LYS A 1 59  ? -5.023  -5.332  6.724   1.00 20.91 ? 1037 LYS A CA  1 
ATOM   502  C  C   . LYS A 1 59  ? -3.738  -5.926  7.331   1.00 19.69 ? 1037 LYS A C   1 
ATOM   503  O  O   . LYS A 1 59  ? -3.642  -7.135  7.548   1.00 19.41 ? 1037 LYS A O   1 
ATOM   504  C  CB  . LYS A 1 59  ? -4.937  -5.289  5.210   1.00 20.67 ? 1037 LYS A CB  1 
ATOM   505  C  CG  . LYS A 1 59  ? -6.289  -5.131  4.537   1.00 22.25 ? 1037 LYS A CG  1 
ATOM   506  C  CD  . LYS A 1 59  ? -6.165  -5.066  3.032   1.00 22.70 ? 1037 LYS A CD  1 
ATOM   507  C  CE  . LYS A 1 59  ? -5.692  -6.393  2.474   1.00 25.72 ? 1037 LYS A CE  1 
ATOM   508  N  NZ  . LYS A 1 59  ? -5.920  -6.501  1.026   1.00 26.08 ? 1037 LYS A NZ  1 
ATOM   509  N  N   . ILE A 1 60  ? -2.769  -5.080  7.642   1.00 19.94 ? 1038 ILE A N   1 
ATOM   510  C  CA  . ILE A 1 60  ? -1.590  -5.546  8.364   1.00 19.26 ? 1038 ILE A CA  1 
ATOM   511  C  C   . ILE A 1 60  ? -2.033  -6.196  9.668   1.00 18.50 ? 1038 ILE A C   1 
ATOM   512  O  O   . ILE A 1 60  ? -1.602  -7.312  9.992   1.00 19.21 ? 1038 ILE A O   1 
ATOM   513  C  CB  . ILE A 1 60  ? -0.613  -4.402  8.689   1.00 19.36 ? 1038 ILE A CB  1 
ATOM   514  C  CG1 . ILE A 1 60  ? 0.016   -3.843  7.399   1.00 19.95 ? 1038 ILE A CG1 1 
ATOM   515  C  CG2 . ILE A 1 60  ? 0.467   -4.900  9.649   1.00 19.80 ? 1038 ILE A CG2 1 
ATOM   516  C  CD1 . ILE A 1 60  ? 0.707   -2.513  7.597   1.00 21.18 ? 1038 ILE A CD1 1 
ATOM   517  N  N   . ASP A 1 61  ? -2.868  -5.490  10.404  1.00 18.68 ? 1039 ASP A N   1 
ATOM   518  C  CA  . ASP A 1 61  ? -3.314  -5.922  11.719  1.00 21.23 ? 1039 ASP A CA  1 
ATOM   519  C  C   . ASP A 1 61  ? -4.174  -7.174  11.666  1.00 24.24 ? 1039 ASP A C   1 
ATOM   520  O  O   . ASP A 1 61  ? -4.186  -7.963  12.632  1.00 23.83 ? 1039 ASP A O   1 
ATOM   521  C  CB  . ASP A 1 61  ? -4.054  -4.800  12.431  1.00 22.51 ? 1039 ASP A CB  1 
ATOM   522  C  CG  . ASP A 1 61  ? -3.130  -3.631  12.837  1.00 25.39 ? 1039 ASP A CG  1 
ATOM   523  O  OD1 . ASP A 1 61  ? -1.907  -3.798  12.836  1.00 27.93 ? 1039 ASP A OD1 1 
ATOM   524  O  OD2 . ASP A 1 61  ? -3.633  -2.531  13.170  1.00 25.98 ? 1039 ASP A OD2 1 
ATOM   525  N  N   . LEU A 1 62  ? -4.851  -7.383  10.535  1.00 22.43 ? 1040 LEU A N   1 
ATOM   526  C  CA  . LEU A 1 62  ? -5.623  -8.611  10.293  1.00 23.22 ? 1040 LEU A CA  1 
ATOM   527  C  C   . LEU A 1 62  ? -4.776  -9.737  9.731   1.00 23.26 ? 1040 LEU A C   1 
ATOM   528  O  O   . LEU A 1 62  ? -5.322  -10.764 9.338   1.00 24.87 ? 1040 LEU A O   1 
ATOM   529  C  CB  . LEU A 1 62  ? -6.795  -8.315  9.332   1.00 22.84 ? 1040 LEU A CB  1 
ATOM   530  C  CG  . LEU A 1 62  ? -7.901  -7.421  9.889   1.00 23.17 ? 1040 LEU A CG  1 
ATOM   531  C  CD1 . LEU A 1 62  ? -8.826  -6.922  8.796   1.00 25.23 ? 1040 LEU A CD1 1 
ATOM   532  C  CD2 . LEU A 1 62  ? -8.700  -8.169  10.940  1.00 25.29 ? 1040 LEU A CD2 1 
ATOM   533  N  N   . HIS A 1 63  ? -3.449  -9.571  9.681   1.00 21.67 ? 1041 HIS A N   1 
ATOM   534  C  CA  . HIS A 1 63  ? -2.537  -10.586 9.163   1.00 22.50 ? 1041 HIS A CA  1 
ATOM   535  C  C   . HIS A 1 63  ? -2.811  -10.971 7.700   1.00 24.61 ? 1041 HIS A C   1 
ATOM   536  O  O   . HIS A 1 63  ? -2.576  -12.107 7.271   1.00 24.96 ? 1041 HIS A O   1 
ATOM   537  C  CB  . HIS A 1 63  ? -2.541  -11.853 10.047  1.00 23.43 ? 1041 HIS A CB  1 
ATOM   538  C  CG  . HIS A 1 63  ? -2.233  -11.603 11.486  1.00 25.47 ? 1041 HIS A CG  1 
ATOM   539  N  ND1 . HIS A 1 63  ? -1.895  -12.624 12.342  1.00 28.12 ? 1041 HIS A ND1 1 
ATOM   540  C  CD2 . HIS A 1 63  ? -2.193  -10.468 12.224  1.00 26.41 ? 1041 HIS A CD2 1 
ATOM   541  C  CE1 . HIS A 1 63  ? -1.695  -12.134 13.550  1.00 27.38 ? 1041 HIS A CE1 1 
ATOM   542  N  NE2 . HIS A 1 63  ? -1.871  -10.831 13.509  1.00 28.48 ? 1041 HIS A NE2 1 
ATOM   543  N  N   . LYS A 1 64  ? -3.243  -10.002 6.906   1.00 23.95 ? 1042 LYS A N   1 
ATOM   544  C  CA  . LYS A 1 64  ? -3.519  -10.231 5.510   1.00 23.66 ? 1042 LYS A CA  1 
ATOM   545  C  C   . LYS A 1 64  ? -2.281  -10.202 4.662   1.00 23.24 ? 1042 LYS A C   1 
ATOM   546  O  O   . LYS A 1 64  ? -2.321  -10.684 3.540   1.00 24.01 ? 1042 LYS A O   1 
ATOM   547  C  CB  . LYS A 1 64  ? -4.514  -9.203  4.972   1.00 24.30 ? 1042 LYS A CB  1 
ATOM   548  C  CG  . LYS A 1 64  ? -5.838  -9.175  5.700   1.00 29.32 ? 1042 LYS A CG  1 
ATOM   549  C  CD  . LYS A 1 64  ? -6.622  -10.436 5.477   1.00 31.54 ? 1042 LYS A CD  1 
ATOM   550  C  CE  . LYS A 1 64  ? -8.034  -10.296 6.032   1.00 34.41 ? 1042 LYS A CE  1 
ATOM   551  N  NZ  . LYS A 1 64  ? -8.859  -11.458 5.607   0.75 35.98 ? 1042 LYS A NZ  1 
ATOM   552  N  N   . TYR A 1 65  ? -1.174  -9.644  5.159   1.00 22.78 ? 1043 TYR A N   1 
ATOM   553  C  CA  . TYR A 1 65  ? 0.053   -9.618  4.386   1.00 21.69 ? 1043 TYR A CA  1 
ATOM   554  C  C   . TYR A 1 65  ? 1.076   -10.575 4.990   1.00 23.45 ? 1043 TYR A C   1 
ATOM   555  O  O   . TYR A 1 65  ? 1.579   -10.330 6.091   1.00 25.22 ? 1043 TYR A O   1 
ATOM   556  C  CB  . TYR A 1 65  ? 0.667   -8.235  4.375   1.00 20.20 ? 1043 TYR A CB  1 
ATOM   557  C  CG  . TYR A 1 65  ? -0.257  -7.155  3.865   1.00 20.07 ? 1043 TYR A CG  1 
ATOM   558  C  CD1 . TYR A 1 65  ? -0.836  -7.232  2.596   1.00 20.19 ? 1043 TYR A CD1 1 
ATOM   559  C  CD2 . TYR A 1 65  ? -0.585  -6.067  4.669   1.00 18.82 ? 1043 TYR A CD2 1 
ATOM   560  C  CE1 . TYR A 1 65  ? -1.683  -6.214  2.137   1.00 21.04 ? 1043 TYR A CE1 1 
ATOM   561  C  CE2 . TYR A 1 65  ? -1.404  -5.049  4.198   1.00 19.48 ? 1043 TYR A CE2 1 
ATOM   562  C  CZ  . TYR A 1 65  ? -1.969  -5.137  2.958   1.00 19.77 ? 1043 TYR A CZ  1 
ATOM   563  O  OH  . TYR A 1 65  ? -2.816  -4.107  2.520   1.00 19.56 ? 1043 TYR A OH  1 
ATOM   564  N  N   . LEU A 1 66  ? 1.380   -11.649 4.276   1.00 21.80 ? 1044 LEU A N   1 
ATOM   565  C  CA  . LEU A 1 66  ? 2.431   -12.575 4.730   1.00 23.21 ? 1044 LEU A CA  1 
ATOM   566  C  C   . LEU A 1 66  ? 3.746   -12.363 4.005   1.00 22.92 ? 1044 LEU A C   1 
ATOM   567  O  O   . LEU A 1 66  ? 4.734   -13.012 4.326   1.00 21.21 ? 1044 LEU A O   1 
ATOM   568  C  CB  . LEU A 1 66  ? 1.957   -14.023 4.527   1.00 24.95 ? 1044 LEU A CB  1 
ATOM   569  C  CG  . LEU A 1 66  ? 0.646   -14.436 5.187   1.00 29.84 ? 1044 LEU A CG  1 
ATOM   570  C  CD1 . LEU A 1 66  ? 0.543   -15.960 5.136   1.00 31.49 ? 1044 LEU A CD1 1 
ATOM   571  C  CD2 . LEU A 1 66  ? 0.532   -13.950 6.604   1.00 30.51 ? 1044 LEU A CD2 1 
ATOM   572  N  N   . THR A 1 67  ? 3.774   -11.457 3.023   1.00 22.08 ? 1045 THR A N   1 
ATOM   573  C  CA  . THR A 1 67  ? 5.005   -11.104 2.349   1.00 21.63 ? 1045 THR A CA  1 
ATOM   574  C  C   . THR A 1 67  ? 4.978   -9.635  1.994   1.00 22.17 ? 1045 THR A C   1 
ATOM   575  O  O   . THR A 1 67  ? 3.906   -9.035  1.977   1.00 20.69 ? 1045 THR A O   1 
ATOM   576  C  CB  . THR A 1 67  ? 5.205   -11.890 1.061   1.00 22.78 ? 1045 THR A CB  1 
ATOM   577  O  OG1 . THR A 1 67  ? 4.198   -11.515 0.118   1.00 23.77 ? 1045 THR A OG1 1 
ATOM   578  C  CG2 . THR A 1 67  ? 5.073   -13.402 1.317   1.00 23.21 ? 1045 THR A CG2 1 
ATOM   579  N  N   . VAL A 1 68  ? 6.144   -9.077  1.715   1.00 21.57 ? 1046 VAL A N   1 
ATOM   580  C  CA  A VAL A 1 68  ? 6.237   -7.676  1.289   0.70 21.77 ? 1046 VAL A CA  1 
ATOM   581  C  CA  B VAL A 1 68  ? 6.203   -7.671  1.296   0.30 22.11 ? 1046 VAL A CA  1 
ATOM   582  C  C   . VAL A 1 68  ? 5.571   -7.538  -0.084  1.00 23.12 ? 1046 VAL A C   1 
ATOM   583  O  O   . VAL A 1 68  ? 4.979   -6.508  -0.415  1.00 21.38 ? 1046 VAL A O   1 
ATOM   584  C  CB  A VAL A 1 68  ? 7.701   -7.163  1.330   0.70 23.28 ? 1046 VAL A CB  1 
ATOM   585  C  CB  B VAL A 1 68  ? 7.631   -7.082  1.319   0.30 22.69 ? 1046 VAL A CB  1 
ATOM   586  C  CG1 A VAL A 1 68  ? 7.812   -5.759  0.730   0.70 23.29 ? 1046 VAL A CG1 1 
ATOM   587  C  CG1 B VAL A 1 68  ? 8.359   -7.338  0.017   0.30 22.97 ? 1046 VAL A CG1 1 
ATOM   588  C  CG2 A VAL A 1 68  ? 8.213   -7.161  2.782   0.70 23.34 ? 1046 VAL A CG2 1 
ATOM   589  C  CG2 B VAL A 1 68  ? 7.577   -5.581  1.561   0.30 22.17 ? 1046 VAL A CG2 1 
ATOM   590  N  N   . LYS A 1 69  ? 5.682   -8.576  -0.899  1.00 24.86 ? 1047 LYS A N   1 
ATOM   591  C  CA  . LYS A 1 69  ? 5.032   -8.575  -2.192  1.00 27.50 ? 1047 LYS A CA  1 
ATOM   592  C  C   . LYS A 1 69  ? 3.507   -8.436  -2.081  1.00 26.09 ? 1047 LYS A C   1 
ATOM   593  O  O   . LYS A 1 69  ? 2.909   -7.676  -2.850  1.00 26.37 ? 1047 LYS A O   1 
ATOM   594  C  CB  . LYS A 1 69  ? 5.479   -9.819  -2.974  1.00 31.60 ? 1047 LYS A CB  1 
ATOM   595  C  CG  . LYS A 1 69  ? 5.036   -9.878  -4.404  1.00 39.01 ? 1047 LYS A CG  1 
ATOM   596  C  CD  . LYS A 1 69  ? 5.288   -11.264 -5.019  1.00 46.18 ? 1047 LYS A CD  1 
ATOM   597  C  CE  . LYS A 1 69  ? 6.751   -11.680 -4.947  1.00 52.88 ? 1047 LYS A CE  1 
ATOM   598  N  NZ  . LYS A 1 69  ? 7.686   -10.691 -5.559  1.00 59.47 ? 1047 LYS A NZ  1 
ATOM   599  N  N   . ASP A 1 70  ? 2.878   -9.102  -1.113  1.00 22.20 ? 1048 ASP A N   1 
ATOM   600  C  CA  . ASP A 1 70  ? 1.439   -8.966  -0.897  1.00 23.47 ? 1048 ASP A CA  1 
ATOM   601  C  C   . ASP A 1 70  ? 1.117   -7.494  -0.533  1.00 22.33 ? 1048 ASP A C   1 
ATOM   602  O  O   . ASP A 1 70  ? 0.114   -6.938  -0.951  1.00 20.88 ? 1048 ASP A O   1 
ATOM   603  C  CB  . ASP A 1 70  ? 0.934   -9.790  0.304   1.00 27.64 ? 1048 ASP A CB  1 
ATOM   604  C  CG  . ASP A 1 70  ? 0.838   -11.311 0.063   1.00 33.10 ? 1048 ASP A CG  1 
ATOM   605  O  OD1 . ASP A 1 70  ? 0.892   -11.752 -1.102  1.00 32.53 ? 1048 ASP A OD1 1 
ATOM   606  O  OD2 . ASP A 1 70  ? 0.659   -12.030 1.119   1.00 37.81 ? 1048 ASP A OD2 1 
ATOM   607  N  N   . TYR A 1 71  ? 1.937   -6.920  0.336   1.00 20.01 ? 1049 TYR A N   1 
ATOM   608  C  CA  . TYR A 1 71  ? 1.801   -5.512  0.738   1.00 19.75 ? 1049 TYR A CA  1 
ATOM   609  C  C   . TYR A 1 71  ? 1.921   -4.554  -0.435  1.00 20.08 ? 1049 TYR A C   1 
ATOM   610  O  O   . TYR A 1 71  ? 1.087   -3.633  -0.611  1.00 18.83 ? 1049 TYR A O   1 
ATOM   611  C  CB  . TYR A 1 71  ? 2.866   -5.190  1.803   1.00 18.01 ? 1049 TYR A CB  1 
ATOM   612  C  CG  . TYR A 1 71  ? 2.995   -3.747  2.181   1.00 18.07 ? 1049 TYR A CG  1 
ATOM   613  C  CD1 . TYR A 1 71  ? 2.164   -3.197  3.131   1.00 17.27 ? 1049 TYR A CD1 1 
ATOM   614  C  CD2 . TYR A 1 71  ? 3.978   -2.941  1.608   1.00 17.96 ? 1049 TYR A CD2 1 
ATOM   615  C  CE1 . TYR A 1 71  ? 2.293   -1.871  3.512   1.00 17.37 ? 1049 TYR A CE1 1 
ATOM   616  C  CE2 . TYR A 1 71  ? 4.120   -1.602  1.983   1.00 18.08 ? 1049 TYR A CE2 1 
ATOM   617  C  CZ  . TYR A 1 71  ? 3.280   -1.072  2.919   1.00 18.01 ? 1049 TYR A CZ  1 
ATOM   618  O  OH  . TYR A 1 71  ? 3.421   0.239   3.342   1.00 17.14 ? 1049 TYR A OH  1 
ATOM   619  N  N   . LEU A 1 72  ? 2.954   -4.753  -1.239  1.00 19.95 ? 1050 LEU A N   1 
ATOM   620  C  CA  . LEU A 1 72  ? 3.188   -3.862  -2.369  1.00 21.25 ? 1050 LEU A CA  1 
ATOM   621  C  C   . LEU A 1 72  ? 2.080   -3.947  -3.415  1.00 22.56 ? 1050 LEU A C   1 
ATOM   622  O  O   . LEU A 1 72  ? 1.827   -2.974  -4.132  1.00 21.40 ? 1050 LEU A O   1 
ATOM   623  C  CB  . LEU A 1 72  ? 4.544   -4.103  -3.003  1.00 20.98 ? 1050 LEU A CB  1 
ATOM   624  C  CG  . LEU A 1 72  ? 5.694   -3.635  -2.135  1.00 20.95 ? 1050 LEU A CG  1 
ATOM   625  C  CD1 . LEU A 1 72  ? 7.000   -4.093  -2.752  1.00 22.75 ? 1050 LEU A CD1 1 
ATOM   626  C  CD2 . LEU A 1 72  ? 5.682   -2.122  -1.981  1.00 22.67 ? 1050 LEU A CD2 1 
ATOM   627  N  N   . ARG A 1 73  ? 1.393   -5.083  -3.497  1.00 21.27 ? 1051 ARG A N   1 
ATOM   628  C  CA  . ARG A 1 73  ? 0.250   -5.193  -4.392  1.00 23.26 ? 1051 ARG A CA  1 
ATOM   629  C  C   . ARG A 1 73  ? -0.835  -4.172  -4.033  1.00 22.01 ? 1051 ARG A C   1 
ATOM   630  O  O   . ARG A 1 73  ? -1.456  -3.586  -4.921  1.00 22.71 ? 1051 ARG A O   1 
ATOM   631  C  CB  . ARG A 1 73  ? -0.318  -6.620  -4.348  1.00 28.83 ? 1051 ARG A CB  1 
ATOM   632  C  CG  . ARG A 1 73  ? -1.160  -6.989  -5.547  1.00 38.22 ? 1051 ARG A CG  1 
ATOM   633  C  CD  . ARG A 1 73  ? -1.608  -8.466  -5.521  1.00 43.08 ? 1051 ARG A CD  1 
ATOM   634  N  NE  . ARG A 1 73  ? -0.665  -9.370  -4.843  1.00 49.12 ? 1051 ARG A NE  1 
ATOM   635  C  CZ  . ARG A 1 73  ? 0.397   -9.959  -5.404  1.00 55.55 ? 1051 ARG A CZ  1 
ATOM   636  N  NH1 . ARG A 1 73  ? 0.710   -9.761  -6.687  1.00 61.47 ? 1051 ARG A NH1 1 
ATOM   637  N  NH2 . ARG A 1 73  ? 1.167   -10.759 -4.667  1.00 52.75 ? 1051 ARG A NH2 1 
ATOM   638  N  N   . ASP A 1 74  ? -1.020  -3.931  -2.738  1.00 20.62 ? 1052 ASP A N   1 
ATOM   639  C  CA  . ASP A 1 74  ? -2.011  -2.950  -2.275  1.00 19.66 ? 1052 ASP A CA  1 
ATOM   640  C  C   . ASP A 1 74  ? -1.509  -1.503  -2.453  1.00 19.79 ? 1052 ASP A C   1 
ATOM   641  O  O   . ASP A 1 74  ? -2.307  -0.612  -2.833  1.00 19.23 ? 1052 ASP A O   1 
ATOM   642  C  CB  . ASP A 1 74  ? -2.470  -3.248  -0.849  1.00 20.72 ? 1052 ASP A CB  1 
ATOM   643  C  CG  . ASP A 1 74  ? -3.609  -4.274  -0.795  1.00 22.54 ? 1052 ASP A CG  1 
ATOM   644  O  OD1 . ASP A 1 74  ? -4.149  -4.587  -1.879  1.00 23.35 ? 1052 ASP A OD1 1 
ATOM   645  O  OD2 . ASP A 1 74  ? -3.987  -4.714  0.312   1.00 22.78 ? 1052 ASP A OD2 1 
ATOM   646  N  N   . ILE A 1 75  ? -0.226  -1.259  -2.195  1.00 19.29 ? 1053 ILE A N   1 
ATOM   647  C  CA  . ILE A 1 75  ? 0.370   0.072   -2.514  1.00 19.85 ? 1053 ILE A CA  1 
ATOM   648  C  C   . ILE A 1 75  ? 0.175   0.363   -4.007  1.00 21.58 ? 1053 ILE A C   1 
ATOM   649  O  O   . ILE A 1 75  ? -0.287  1.452   -4.408  1.00 21.47 ? 1053 ILE A O   1 
ATOM   650  C  CB  . ILE A 1 75  ? 1.864   0.152   -2.127  1.00 20.24 ? 1053 ILE A CB  1 
ATOM   651  C  CG1 . ILE A 1 75  ? 2.070   -0.091  -0.618  1.00 20.12 ? 1053 ILE A CG1 1 
ATOM   652  C  CG2 . ILE A 1 75  ? 2.457   1.484   -2.583  1.00 20.62 ? 1053 ILE A CG2 1 
ATOM   653  C  CD1 . ILE A 1 75  ? 1.291   0.831   0.314   1.00 20.17 ? 1053 ILE A CD1 1 
ATOM   654  N  N   . ASP A 1 76  ? 0.535   -0.615  -4.847  1.00 19.92 ? 1054 ASP A N   1 
ATOM   655  C  CA  . ASP A 1 76  ? 0.323   -0.492  -6.283  1.00 21.56 ? 1054 ASP A CA  1 
ATOM   656  C  C   . ASP A 1 76  ? -1.128  -0.232  -6.681  1.00 21.40 ? 1054 ASP A C   1 
ATOM   657  O  O   . ASP A 1 76  ? -1.363  0.524   -7.634  1.00 21.88 ? 1054 ASP A O   1 
ATOM   658  C  CB  . ASP A 1 76  ? 0.872   -1.712  -7.023  1.00 23.12 ? 1054 ASP A CB  1 
ATOM   659  C  CG  . ASP A 1 76  ? 2.380   -1.656  -7.205  1.00 24.71 ? 1054 ASP A CG  1 
ATOM   660  O  OD1 . ASP A 1 76  ? 2.946   -0.587  -7.505  1.00 25.72 ? 1054 ASP A OD1 1 
ATOM   661  O  OD2 . ASP A 1 76  ? 3.023   -2.718  -7.128  1.00 24.85 ? 1054 ASP A OD2 1 
ATOM   662  N  N   . LEU A 1 77  ? -2.093  -0.816  -5.956  1.00 19.30 ? 1055 LEU A N   1 
ATOM   663  C  CA  . LEU A 1 77  ? -3.505  -0.621  -6.216  1.00 20.90 ? 1055 LEU A CA  1 
ATOM   664  C  C   . LEU A 1 77  ? -3.937  0.818   -5.835  1.00 20.44 ? 1055 LEU A C   1 
ATOM   665  O  O   . LEU A 1 77  ? -4.685  1.477   -6.565  1.00 19.77 ? 1055 LEU A O   1 
ATOM   666  C  CB  . LEU A 1 77  ? -4.294  -1.639  -5.410  1.00 23.32 ? 1055 LEU A CB  1 
ATOM   667  C  CG  . LEU A 1 77  ? -5.798  -1.721  -5.516  1.00 26.76 ? 1055 LEU A CG  1 
ATOM   668  C  CD1 . LEU A 1 77  ? -6.231  -1.930  -6.965  1.00 26.05 ? 1055 LEU A CD1 1 
ATOM   669  C  CD2 . LEU A 1 77  ? -6.241  -2.859  -4.584  1.00 27.67 ? 1055 LEU A CD2 1 
ATOM   670  N  N   . ILE A 1 78  ? -3.400  1.340   -4.740  1.00 19.74 ? 1056 ILE A N   1 
ATOM   671  C  CA  . ILE A 1 78  ? -3.655  2.747   -4.380  1.00 19.77 ? 1056 ILE A CA  1 
ATOM   672  C  C   . ILE A 1 78  ? -3.223  3.595   -5.574  1.00 19.31 ? 1056 ILE A C   1 
ATOM   673  O  O   . ILE A 1 78  ? -3.971  4.492   -6.040  1.00 20.50 ? 1056 ILE A O   1 
ATOM   674  C  CB  . ILE A 1 78  ? -2.895  3.187   -3.095  1.00 19.84 ? 1056 ILE A CB  1 
ATOM   675  C  CG1 . ILE A 1 78  ? -3.464  2.503   -1.845  1.00 19.63 ? 1056 ILE A CG1 1 
ATOM   676  C  CG2 . ILE A 1 78  ? -2.948  4.715   -2.963  1.00 20.77 ? 1056 ILE A CG2 1 
ATOM   677  C  CD1 . ILE A 1 78  ? -2.663  2.746   -0.581  1.00 19.70 ? 1056 ILE A CD1 1 
ATOM   678  N  N   . CYS A 1 79  ? -2.027  3.349   -6.075  1.00 18.49 ? 1057 CYS A N   1 
ATOM   679  C  CA  . CYS A 1 79  ? -1.508  4.122   -7.197  1.00 21.37 ? 1057 CYS A CA  1 
ATOM   680  C  C   . CYS A 1 79  ? -2.308  3.918   -8.489  1.00 22.49 ? 1057 CYS A C   1 
ATOM   681  O  O   . CYS A 1 79  ? -2.750  4.898   -9.122  1.00 20.13 ? 1057 CYS A O   1 
ATOM   682  C  CB  . CYS A 1 79  ? -0.048  3.826   -7.442  1.00 21.26 ? 1057 CYS A CB  1 
ATOM   683  S  SG  . CYS A 1 79  ? 0.722   4.769   -8.761  1.00 23.67 ? 1057 CYS A SG  1 
ATOM   684  N  N   . SER A 1 80  ? -2.484  2.669   -8.898  1.00 20.71 ? 1058 SER A N   1 
ATOM   685  C  CA  . SER A 1 80  ? -3.229  2.412   -10.147 1.00 22.32 ? 1058 SER A CA  1 
ATOM   686  C  C   . SER A 1 80  ? -4.670  2.939   -10.117 1.00 21.00 ? 1058 SER A C   1 
ATOM   687  O  O   . SER A 1 80  ? -5.158  3.438   -11.141 1.00 22.67 ? 1058 SER A O   1 
ATOM   688  C  CB  . SER A 1 80  ? -3.171  0.919   -10.504 1.00 23.75 ? 1058 SER A CB  1 
ATOM   689  O  OG  . SER A 1 80  ? -3.854  0.148   -9.530  1.00 26.50 ? 1058 SER A OG  1 
ATOM   690  N  N   . ASN A 1 81  ? -5.359  2.831   -8.985  1.00 19.73 ? 1059 ASN A N   1 
ATOM   691  C  CA  . ASN A 1 81  ? -6.697  3.352   -8.829  1.00 20.48 ? 1059 ASN A CA  1 
ATOM   692  C  C   . ASN A 1 81  ? -6.675  4.879   -9.140  1.00 22.13 ? 1059 ASN A C   1 
ATOM   693  O  O   . ASN A 1 81  ? -7.543  5.391   -9.827  1.00 20.78 ? 1059 ASN A O   1 
ATOM   694  C  CB  . ASN A 1 81  ? -7.234  3.167   -7.400  1.00 20.85 ? 1059 ASN A CB  1 
ATOM   695  C  CG  . ASN A 1 81  ? -7.698  1.722   -7.088  1.00 22.20 ? 1059 ASN A CG  1 
ATOM   696  O  OD1 . ASN A 1 81  ? -8.027  1.400   -5.932  1.00 24.32 ? 1059 ASN A OD1 1 
ATOM   697  N  ND2 . ASN A 1 81  ? -7.755  0.895   -8.083  1.00 20.81 ? 1059 ASN A ND2 1 
ATOM   698  N  N   . ALA A 1 82  ? -5.684  5.586   -8.589  1.00 20.63 ? 1060 ALA A N   1 
ATOM   699  C  CA  . ALA A 1 82  ? -5.633  7.063   -8.765  1.00 20.43 ? 1060 ALA A CA  1 
ATOM   700  C  C   . ALA A 1 82  ? -5.342  7.426   -10.216 1.00 21.46 ? 1060 ALA A C   1 
ATOM   701  O  O   . ALA A 1 82  ? -5.911  8.399   -10.742 1.00 23.94 ? 1060 ALA A O   1 
ATOM   702  C  CB  . ALA A 1 82  ? -4.604  7.656   -7.803  1.00 21.17 ? 1060 ALA A CB  1 
ATOM   703  N  N   . LEU A 1 83  ? -4.480  6.665   -10.882 1.00 22.35 ? 1061 LEU A N   1 
ATOM   704  C  CA  . LEU A 1 83  ? -4.141  6.915   -12.275 1.00 24.64 ? 1061 LEU A CA  1 
ATOM   705  C  C   . LEU A 1 83  ? -5.359  6.641   -13.157 1.00 27.13 ? 1061 LEU A C   1 
ATOM   706  O  O   . LEU A 1 83  ? -5.609  7.377   -14.097 1.00 25.65 ? 1061 LEU A O   1 
ATOM   707  C  CB  . LEU A 1 83  ? -2.951  6.090   -12.764 1.00 25.86 ? 1061 LEU A CB  1 
ATOM   708  C  CG  . LEU A 1 83  ? -1.626  6.136   -11.979 1.00 26.95 ? 1061 LEU A CG  1 
ATOM   709  C  CD1 . LEU A 1 83  ? -0.501  5.410   -12.671 1.00 30.41 ? 1061 LEU A CD1 1 
ATOM   710  C  CD2 . LEU A 1 83  ? -1.196  7.554   -11.676 1.00 28.14 ? 1061 LEU A CD2 1 
ATOM   711  N  N   . GLU A 1 84  ? -6.113  5.591   -12.826 1.00 25.88 ? 1062 GLU A N   1 
ATOM   712  C  CA  A GLU A 1 84  ? -7.312  5.187   -13.594 0.50 26.57 ? 1062 GLU A CA  1 
ATOM   713  C  CA  B GLU A 1 84  ? -7.271  5.225   -13.635 0.50 25.76 ? 1062 GLU A CA  1 
ATOM   714  C  C   . GLU A 1 84  ? -8.441  6.187   -13.436 1.00 25.22 ? 1062 GLU A C   1 
ATOM   715  O  O   . GLU A 1 84  ? -9.069  6.600   -14.424 1.00 25.93 ? 1062 GLU A O   1 
ATOM   716  C  CB  A GLU A 1 84  ? -7.814  3.794   -13.144 0.50 27.53 ? 1062 GLU A CB  1 
ATOM   717  C  CB  B GLU A 1 84  ? -7.650  3.757   -13.379 0.50 25.73 ? 1062 GLU A CB  1 
ATOM   718  C  CG  A GLU A 1 84  ? -9.013  3.244   -13.931 0.50 29.09 ? 1062 GLU A CG  1 
ATOM   719  C  CG  B GLU A 1 84  ? -6.677  2.809   -14.069 0.50 25.77 ? 1062 GLU A CG  1 
ATOM   720  C  CD  A GLU A 1 84  ? -9.537  1.903   -13.391 0.50 31.40 ? 1062 GLU A CD  1 
ATOM   721  C  CD  B GLU A 1 84  ? -6.517  1.464   -13.375 0.50 25.82 ? 1062 GLU A CD  1 
ATOM   722  O  OE1 A GLU A 1 84  ? -8.742  1.125   -12.847 0.50 31.97 ? 1062 GLU A OE1 1 
ATOM   723  O  OE1 B GLU A 1 84  ? -7.398  1.089   -12.582 0.50 26.79 ? 1062 GLU A OE1 1 
ATOM   724  O  OE2 A GLU A 1 84  ? -10.754 1.637   -13.485 0.50 32.51 ? 1062 GLU A OE2 1 
ATOM   725  O  OE2 B GLU A 1 84  ? -5.497  0.782   -13.627 0.50 26.68 ? 1062 GLU A OE2 1 
ATOM   726  N  N   . TYR A 1 85  ? -8.696  6.574   -12.200 1.00 24.49 ? 1063 TYR A N   1 
ATOM   727  C  CA  . TYR A 1 85  ? -9.790  7.448   -11.883 1.00 26.12 ? 1063 TYR A CA  1 
ATOM   728  C  C   . TYR A 1 85  ? -9.513  8.904   -12.287 1.00 26.88 ? 1063 TYR A C   1 
ATOM   729  O  O   . TYR A 1 85  ? -10.448 9.646   -12.550 1.00 26.53 ? 1063 TYR A O   1 
ATOM   730  C  CB  . TYR A 1 85  ? -10.155 7.395   -10.421 1.00 28.26 ? 1063 TYR A CB  1 
ATOM   731  C  CG  . TYR A 1 85  ? -11.495 8.031   -10.162 1.00 32.74 ? 1063 TYR A CG  1 
ATOM   732  C  CD1 . TYR A 1 85  ? -12.682 7.373   -10.526 1.00 33.68 ? 1063 TYR A CD1 1 
ATOM   733  C  CD2 . TYR A 1 85  ? -11.598 9.315   -9.627  1.00 35.36 ? 1063 TYR A CD2 1 
ATOM   734  C  CE1 . TYR A 1 85  ? -13.914 7.957   -10.316 1.00 35.78 ? 1063 TYR A CE1 1 
ATOM   735  C  CE2 . TYR A 1 85  ? -12.835 9.899   -9.416  1.00 37.51 ? 1063 TYR A CE2 1 
ATOM   736  C  CZ  . TYR A 1 85  ? -13.982 9.222   -9.765  1.00 38.73 ? 1063 TYR A CZ  1 
ATOM   737  O  OH  . TYR A 1 85  ? -15.208 9.790   -9.558  1.00 43.28 ? 1063 TYR A OH  1 
ATOM   738  N  N   . ASN A 1 86  ? -8.243  9.297   -12.339 1.00 24.53 ? 1064 ASN A N   1 
ATOM   739  C  CA  . ASN A 1 86  ? -7.897  10.710  -12.642 1.00 26.09 ? 1064 ASN A CA  1 
ATOM   740  C  C   . ASN A 1 86  ? -6.975  10.822  -13.835 1.00 23.79 ? 1064 ASN A C   1 
ATOM   741  O  O   . ASN A 1 86  ? -5.808  11.191  -13.701 1.00 25.73 ? 1064 ASN A O   1 
ATOM   742  C  CB  . ASN A 1 86  ? -7.256  11.364  -11.396 1.00 26.40 ? 1064 ASN A CB  1 
ATOM   743  C  CG  . ASN A 1 86  ? -8.081  11.204  -10.155 1.00 25.95 ? 1064 ASN A CG  1 
ATOM   744  O  OD1 . ASN A 1 86  ? -9.036  11.962  -9.894  1.00 27.70 ? 1064 ASN A OD1 1 
ATOM   745  N  ND2 . ASN A 1 86  ? -7.727  10.221  -9.343  1.00 26.52 ? 1064 ASN A ND2 1 
ATOM   746  N  N   . PRO A 1 87  ? -7.474  10.497  -15.053 1.00 24.07 ? 1065 PRO A N   1 
ATOM   747  C  CA  . PRO A 1 87  ? -6.603  10.315  -16.202 1.00 25.17 ? 1065 PRO A CA  1 
ATOM   748  C  C   . PRO A 1 87  ? -6.393  11.542  -17.078 1.00 25.74 ? 1065 PRO A C   1 
ATOM   749  O  O   . PRO A 1 87  ? -5.665  11.462  -18.078 1.00 28.83 ? 1065 PRO A O   1 
ATOM   750  C  CB  . PRO A 1 87  ? -7.360  9.265   -17.022 1.00 27.01 ? 1065 PRO A CB  1 
ATOM   751  C  CG  . PRO A 1 87  ? -8.778  9.631   -16.773 1.00 26.24 ? 1065 PRO A CG  1 
ATOM   752  C  CD  . PRO A 1 87  ? -8.860  10.088  -15.362 1.00 26.63 ? 1065 PRO A CD  1 
ATOM   753  N  N   . ASP A 1 88  ? -7.014  12.639  -16.681 1.00 28.00 ? 1066 ASP A N   1 
ATOM   754  C  CA  . ASP A 1 88  ? -7.161  13.823  -17.548 1.00 27.79 ? 1066 ASP A CA  1 
ATOM   755  C  C   . ASP A 1 88  ? -5.939  14.723  -17.500 1.00 28.95 ? 1066 ASP A C   1 
ATOM   756  O  O   . ASP A 1 88  ? -5.038  14.534  -16.663 1.00 25.03 ? 1066 ASP A O   1 
ATOM   757  C  CB  . ASP A 1 88  ? -8.440  14.581  -17.194 1.00 30.01 ? 1066 ASP A CB  1 
ATOM   758  C  CG  . ASP A 1 88  ? -9.713  13.772  -17.503 1.00 32.66 ? 1066 ASP A CG  1 
ATOM   759  O  OD1 . ASP A 1 88  ? -9.625  12.765  -18.220 1.00 33.61 ? 1066 ASP A OD1 1 
ATOM   760  O  OD2 . ASP A 1 88  ? -10.802 14.142  -17.019 1.00 37.71 ? 1066 ASP A OD2 1 
ATOM   761  N  N   . ARG A 1 89  ? -5.892  15.680  -18.443 1.00 27.28 ? 1067 ARG A N   1 
ATOM   762  C  CA  A ARG A 1 89  ? -4.773  16.599  -18.637 0.50 26.81 ? 1067 ARG A CA  1 
ATOM   763  C  CA  B ARG A 1 89  ? -4.690  16.529  -18.564 0.50 25.29 ? 1067 ARG A CA  1 
ATOM   764  C  C   . ARG A 1 89  ? -4.752  17.724  -17.612 1.00 26.04 ? 1067 ARG A C   1 
ATOM   765  O  O   . ARG A 1 89  ? -3.757  18.402  -17.438 1.00 25.80 ? 1067 ARG A O   1 
ATOM   766  C  CB  A ARG A 1 89  ? -4.915  17.257  -20.002 0.50 26.84 ? 1067 ARG A CB  1 
ATOM   767  C  CB  B ARG A 1 89  ? -4.332  16.929  -20.031 0.50 23.15 ? 1067 ARG A CB  1 
ATOM   768  C  CG  A ARG A 1 89  ? -6.187  18.104  -20.114 0.50 25.58 ? 1067 ARG A CG  1 
ATOM   769  C  CG  B ARG A 1 89  ? -5.227  17.939  -20.768 0.50 21.95 ? 1067 ARG A CG  1 
ATOM   770  C  CD  A ARG A 1 89  ? -5.910  19.447  -20.758 0.50 25.59 ? 1067 ARG A CD  1 
ATOM   771  C  CD  B ARG A 1 89  ? -4.861  19.403  -20.535 0.50 19.68 ? 1067 ARG A CD  1 
ATOM   772  N  NE  A ARG A 1 89  ? -4.947  20.287  -20.044 0.50 25.41 ? 1067 ARG A NE  1 
ATOM   773  N  NE  B ARG A 1 89  ? -3.431  19.722  -20.630 0.50 18.16 ? 1067 ARG A NE  1 
ATOM   774  C  CZ  A ARG A 1 89  ? -5.243  21.252  -19.159 0.50 24.45 ? 1067 ARG A CZ  1 
ATOM   775  C  CZ  B ARG A 1 89  ? -2.883  20.764  -19.999 0.50 15.93 ? 1067 ARG A CZ  1 
ATOM   776  N  NH1 A ARG A 1 89  ? -6.492  21.543  -18.785 0.50 18.57 ? 1067 ARG A NH1 1 
ATOM   777  N  NH1 B ARG A 1 89  ? -3.651  21.521  -19.253 0.50 16.13 ? 1067 ARG A NH1 1 
ATOM   778  N  NH2 A ARG A 1 89  ? -4.239  21.927  -18.620 0.50 25.85 ? 1067 ARG A NH2 1 
ATOM   779  N  NH2 B ARG A 1 89  ? -1.588  21.040  -20.086 0.50 14.56 ? 1067 ARG A NH2 1 
ATOM   780  N  N   . ASP A 1 90  ? -5.874  17.923  -16.957 1.00 25.03 ? 1068 ASP A N   1 
ATOM   781  C  CA  . ASP A 1 90  ? -6.032  19.086  -16.124 1.00 28.97 ? 1068 ASP A CA  1 
ATOM   782  C  C   . ASP A 1 90  ? -5.137  19.013  -14.885 1.00 26.81 ? 1068 ASP A C   1 
ATOM   783  O  O   . ASP A 1 90  ? -4.719  17.911  -14.478 1.00 23.07 ? 1068 ASP A O   1 
ATOM   784  C  CB  . ASP A 1 90  ? -7.471  19.317  -15.730 1.00 31.66 ? 1068 ASP A CB  1 
ATOM   785  C  CG  . ASP A 1 90  ? -8.007  18.253  -14.849 1.00 34.71 ? 1068 ASP A CG  1 
ATOM   786  O  OD1 . ASP A 1 90  ? -7.806  18.337  -13.621 1.00 39.21 ? 1068 ASP A OD1 1 
ATOM   787  O  OD2 . ASP A 1 90  ? -8.641  17.320  -15.385 1.00 47.96 ? 1068 ASP A OD2 1 
ATOM   788  N  N   . PRO A 1 91  ? -4.814  20.181  -14.316 1.00 24.44 ? 1069 PRO A N   1 
ATOM   789  C  CA  . PRO A 1 91  ? -3.861  20.178  -13.206 1.00 22.71 ? 1069 PRO A CA  1 
ATOM   790  C  C   . PRO A 1 91  ? -4.265  19.350  -11.978 1.00 21.79 ? 1069 PRO A C   1 
ATOM   791  O  O   . PRO A 1 91  ? -3.375  18.779  -11.315 1.00 21.30 ? 1069 PRO A O   1 
ATOM   792  C  CB  . PRO A 1 91  ? -3.762  21.658  -12.815 1.00 24.24 ? 1069 PRO A CB  1 
ATOM   793  C  CG  . PRO A 1 91  ? -4.159  22.411  -14.034 1.00 25.14 ? 1069 PRO A CG  1 
ATOM   794  C  CD  . PRO A 1 91  ? -5.153  21.558  -14.758 1.00 25.09 ? 1069 PRO A CD  1 
ATOM   795  N  N   . GLY A 1 92  ? -5.554  19.324  -11.648 1.00 20.83 ? 1070 GLY A N   1 
ATOM   796  C  CA  . GLY A 1 92  ? -6.013  18.548  -10.520 1.00 22.32 ? 1070 GLY A CA  1 
ATOM   797  C  C   . GLY A 1 92  ? -5.698  17.065  -10.705 1.00 23.61 ? 1070 GLY A C   1 
ATOM   798  O  O   . GLY A 1 92  ? -5.184  16.411  -9.775  1.00 24.53 ? 1070 GLY A O   1 
ATOM   799  N  N   . ASP A 1 93  ? -6.023  16.530  -11.885 1.00 23.21 ? 1071 ASP A N   1 
ATOM   800  C  CA  . ASP A 1 93  ? -5.705  15.120  -12.198 1.00 25.09 ? 1071 ASP A CA  1 
ATOM   801  C  C   . ASP A 1 93  ? -4.202  14.902  -12.261 1.00 24.19 ? 1071 ASP A C   1 
ATOM   802  O  O   . ASP A 1 93  ? -3.697  13.887  -11.784 1.00 22.10 ? 1071 ASP A O   1 
ATOM   803  C  CB  . ASP A 1 93  ? -6.327  14.655  -13.516 1.00 24.15 ? 1071 ASP A CB  1 
ATOM   804  C  CG  . ASP A 1 93  ? -7.817  14.389  -13.415 1.00 27.15 ? 1071 ASP A CG  1 
ATOM   805  O  OD1 . ASP A 1 93  ? -8.480  14.900  -12.480 1.00 27.71 ? 1071 ASP A OD1 1 
ATOM   806  O  OD2 . ASP A 1 93  ? -8.301  13.597  -14.249 1.00 28.81 ? 1071 ASP A OD2 1 
ATOM   807  N  N   . ARG A 1 94  ? -3.473  15.837  -12.844 1.00 20.92 ? 1072 ARG A N   1 
ATOM   808  C  CA  . ARG A 1 94  ? -2.045  15.637  -12.985 1.00 21.41 ? 1072 ARG A CA  1 
ATOM   809  C  C   . ARG A 1 94  ? -1.338  15.640  -11.615 1.00 20.94 ? 1072 ARG A C   1 
ATOM   810  O  O   . ARG A 1 94  ? -0.372  14.906  -11.428 1.00 20.05 ? 1072 ARG A O   1 
ATOM   811  C  CB  . ARG A 1 94  ? -1.439  16.642  -13.957 1.00 22.37 ? 1072 ARG A CB  1 
ATOM   812  C  CG  . ARG A 1 94  ? -1.725  16.260  -15.402 1.00 23.52 ? 1072 ARG A CG  1 
ATOM   813  C  CD  . ARG A 1 94  ? -1.083  17.198  -16.390 1.00 26.71 ? 1072 ARG A CD  1 
ATOM   814  N  NE  . ARG A 1 94  ? -1.158  16.700  -17.766 0.50 25.80 ? 1072 ARG A NE  1 
ATOM   815  C  CZ  . ARG A 1 94  ? -1.171  17.468  -18.854 0.50 28.61 ? 1072 ARG A CZ  1 
ATOM   816  N  NH1 . ARG A 1 94  ? -1.164  18.792  -18.761 0.50 29.36 ? 1072 ARG A NH1 1 
ATOM   817  N  NH2 . ARG A 1 94  ? -1.225  16.907  -20.053 0.50 29.85 ? 1072 ARG A NH2 1 
ATOM   818  N  N   . LEU A 1 95  ? -1.824  16.467  -10.695 1.00 20.24 ? 1073 LEU A N   1 
ATOM   819  C  CA  . LEU A 1 95  ? -1.260  16.550  -9.355  1.00 19.82 ? 1073 LEU A CA  1 
ATOM   820  C  C   . LEU A 1 95  ? -1.485  15.223  -8.611  1.00 22.13 ? 1073 LEU A C   1 
ATOM   821  O  O   . LEU A 1 95  ? -0.537  14.636  -8.063  1.00 19.73 ? 1073 LEU A O   1 
ATOM   822  C  CB  . LEU A 1 95  ? -1.864  17.670  -8.571  1.00 19.90 ? 1073 LEU A CB  1 
ATOM   823  C  CG  . LEU A 1 95  ? -1.408  17.868  -7.130  1.00 20.38 ? 1073 LEU A CG  1 
ATOM   824  C  CD1 . LEU A 1 95  ? 0.094   18.068  -7.074  1.00 20.53 ? 1073 LEU A CD1 1 
ATOM   825  C  CD2 . LEU A 1 95  ? -2.169  19.026  -6.477  1.00 23.09 ? 1073 LEU A CD2 1 
ATOM   826  N  N   . ILE A 1 96  ? -2.728  14.763  -8.593  1.00 21.10 ? 1074 ILE A N   1 
ATOM   827  C  CA  . ILE A 1 96  ? -3.005  13.471  -7.955  1.00 23.41 ? 1074 ILE A CA  1 
ATOM   828  C  C   . ILE A 1 96  ? -2.202  12.334  -8.584  1.00 21.76 ? 1074 ILE A C   1 
ATOM   829  O  O   . ILE A 1 96  ? -1.683  11.469  -7.835  1.00 21.43 ? 1074 ILE A O   1 
ATOM   830  C  CB  . ILE A 1 96  ? -4.520  13.151  -7.837  1.00 25.67 ? 1074 ILE A CB  1 
ATOM   831  C  CG1 . ILE A 1 96  ? -4.730  11.919  -6.942  1.00 28.92 ? 1074 ILE A CG1 1 
ATOM   832  C  CG2 . ILE A 1 96  ? -5.131  12.881  -9.164  1.00 29.10 ? 1074 ILE A CG2 1 
ATOM   833  C  CD1 . ILE A 1 96  ? -6.048  11.942  -6.179  1.00 30.92 ? 1074 ILE A CD1 1 
ATOM   834  N  N   . ARG A 1 97  ? -2.053  12.294  -9.912  1.00 20.69 ? 1075 ARG A N   1 
ATOM   835  C  CA  . ARG A 1 97  ? -1.234  11.209  -10.526 1.00 21.45 ? 1075 ARG A CA  1 
ATOM   836  C  C   . ARG A 1 97  ? 0.215   11.306  -10.106 1.00 23.15 ? 1075 ARG A C   1 
ATOM   837  O  O   . ARG A 1 97  ? 0.870   10.300  -9.821  1.00 20.17 ? 1075 ARG A O   1 
ATOM   838  C  CB  . ARG A 1 97  ? -1.331  11.166  -12.037 1.00 22.48 ? 1075 ARG A CB  1 
ATOM   839  C  CG  . ARG A 1 97  ? -2.744  10.852  -12.524 1.00 22.13 ? 1075 ARG A CG  1 
ATOM   840  C  CD  . ARG A 1 97  ? -2.707  10.264  -13.922 1.00 23.50 ? 1075 ARG A CD  1 
ATOM   841  N  NE  . ARG A 1 97  ? -2.120  11.121  -14.931 1.00 26.12 ? 1075 ARG A NE  1 
ATOM   842  C  CZ  . ARG A 1 97  ? -2.724  12.163  -15.510 1.00 25.66 ? 1075 ARG A CZ  1 
ATOM   843  N  NH1 . ARG A 1 97  ? -3.942  12.516  -15.186 1.00 27.31 ? 1075 ARG A NH1 1 
ATOM   844  N  NH2 . ARG A 1 97  ? -2.074  12.857  -16.427 1.00 29.50 ? 1075 ARG A NH2 1 
ATOM   845  N  N   . HIS A 1 98  ? 0.743   12.526  -10.083 1.00 20.54 ? 1076 HIS A N   1 
ATOM   846  C  CA  . HIS A 1 98  ? 2.131   12.687  -9.647  1.00 20.12 ? 1076 HIS A CA  1 
ATOM   847  C  C   . HIS A 1 98  ? 2.335   12.204  -8.203  1.00 18.03 ? 1076 HIS A C   1 
ATOM   848  O  O   . HIS A 1 98  ? 3.350   11.528  -7.906  1.00 20.12 ? 1076 HIS A O   1 
ATOM   849  C  CB  . HIS A 1 98  ? 2.545   14.148  -9.802  1.00 19.84 ? 1076 HIS A CB  1 
ATOM   850  C  CG  . HIS A 1 98  ? 4.001   14.380  -9.632  1.00 19.20 ? 1076 HIS A CG  1 
ATOM   851  N  ND1 . HIS A 1 98  ? 4.553   14.721  -8.421  1.00 21.43 ? 1076 HIS A ND1 1 
ATOM   852  C  CD2 . HIS A 1 98  ? 5.025   14.316  -10.515 1.00 20.90 ? 1076 HIS A CD2 1 
ATOM   853  C  CE1 . HIS A 1 98  ? 5.864   14.845  -8.559  1.00 21.53 ? 1076 HIS A CE1 1 
ATOM   854  N  NE2 . HIS A 1 98  ? 6.173   14.607  -9.823  1.00 20.91 ? 1076 HIS A NE2 1 
ATOM   855  N  N   . ARG A 1 99  ? 1.394   12.528  -7.333  1.00 17.24 ? 1077 ARG A N   1 
ATOM   856  C  CA  . ARG A 1 99  ? 1.451   12.135  -5.926  1.00 17.69 ? 1077 ARG A CA  1 
ATOM   857  C  C   . ARG A 1 99  ? 1.309   10.606  -5.803  1.00 18.48 ? 1077 ARG A C   1 
ATOM   858  O  O   . ARG A 1 99  ? 1.999   9.982   -4.995  1.00 18.25 ? 1077 ARG A O   1 
ATOM   859  C  CB  . ARG A 1 99  ? 0.360   12.819  -5.143  1.00 18.92 ? 1077 ARG A CB  1 
ATOM   860  C  CG  . ARG A 1 99  ? 0.624   14.310  -4.971  1.00 18.91 ? 1077 ARG A CG  1 
ATOM   861  C  CD  . ARG A 1 99  ? -0.557  15.001  -4.383  1.00 19.56 ? 1077 ARG A CD  1 
ATOM   862  N  NE  . ARG A 1 99  ? -0.194  16.326  -3.896  1.00 21.02 ? 1077 ARG A NE  1 
ATOM   863  C  CZ  . ARG A 1 99  ? -1.051  17.216  -3.427  1.00 21.13 ? 1077 ARG A CZ  1 
ATOM   864  N  NH1 . ARG A 1 99  ? -2.343  16.961  -3.406  1.00 23.04 ? 1077 ARG A NH1 1 
ATOM   865  N  NH2 . ARG A 1 99  ? -0.608  18.369  -2.981  1.00 23.28 ? 1077 ARG A NH2 1 
ATOM   866  N  N   . ALA A 1 100 ? 0.445   10.036  -6.628  1.00 18.65 ? 1078 ALA A N   1 
ATOM   867  C  CA  . ALA A 1 100 ? 0.219   8.574   -6.637  1.00 18.87 ? 1078 ALA A CA  1 
ATOM   868  C  C   . ALA A 1 100 ? 1.485   7.857   -7.043  1.00 19.80 ? 1078 ALA A C   1 
ATOM   869  O  O   . ALA A 1 100 ? 1.855   6.876   -6.379  1.00 20.92 ? 1078 ALA A O   1 
ATOM   870  C  CB  . ALA A 1 100 ? -0.940  8.210   -7.568  1.00 19.83 ? 1078 ALA A CB  1 
ATOM   871  N  N   . CYS A 1 101 ? 2.163   8.330   -8.091  1.00 19.19 ? 1079 CYS A N   1 
ATOM   872  C  CA  . CYS A 1 101 ? 3.428   7.771   -8.544  1.00 20.89 ? 1079 CYS A CA  1 
ATOM   873  C  C   . CYS A 1 101 ? 4.498   7.947   -7.481  1.00 21.08 ? 1079 CYS A C   1 
ATOM   874  O  O   . CYS A 1 101 ? 5.317   7.060   -7.277  1.00 19.19 ? 1079 CYS A O   1 
ATOM   875  C  CB  . CYS A 1 101 ? 3.889   8.398   -9.851  1.00 22.15 ? 1079 CYS A CB  1 
ATOM   876  S  SG  . CYS A 1 101 ? 2.856   7.869   -11.251 1.00 26.64 ? 1079 CYS A SG  1 
ATOM   877  N  N   . ALA A 1 102 ? 4.468   9.074   -6.796  1.00 17.80 ? 1080 ALA A N   1 
ATOM   878  C  CA  . ALA A 1 102 ? 5.435   9.328   -5.700  1.00 19.10 ? 1080 ALA A CA  1 
ATOM   879  C  C   . ALA A 1 102 ? 5.198   8.390   -4.527  1.00 18.84 ? 1080 ALA A C   1 
ATOM   880  O  O   . ALA A 1 102 ? 6.149   7.946   -3.891  1.00 19.20 ? 1080 ALA A O   1 
ATOM   881  C  CB  . ALA A 1 102 ? 5.413   10.792  -5.252  1.00 19.07 ? 1080 ALA A CB  1 
ATOM   882  N  N   . LEU A 1 103 ? 3.943   8.092   -4.236  1.00 19.28 ? 1081 LEU A N   1 
ATOM   883  C  CA  . LEU A 1 103 ? 3.627   7.183   -3.129  1.00 19.36 ? 1081 LEU A CA  1 
ATOM   884  C  C   . LEU A 1 103 ? 4.232   5.812   -3.446  1.00 19.57 ? 1081 LEU A C   1 
ATOM   885  O  O   . LEU A 1 103 ? 4.930   5.179   -2.598  1.00 17.75 ? 1081 LEU A O   1 
ATOM   886  C  CB  . LEU A 1 103 ? 2.120   7.077   -2.933  1.00 20.18 ? 1081 LEU A CB  1 
ATOM   887  C  CG  . LEU A 1 103 ? 1.664   5.998   -1.930  1.00 23.03 ? 1081 LEU A CG  1 
ATOM   888  C  CD1 . LEU A 1 103 ? 2.035   6.418   -0.538  1.00 24.86 ? 1081 LEU A CD1 1 
ATOM   889  C  CD2 . LEU A 1 103 ? 0.180   5.726   -2.024  1.00 25.53 ? 1081 LEU A CD2 1 
ATOM   890  N  N   . ARG A 1 104 ? 3.938   5.348   -4.650  1.00 19.03 ? 1082 ARG A N   1 
ATOM   891  C  CA  . ARG A 1 104 ? 4.432   4.035   -5.125  1.00 20.97 ? 1082 ARG A CA  1 
ATOM   892  C  C   . ARG A 1 104 ? 5.951   3.994   -5.133  1.00 20.93 ? 1082 ARG A C   1 
ATOM   893  O  O   . ARG A 1 104 ? 6.565   3.064   -4.574  1.00 19.29 ? 1082 ARG A O   1 
ATOM   894  C  CB  . ARG A 1 104 ? 3.888   3.774   -6.520  1.00 22.43 ? 1082 ARG A CB  1 
ATOM   895  C  CG  . ARG A 1 104 ? 4.382   2.519   -7.245  1.00 25.60 ? 1082 ARG A CG  1 
ATOM   896  C  CD  . ARG A 1 104 ? 4.169   2.653   -8.766  1.00 27.51 ? 1082 ARG A CD  1 
ATOM   897  N  NE  . ARG A 1 104 ? 5.021   3.742   -9.305  1.00 28.31 ? 1082 ARG A NE  1 
ATOM   898  C  CZ  . ARG A 1 104 ? 4.788   4.459   -10.410 1.00 31.12 ? 1082 ARG A CZ  1 
ATOM   899  N  NH1 . ARG A 1 104 ? 5.655   5.404   -10.761 1.00 30.00 ? 1082 ARG A NH1 1 
ATOM   900  N  NH2 . ARG A 1 104 ? 3.717   4.233   -11.186 1.00 31.50 ? 1082 ARG A NH2 1 
ATOM   901  N  N   . ASP A 1 105 ? 6.577   5.014   -5.730  1.00 19.44 ? 1083 ASP A N   1 
ATOM   902  C  CA  . ASP A 1 105 ? 8.028   5.049   -5.805  1.00 20.02 ? 1083 ASP A CA  1 
ATOM   903  C  C   . ASP A 1 105 ? 8.697   5.163   -4.441  1.00 18.90 ? 1083 ASP A C   1 
ATOM   904  O  O   . ASP A 1 105 ? 9.713   4.473   -4.207  1.00 18.54 ? 1083 ASP A O   1 
ATOM   905  C  CB  . ASP A 1 105 ? 8.526   6.172   -6.706  1.00 21.95 ? 1083 ASP A CB  1 
ATOM   906  C  CG  . ASP A 1 105 ? 8.132   5.982   -8.181  1.00 26.26 ? 1083 ASP A CG  1 
ATOM   907  O  OD1 . ASP A 1 105 ? 7.696   4.884   -8.601  1.00 25.90 ? 1083 ASP A OD1 1 
ATOM   908  O  OD2 . ASP A 1 105 ? 8.259   6.995   -8.905  1.00 26.89 ? 1083 ASP A OD2 1 
ATOM   909  N  N   . THR A 1 106 ? 8.101   5.944   -3.533  1.00 17.05 ? 1084 THR A N   1 
ATOM   910  C  CA  . THR A 1 106 ? 8.639   6.087   -2.204  1.00 17.89 ? 1084 THR A CA  1 
ATOM   911  C  C   . THR A 1 106 ? 8.590   4.767   -1.427  1.00 17.02 ? 1084 THR A C   1 
ATOM   912  O  O   . THR A 1 106 ? 9.573   4.401   -0.760  1.00 17.11 ? 1084 THR A O   1 
ATOM   913  C  CB  . THR A 1 106 ? 7.942   7.196   -1.420  1.00 17.71 ? 1084 THR A CB  1 
ATOM   914  O  OG1 . THR A 1 106 ? 8.176   8.445   -2.108  1.00 18.75 ? 1084 THR A OG1 1 
ATOM   915  C  CG2 . THR A 1 106 ? 8.530   7.309   -0.026  1.00 19.51 ? 1084 THR A CG2 1 
ATOM   916  N  N   . ALA A 1 107 ? 7.461   4.077   -1.512  1.00 16.06 ? 1085 ALA A N   1 
ATOM   917  C  CA  . ALA A 1 107 ? 7.311   2.762   -0.850  1.00 17.28 ? 1085 ALA A CA  1 
ATOM   918  C  C   . ALA A 1 107 ? 8.331   1.756   -1.372  1.00 18.32 ? 1085 ALA A C   1 
ATOM   919  O  O   . ALA A 1 107 ? 9.051   1.117   -0.581  1.00 17.23 ? 1085 ALA A O   1 
ATOM   920  C  CB  . ALA A 1 107 ? 5.913   2.233   -1.043  1.00 17.32 ? 1085 ALA A CB  1 
ATOM   921  N  N   . TYR A 1 108 ? 8.443   1.669   -2.687  1.00 18.28 ? 1086 TYR A N   1 
ATOM   922  C  CA  . TYR A 1 108 ? 9.445   0.781   -3.284  1.00 19.41 ? 1086 TYR A CA  1 
ATOM   923  C  C   . TYR A 1 108 ? 10.874  1.128   -2.889  1.00 19.48 ? 1086 TYR A C   1 
ATOM   924  O  O   . TYR A 1 108 ? 11.675  0.219   -2.650  1.00 20.53 ? 1086 TYR A O   1 
ATOM   925  C  CB  . TYR A 1 108 ? 9.272   0.713   -4.796  1.00 20.28 ? 1086 TYR A CB  1 
ATOM   926  C  CG  . TYR A 1 108 ? 8.253   -0.310  -5.279  1.00 20.47 ? 1086 TYR A CG  1 
ATOM   927  C  CD1 . TYR A 1 108 ? 6.892   0.003   -5.396  1.00 20.78 ? 1086 TYR A CD1 1 
ATOM   928  C  CD2 . TYR A 1 108 ? 8.652   -1.604  -5.652  1.00 23.16 ? 1086 TYR A CD2 1 
ATOM   929  C  CE1 . TYR A 1 108 ? 5.969   -0.914  -5.860  1.00 19.81 ? 1086 TYR A CE1 1 
ATOM   930  C  CE2 . TYR A 1 108 ? 7.731   -2.516  -6.129  1.00 23.19 ? 1086 TYR A CE2 1 
ATOM   931  C  CZ  . TYR A 1 108 ? 6.391   -2.183  -6.224  1.00 22.57 ? 1086 TYR A CZ  1 
ATOM   932  O  OH  . TYR A 1 108 ? 5.496   -3.125  -6.702  1.00 23.13 ? 1086 TYR A OH  1 
ATOM   933  N  N   . ALA A 1 109 ? 11.202  2.418   -2.814  1.00 18.01 ? 1087 ALA A N   1 
ATOM   934  C  CA  . ALA A 1 109 ? 12.548  2.861   -2.458  1.00 19.61 ? 1087 ALA A CA  1 
ATOM   935  C  C   . ALA A 1 109 ? 12.864  2.572   -0.979  1.00 19.35 ? 1087 ALA A C   1 
ATOM   936  O  O   . ALA A 1 109 ? 13.991  2.138   -0.669  1.00 18.87 ? 1087 ALA A O   1 
ATOM   937  C  CB  . ALA A 1 109 ? 12.725  4.331   -2.780  1.00 21.13 ? 1087 ALA A CB  1 
ATOM   938  N  N   . ILE A 1 110 ? 11.877  2.747   -0.083  1.00 19.02 ? 1088 ILE A N   1 
ATOM   939  C  CA  . ILE A 1 110 ? 12.076  2.403   1.329   1.00 18.76 ? 1088 ILE A CA  1 
ATOM   940  C  C   . ILE A 1 110 ? 12.373  0.906   1.441   1.00 18.97 ? 1088 ILE A C   1 
ATOM   941  O  O   . ILE A 1 110 ? 13.329  0.501   2.109   1.00 19.15 ? 1088 ILE A O   1 
ATOM   942  C  CB  . ILE A 1 110 ? 10.858  2.805   2.220   1.00 18.73 ? 1088 ILE A CB  1 
ATOM   943  C  CG1 . ILE A 1 110 ? 10.796  4.320   2.348   1.00 19.51 ? 1088 ILE A CG1 1 
ATOM   944  C  CG2 . ILE A 1 110 ? 10.963  2.189   3.596   1.00 19.23 ? 1088 ILE A CG2 1 
ATOM   945  C  CD1 . ILE A 1 110 ? 9.563   4.861   2.996   1.00 19.32 ? 1088 ILE A CD1 1 
ATOM   946  N  N   . ILE A 1 111 ? 11.563  0.104   0.780   1.00 19.27 ? 1089 ILE A N   1 
ATOM   947  C  CA  A ILE A 1 111 ? 11.723  -1.354  0.816   0.50 19.87 ? 1089 ILE A CA  1 
ATOM   948  C  CA  B ILE A 1 111 ? 11.718  -1.356  0.834   0.50 20.78 ? 1089 ILE A CA  1 
ATOM   949  C  C   . ILE A 1 111 ? 13.074  -1.756  0.224   1.00 21.20 ? 1089 ILE A C   1 
ATOM   950  O  O   . ILE A 1 111 ? 13.787  -2.596  0.772   1.00 21.06 ? 1089 ILE A O   1 
ATOM   951  C  CB  A ILE A 1 111 ? 10.521  -2.069  0.138   0.50 19.30 ? 1089 ILE A CB  1 
ATOM   952  C  CB  B ILE A 1 111 ? 10.542  -2.103  0.137   0.50 21.29 ? 1089 ILE A CB  1 
ATOM   953  C  CG1 A ILE A 1 111 ? 9.438   -2.260  1.199   0.50 19.54 ? 1089 ILE A CG1 1 
ATOM   954  C  CG1 B ILE A 1 111 ? 9.181   -1.675  0.709   0.50 22.72 ? 1089 ILE A CG1 1 
ATOM   955  C  CG2 A ILE A 1 111 ? 10.918  -3.405  -0.506  0.50 19.59 ? 1089 ILE A CG2 1 
ATOM   956  C  CG2 B ILE A 1 111 ? 10.660  -3.613  0.291   0.50 22.08 ? 1089 ILE A CG2 1 
ATOM   957  C  CD1 A ILE A 1 111 ? 8.001   -2.192  0.708   0.50 19.42 ? 1089 ILE A CD1 1 
ATOM   958  C  CD1 B ILE A 1 111 ? 9.001   -1.857  2.190   0.50 23.20 ? 1089 ILE A CD1 1 
ATOM   959  N  N   . LYS A 1 112 ? 13.438  -1.158  -0.897  1.00 21.84 ? 1090 LYS A N   1 
ATOM   960  C  CA  . LYS A 1 112 ? 14.736  -1.487  -1.505  1.00 24.58 ? 1090 LYS A CA  1 
ATOM   961  C  C   . LYS A 1 112 ? 15.905  -1.231  -0.527  1.00 24.22 ? 1090 LYS A C   1 
ATOM   962  O  O   . LYS A 1 112 ? 16.837  -2.058  -0.425  1.00 25.85 ? 1090 LYS A O   1 
ATOM   963  C  CB  . LYS A 1 112 ? 14.933  -0.691  -2.791  1.00 26.95 ? 1090 LYS A CB  1 
ATOM   964  C  CG  . LYS A 1 112 ? 16.243  -1.016  -3.519  1.00 32.83 ? 1090 LYS A CG  1 
ATOM   965  C  CD  . LYS A 1 112 ? 16.264  -0.403  -4.906  1.00 39.20 ? 1090 LYS A CD  1 
ATOM   966  C  CE  . LYS A 1 112 ? 17.381  -0.990  -5.765  1.00 45.97 ? 1090 LYS A CE  1 
ATOM   967  N  NZ  . LYS A 1 112 ? 18.659  -0.308  -5.438  1.00 50.86 ? 1090 LYS A NZ  1 
ATOM   968  N  N   . GLU A 1 113 ? 15.857  -0.105  0.174   1.00 23.18 ? 1091 GLU A N   1 
ATOM   969  C  CA  . GLU A 1 113 ? 16.917  0.297   1.102   1.00 23.58 ? 1091 GLU A CA  1 
ATOM   970  C  C   . GLU A 1 113 ? 16.886  -0.463  2.413   1.00 23.12 ? 1091 GLU A C   1 
ATOM   971  O  O   . GLU A 1 113 ? 17.945  -0.681  2.991   1.00 24.10 ? 1091 GLU A O   1 
ATOM   972  C  CB  . GLU A 1 113 ? 16.866  1.793   1.465   1.00 29.02 ? 1091 GLU A CB  1 
ATOM   973  C  CG  . GLU A 1 113 ? 17.554  2.744   0.490   1.00 38.32 ? 1091 GLU A CG  1 
ATOM   974  C  CD  . GLU A 1 113 ? 18.177  3.979   1.176   1.00 45.99 ? 1091 GLU A CD  1 
ATOM   975  O  OE1 . GLU A 1 113 ? 17.548  4.579   2.098   1.00 47.34 ? 1091 GLU A OE1 1 
ATOM   976  O  OE2 . GLU A 1 113 ? 19.310  4.363   0.786   1.00 51.47 ? 1091 GLU A OE2 1 
ATOM   977  N  N   . GLU A 1 114 ? 15.706  -0.853  2.895   1.00 19.49 ? 1092 GLU A N   1 
ATOM   978  C  CA  . GLU A 1 114 ? 15.574  -1.272  4.296   1.00 19.01 ? 1092 GLU A CA  1 
ATOM   979  C  C   . GLU A 1 114 ? 15.118  -2.718  4.530   1.00 19.03 ? 1092 GLU A C   1 
ATOM   980  O  O   . GLU A 1 114 ? 15.198  -3.199  5.649   1.00 22.13 ? 1092 GLU A O   1 
ATOM   981  C  CB  . GLU A 1 114 ? 14.603  -0.348  5.044   1.00 19.01 ? 1092 GLU A CB  1 
ATOM   982  C  CG  . GLU A 1 114 ? 15.035  1.114   5.002   1.00 19.65 ? 1092 GLU A CG  1 
ATOM   983  C  CD  . GLU A 1 114 ? 14.077  2.073   5.649   1.00 21.00 ? 1092 GLU A CD  1 
ATOM   984  O  OE1 . GLU A 1 114 ? 13.308  1.690   6.534   1.00 20.66 ? 1092 GLU A OE1 1 
ATOM   985  O  OE2 . GLU A 1 114 ? 14.102  3.255   5.265   1.00 20.47 ? 1092 GLU A OE2 1 
ATOM   986  N  N   . LEU A 1 115 ? 14.616  -3.378  3.504   1.00 19.70 ? 1093 LEU A N   1 
ATOM   987  C  CA  . LEU A 1 115 ? 14.219  -4.783  3.605   1.00 21.50 ? 1093 LEU A CA  1 
ATOM   988  C  C   . LEU A 1 115 ? 15.347  -5.694  3.133   1.00 22.88 ? 1093 LEU A C   1 
ATOM   989  O  O   . LEU A 1 115 ? 15.805  -5.583  2.004   1.00 24.05 ? 1093 LEU A O   1 
ATOM   990  C  CB  . LEU A 1 115 ? 12.983  -5.063  2.753   1.00 23.07 ? 1093 LEU A CB  1 
ATOM   991  C  CG  . LEU A 1 115 ? 12.552  -6.537  2.646   1.00 25.89 ? 1093 LEU A CG  1 
ATOM   992  C  CD1 . LEU A 1 115 ? 11.933  -6.920  3.944   1.00 25.40 ? 1093 LEU A CD1 1 
ATOM   993  C  CD2 . LEU A 1 115 ? 11.576  -6.690  1.503   1.00 29.06 ? 1093 LEU A CD2 1 
ATOM   994  N  N   . ASP A 1 116 ? 15.781  -6.609  4.000   1.00 22.34 ? 1094 ASP A N   1 
ATOM   995  C  CA  . ASP A 1 116 ? 16.777  -7.604  3.614   1.00 23.29 ? 1094 ASP A CA  1 
ATOM   996  C  C   . ASP A 1 116 ? 16.084  -8.599  2.751   1.00 20.83 ? 1094 ASP A C   1 
ATOM   997  O  O   . ASP A 1 116 ? 15.054  -9.158  3.158   1.00 20.72 ? 1094 ASP A O   1 
ATOM   998  C  CB  . ASP A 1 116 ? 17.304  -8.279  4.867   1.00 24.28 ? 1094 ASP A CB  1 
ATOM   999  C  CG  . ASP A 1 116 ? 18.519  -9.123  4.619   1.00 27.82 ? 1094 ASP A CG  1 
ATOM   1000 O  OD1 . ASP A 1 116 ? 18.498  -9.999  3.733   1.00 27.40 ? 1094 ASP A OD1 1 
ATOM   1001 O  OD2 . ASP A 1 116 ? 19.497  -8.920  5.375   1.00 28.33 ? 1094 ASP A OD2 1 
ATOM   1002 N  N   . GLU A 1 117 ? 16.638  -8.852  1.572   1.00 20.75 ? 1095 GLU A N   1 
ATOM   1003 C  CA  . GLU A 1 117 ? 16.038  -9.800  0.633   1.00 23.42 ? 1095 GLU A CA  1 
ATOM   1004 C  C   . GLU A 1 117 ? 15.902  -11.211 1.214   1.00 21.19 ? 1095 GLU A C   1 
ATOM   1005 O  O   . GLU A 1 117 ? 14.996  -11.941 0.839   1.00 20.26 ? 1095 GLU A O   1 
ATOM   1006 C  CB  . GLU A 1 117 ? 16.827  -9.858  -0.677  1.00 26.75 ? 1095 GLU A CB  1 
ATOM   1007 C  CG  . GLU A 1 117 ? 18.225  -10.415 -0.596  0.50 28.59 ? 1095 GLU A CG  1 
ATOM   1008 C  CD  . GLU A 1 117 ? 18.858  -10.581 -1.965  0.50 32.76 ? 1095 GLU A CD  1 
ATOM   1009 O  OE1 . GLU A 1 117 ? 18.368  -9.979  -2.953  0.50 34.47 ? 1095 GLU A OE1 1 
ATOM   1010 O  OE2 . GLU A 1 117 ? 19.848  -11.325 -2.046  0.50 35.51 ? 1095 GLU A OE2 1 
ATOM   1011 N  N   . ASP A 1 118 ? 16.769  -11.569 2.153   1.00 21.44 ? 1096 ASP A N   1 
ATOM   1012 C  CA  . ASP A 1 118 ? 16.642  -12.895 2.803   1.00 21.64 ? 1096 ASP A CA  1 
ATOM   1013 C  C   . ASP A 1 118 ? 15.472  -12.964 3.760   1.00 19.66 ? 1096 ASP A C   1 
ATOM   1014 O  O   . ASP A 1 118 ? 14.923  -14.046 4.005   1.00 19.09 ? 1096 ASP A O   1 
ATOM   1015 C  CB  . ASP A 1 118 ? 17.945  -13.275 3.518   1.00 23.84 ? 1096 ASP A CB  1 
ATOM   1016 C  CG  . ASP A 1 118 ? 19.077  -13.604 2.542   1.00 25.45 ? 1096 ASP A CG  1 
ATOM   1017 O  OD1 . ASP A 1 118 ? 18.816  -13.922 1.388   1.00 27.60 ? 1096 ASP A OD1 1 
ATOM   1018 O  OD2 . ASP A 1 118 ? 20.226  -13.499 2.955   1.00 30.83 ? 1096 ASP A OD2 1 
ATOM   1019 N  N   . PHE A 1 119 ? 15.073  -11.818 4.316   1.00 19.14 ? 1097 PHE A N   1 
ATOM   1020 C  CA  . PHE A 1 119 ? 13.909  -11.747 5.175   1.00 19.36 ? 1097 PHE A CA  1 
ATOM   1021 C  C   . PHE A 1 119 ? 12.653  -11.930 4.317   1.00 20.62 ? 1097 PHE A C   1 
ATOM   1022 O  O   . PHE A 1 119 ? 11.772  -12.750 4.680   1.00 20.33 ? 1097 PHE A O   1 
ATOM   1023 C  CB  . PHE A 1 119 ? 13.860  -10.440 6.000   1.00 19.38 ? 1097 PHE A CB  1 
ATOM   1024 C  CG  . PHE A 1 119 ? 12.663  -10.354 6.917   1.00 19.08 ? 1097 PHE A CG  1 
ATOM   1025 C  CD1 . PHE A 1 119 ? 12.704  -10.922 8.189   1.00 20.19 ? 1097 PHE A CD1 1 
ATOM   1026 C  CD2 . PHE A 1 119 ? 11.467  -9.834  6.465   1.00 19.57 ? 1097 PHE A CD2 1 
ATOM   1027 C  CE1 . PHE A 1 119 ? 11.601  -10.908 9.016   1.00 19.79 ? 1097 PHE A CE1 1 
ATOM   1028 C  CE2 . PHE A 1 119 ? 10.361  -9.788  7.296   1.00 19.61 ? 1097 PHE A CE2 1 
ATOM   1029 C  CZ  . PHE A 1 119 ? 10.425  -10.337 8.569   1.00 19.51 ? 1097 PHE A CZ  1 
ATOM   1030 N  N   . GLU A 1 120 ? 12.568  -11.203 3.200   1.00 19.57 ? 1098 GLU A N   1 
ATOM   1031 C  CA  . GLU A 1 120 ? 11.451  -11.395 2.274   1.00 21.51 ? 1098 GLU A CA  1 
ATOM   1032 C  C   . GLU A 1 120 ? 11.398  -12.859 1.789   1.00 21.76 ? 1098 GLU A C   1 
ATOM   1033 O  O   . GLU A 1 120 ? 10.332  -13.458 1.732   1.00 21.50 ? 1098 GLU A O   1 
ATOM   1034 C  CB  . GLU A 1 120 ? 11.545  -10.433 1.092   1.00 22.68 ? 1098 GLU A CB  1 
ATOM   1035 C  CG  . GLU A 1 120 ? 10.477  -10.624 0.007   1.00 23.99 ? 1098 GLU A CG  1 
ATOM   1036 C  CD  . GLU A 1 120 ? 9.008   -10.499 0.448   1.00 27.80 ? 1098 GLU A CD  1 
ATOM   1037 O  OE1 . GLU A 1 120 ? 8.725   -10.227 1.652   1.00 30.06 ? 1098 GLU A OE1 1 
ATOM   1038 O  OE2 . GLU A 1 120 ? 8.078   -10.638 -0.446  1.00 30.34 ? 1098 GLU A OE2 1 
ATOM   1039 N  N   . GLN A 1 121 ? 12.562  -13.430 1.465   1.00 19.99 ? 1099 GLN A N   1 
ATOM   1040 C  CA  . GLN A 1 121 ? 12.604  -14.793 0.948   1.00 22.32 ? 1099 GLN A CA  1 
ATOM   1041 C  C   . GLN A 1 121 ? 12.064  -15.764 1.995   1.00 20.96 ? 1099 GLN A C   1 
ATOM   1042 O  O   . GLN A 1 121 ? 11.270  -16.651 1.674   1.00 23.09 ? 1099 GLN A O   1 
ATOM   1043 C  CB  . GLN A 1 121 ? 14.020  -15.157 0.519   1.00 23.01 ? 1099 GLN A CB  1 
ATOM   1044 C  CG  . GLN A 1 121 ? 14.130  -16.509 -0.191  1.00 25.47 ? 1099 GLN A CG  1 
ATOM   1045 C  CD  . GLN A 1 121 ? 13.268  -16.605 -1.411  1.00 27.84 ? 1099 GLN A CD  1 
ATOM   1046 O  OE1 . GLN A 1 121 ? 13.156  -15.640 -2.179  1.00 32.01 ? 1099 GLN A OE1 1 
ATOM   1047 N  NE2 . GLN A 1 121 ? 12.645  -17.750 -1.608  1.00 27.96 ? 1099 GLN A NE2 1 
ATOM   1048 N  N   . LEU A 1 122 ? 12.485  -15.610 3.252   1.00 19.68 ? 1100 LEU A N   1 
ATOM   1049 C  CA  . LEU A 1 122 ? 11.939  -16.427 4.334   1.00 19.56 ? 1100 LEU A CA  1 
ATOM   1050 C  C   . LEU A 1 122 ? 10.404  -16.340 4.429   1.00 20.81 ? 1100 LEU A C   1 
ATOM   1051 O  O   . LEU A 1 122 ? 9.708   -17.366 4.568   1.00 19.51 ? 1100 LEU A O   1 
ATOM   1052 C  CB  . LEU A 1 122 ? 12.603  -16.071 5.681   1.00 19.70 ? 1100 LEU A CB  1 
ATOM   1053 C  CG  . LEU A 1 122 ? 12.072  -16.749 6.937   1.00 20.94 ? 1100 LEU A CG  1 
ATOM   1054 C  CD1 . LEU A 1 122 ? 12.191  -18.269 6.793   1.00 22.71 ? 1100 LEU A CD1 1 
ATOM   1055 C  CD2 . LEU A 1 122 ? 12.816  -16.241 8.155   1.00 21.87 ? 1100 LEU A CD2 1 
ATOM   1056 N  N   . CYS A 1 123 ? 9.854   -15.122 4.376   1.00 19.68 ? 1101 CYS A N   1 
ATOM   1057 C  CA  . CYS A 1 123 ? 8.392   -14.948 4.426   1.00 20.16 ? 1101 CYS A CA  1 
ATOM   1058 C  C   . CYS A 1 123 ? 7.710   -15.711 3.289   1.00 20.36 ? 1101 CYS A C   1 
ATOM   1059 O  O   . CYS A 1 123 ? 6.713   -16.404 3.520   1.00 22.84 ? 1101 CYS A O   1 
ATOM   1060 C  CB  . CYS A 1 123 ? 8.025   -13.432 4.378   1.00 18.24 ? 1101 CYS A CB  1 
ATOM   1061 S  SG  . CYS A 1 123 ? 8.478   -12.512 5.842   1.00 20.18 ? 1101 CYS A SG  1 
ATOM   1062 N  N   . GLU A 1 124 ? 8.283   -15.624 2.096   1.00 21.72 ? 1102 GLU A N   1 
ATOM   1063 C  CA  . GLU A 1 124 ? 7.743   -16.270 0.903   1.00 26.40 ? 1102 GLU A CA  1 
ATOM   1064 C  C   . GLU A 1 124 ? 7.726   -17.786 1.116   1.00 27.11 ? 1102 GLU A C   1 
ATOM   1065 O  O   . GLU A 1 124 ? 6.732   -18.484 0.839   1.00 26.87 ? 1102 GLU A O   1 
ATOM   1066 C  CB  . GLU A 1 124 ? 8.577   -15.941 -0.333  1.00 29.68 ? 1102 GLU A CB  1 
ATOM   1067 C  CG  . GLU A 1 124 ? 8.243   -14.631 -1.036  1.00 39.19 ? 1102 GLU A CG  1 
ATOM   1068 C  CD  . GLU A 1 124 ? 6.994   -14.728 -1.923  1.00 47.27 ? 1102 GLU A CD  1 
ATOM   1069 O  OE1 . GLU A 1 124 ? 6.370   -15.827 -2.011  1.00 54.43 ? 1102 GLU A OE1 1 
ATOM   1070 O  OE2 . GLU A 1 124 ? 6.631   -13.699 -2.543  1.00 52.47 ? 1102 GLU A OE2 1 
ATOM   1071 N  N   . GLU A 1 125 ? 8.824   -18.291 1.659   1.00 26.32 ? 1103 GLU A N   1 
ATOM   1072 C  CA  . GLU A 1 125 ? 8.930   -19.749 1.896   1.00 26.01 ? 1103 GLU A CA  1 
ATOM   1073 C  C   . GLU A 1 125 ? 7.992   -20.267 2.984   1.00 26.66 ? 1103 GLU A C   1 
ATOM   1074 O  O   . GLU A 1 125 ? 7.420   -21.343 2.815   1.00 32.12 ? 1103 GLU A O   1 
ATOM   1075 C  CB  . GLU A 1 125 ? 10.411  -20.182 2.044   1.00 24.85 ? 1103 GLU A CB  1 
ATOM   1076 C  CG  . GLU A 1 125 ? 11.155  -20.038 0.723   1.00 25.10 ? 1103 GLU A CG  1 
ATOM   1077 C  CD  . GLU A 1 125 ? 12.640  -20.414 0.728   1.00 23.13 ? 1103 GLU A CD  1 
ATOM   1078 O  OE1 . GLU A 1 125 ? 13.152  -20.969 1.716   1.00 22.57 ? 1103 GLU A OE1 1 
ATOM   1079 O  OE2 . GLU A 1 125 ? 13.330  -20.115 -0.269  1.00 24.61 ? 1103 GLU A OE2 1 
ATOM   1080 N  N   . ILE A 1 126 ? 7.769   -19.514 4.057   1.00 25.55 ? 1104 ILE A N   1 
ATOM   1081 C  CA  . ILE A 1 126 ? 6.794   -19.877 5.043   1.00 28.12 ? 1104 ILE A CA  1 
ATOM   1082 C  C   . ILE A 1 126 ? 5.407   -19.842 4.385   1.00 32.15 ? 1104 ILE A C   1 
ATOM   1083 O  O   . ILE A 1 126 ? 4.659   -20.795 4.482   1.00 35.54 ? 1104 ILE A O   1 
ATOM   1084 C  CB  . ILE A 1 126 ? 6.823   -18.963 6.271   1.00 25.29 ? 1104 ILE A CB  1 
ATOM   1085 C  CG1 . ILE A 1 126 ? 8.224   -18.936 6.916   1.00 24.70 ? 1104 ILE A CG1 1 
ATOM   1086 C  CG2 . ILE A 1 126 ? 5.760   -19.410 7.282   1.00 26.72 ? 1104 ILE A CG2 1 
ATOM   1087 C  CD1 . ILE A 1 126 ? 8.423   -17.856 7.955   1.00 25.54 ? 1104 ILE A CD1 1 
ATOM   1088 N  N   . GLN A 1 127 ? 5.078   -18.745 3.698   1.00 34.30 ? 1105 GLN A N   1 
ATOM   1089 C  CA  . GLN A 1 127 ? 3.753   -18.589 3.042   1.00 35.16 ? 1105 GLN A CA  1 
ATOM   1090 C  C   . GLN A 1 127 ? 3.491   -19.782 2.106   1.00 35.36 ? 1105 GLN A C   1 
ATOM   1091 O  O   . GLN A 1 127 ? 2.441   -20.431 2.186   1.00 35.42 ? 1105 GLN A O   1 
ATOM   1092 C  CB  . GLN A 1 127 ? 3.687   -17.272 2.243   1.00 34.32 ? 1105 GLN A CB  1 
ATOM   1093 C  CG  . GLN A 1 127 ? 2.362   -17.016 1.511   1.00 38.29 ? 1105 GLN A CG  1 
ATOM   1094 C  CD  . GLN A 1 127 ? 2.437   -15.846 0.535   1.00 43.36 ? 1105 GLN A CD  1 
ATOM   1095 O  OE1 . GLN A 1 127 ? 3.324   -15.792 -0.316  1.00 51.47 ? 1105 GLN A OE1 1 
ATOM   1096 N  NE2 . GLN A 1 127 ? 1.498   -14.906 0.649   1.00 43.81 ? 1105 GLN A NE2 1 
ATOM   1097 N  N   . GLU A 1 128 ? 4.455   -20.059 1.234   1.00 37.19 ? 1106 GLU A N   1 
ATOM   1098 C  CA  A GLU A 1 128 ? 4.366   -21.153 0.258   0.50 40.87 ? 1106 GLU A CA  1 
ATOM   1099 C  CA  B GLU A 1 128 ? 4.319   -21.142 0.263   0.50 40.15 ? 1106 GLU A CA  1 
ATOM   1100 C  C   . GLU A 1 128 ? 4.178   -22.520 0.921   1.00 43.16 ? 1106 GLU A C   1 
ATOM   1101 O  O   . GLU A 1 128 ? 3.576   -23.428 0.329   1.00 47.95 ? 1106 GLU A O   1 
ATOM   1102 C  CB  A GLU A 1 128 ? 5.623   -21.173 -0.624  0.50 40.45 ? 1106 GLU A CB  1 
ATOM   1103 C  CB  B GLU A 1 128 ? 5.485   -21.120 -0.731  0.50 38.84 ? 1106 GLU A CB  1 
ATOM   1104 C  CG  A GLU A 1 128 ? 5.676   -22.286 -1.661  0.50 42.91 ? 1106 GLU A CG  1 
ATOM   1105 C  CG  B GLU A 1 128 ? 5.399   -19.949 -1.701  0.50 40.30 ? 1106 GLU A CG  1 
ATOM   1106 C  CD  A GLU A 1 128 ? 4.422   -22.359 -2.509  0.50 43.32 ? 1106 GLU A CD  1 
ATOM   1107 C  CD  B GLU A 1 128 ? 6.714   -19.616 -2.367  0.50 41.14 ? 1106 GLU A CD  1 
ATOM   1108 O  OE1 A GLU A 1 128 ? 3.909   -23.477 -2.706  0.50 46.15 ? 1106 GLU A OE1 1 
ATOM   1109 O  OE1 B GLU A 1 128 ? 7.738   -20.255 -2.046  0.50 39.21 ? 1106 GLU A OE1 1 
ATOM   1110 O  OE2 A GLU A 1 128 ? 3.947   -21.304 -2.975  0.50 44.16 ? 1106 GLU A OE2 1 
ATOM   1111 O  OE2 B GLU A 1 128 ? 6.721   -18.698 -3.216  0.50 43.64 ? 1106 GLU A OE2 1 
ATOM   1112 N  N   . SER A 1 129 ? 4.701   -22.674 2.140   1.00 44.68 ? 1107 SER A N   1 
ATOM   1113 C  CA  . SER A 1 129 ? 4.566   -23.918 2.918   1.00 48.78 ? 1107 SER A CA  1 
ATOM   1114 C  C   . SER A 1 129 ? 3.173   -24.118 3.544   1.00 52.67 ? 1107 SER A C   1 
ATOM   1115 O  O   . SER A 1 129 ? 2.913   -25.180 4.106   1.00 54.59 ? 1107 SER A O   1 
ATOM   1116 C  CB  . SER A 1 129 ? 5.605   -23.976 4.054   1.00 45.65 ? 1107 SER A CB  1 
ATOM   1117 O  OG  . SER A 1 129 ? 5.115   -23.332 5.233   1.00 41.22 ? 1107 SER A OG  1 
ATOM   1118 N  N   . ARG A 1 130 ? 2.304   -23.109 3.487   1.00 54.86 ? 1108 ARG A N   1 
ATOM   1119 C  CA  . ARG A 1 130 ? 0.980   -23.205 4.120   1.00 61.93 ? 1108 ARG A CA  1 
ATOM   1120 C  C   . ARG A 1 130 ? -0.126  -23.534 3.111   1.00 66.39 ? 1108 ARG A C   1 
ATOM   1121 O  O   . ARG A 1 130 ? 0.077   -23.557 1.885   1.00 65.86 ? 1108 ARG A O   1 
ATOM   1122 C  CB  . ARG A 1 130 ? 0.666   -21.918 4.892   1.00 60.66 ? 1108 ARG A CB  1 
ATOM   1123 C  CG  . ARG A 1 130 ? 1.831   -21.498 5.777   1.00 62.82 ? 1108 ARG A CG  1 
ATOM   1124 C  CD  . ARG A 1 130 ? 1.438   -20.664 6.988   1.00 61.75 ? 1108 ARG A CD  1 
ATOM   1125 N  NE  . ARG A 1 130 ? 2.404   -20.829 8.081   1.00 60.12 ? 1108 ARG A NE  1 
ATOM   1126 C  CZ  . ARG A 1 130 ? 2.417   -20.116 9.210   1.00 59.09 ? 1108 ARG A CZ  1 
ATOM   1127 N  NH1 . ARG A 1 130 ? 3.344   -20.357 10.136  1.00 57.33 ? 1108 ARG A NH1 1 
ATOM   1128 N  NH2 . ARG A 1 130 ? 1.517   -19.159 9.425   1.00 59.95 ? 1108 ARG A NH2 1 
ATOM   1129 O  OXT . ARG A 1 130 ? -1.256  -23.810 3.518   1.00 69.76 ? 1108 ARG A OXT 1 
HETATM 1130 S  S   . SO4 B 2 .   ? 1.408   -7.646  16.347  1.00 32.98 ? 1201 SO4 A S   1 
HETATM 1131 O  O1  . SO4 B 2 .   ? 0.276   -6.749  16.669  1.00 31.85 ? 1201 SO4 A O1  1 
HETATM 1132 O  O2  . SO4 B 2 .   ? 2.527   -7.293  17.278  1.00 37.83 ? 1201 SO4 A O2  1 
HETATM 1133 O  O3  . SO4 B 2 .   ? 1.852   -7.290  15.007  1.00 34.54 ? 1201 SO4 A O3  1 
HETATM 1134 O  O4  . SO4 B 2 .   ? 1.189   -9.071  16.543  1.00 31.14 ? 1201 SO4 A O4  1 
HETATM 1135 CL CL  . CL  C 3 .   ? -3.221  20.148  -1.740  1.00 66.34 ? 1202 CL  A CL  1 
HETATM 1136 C  C1  . GOL D 4 .   ? 12.436  -6.552  8.735   1.00 33.40 ? 1203 GOL A C1  1 
HETATM 1137 O  O1  . GOL D 4 .   ? 12.523  -5.986  10.035  1.00 29.48 ? 1203 GOL A O1  1 
HETATM 1138 C  C2  . GOL D 4 .   ? 13.593  -6.020  7.893   1.00 35.87 ? 1203 GOL A C2  1 
HETATM 1139 O  O2  . GOL D 4 .   ? 14.421  -5.095  8.603   1.00 39.59 ? 1203 GOL A O2  1 
HETATM 1140 C  C3  . GOL D 4 .   ? 14.520  -7.131  7.508   1.00 39.90 ? 1203 GOL A C3  1 
HETATM 1141 O  O3  . GOL D 4 .   ? 15.377  -6.473  6.584   1.00 38.34 ? 1203 GOL A O3  1 
HETATM 1142 C  CAF . 36Z E 5 .   ? -10.790 12.120  -6.807  0.75 41.30 ? 1204 36Z A CAF 1 
HETATM 1143 C  CAE . 36Z E 5 .   ? -9.809  11.096  -6.216  0.75 40.05 ? 1204 36Z A CAE 1 
HETATM 1144 O  OAA . 36Z E 5 .   ? -9.424  9.923   -6.861  0.75 38.56 ? 1204 36Z A OAA 1 
HETATM 1145 N  NAB . 36Z E 5 .   ? -8.647  9.354   -6.162  0.75 32.42 ? 1204 36Z A NAB 1 
HETATM 1146 C  CAC . 36Z E 5 .   ? -8.449  10.031  -5.043  0.75 35.79 ? 1204 36Z A CAC 1 
HETATM 1147 C  CAG . 36Z E 5 .   ? -7.500  9.561   -3.920  0.75 35.40 ? 1204 36Z A CAG 1 
HETATM 1148 C  CAD . 36Z E 5 .   ? -9.181  11.131  -5.049  0.75 39.72 ? 1204 36Z A CAD 1 
HETATM 1149 C  CAH . 36Z E 5 .   ? -9.177  12.073  -4.091  0.75 43.84 ? 1204 36Z A CAH 1 
HETATM 1150 C  CAM . 36Z E 5 .   ? -9.268  11.737  -2.735  0.75 47.25 ? 1204 36Z A CAM 1 
HETATM 1151 C  CAI . 36Z E 5 .   ? -8.997  13.419  -4.446  0.75 45.27 ? 1204 36Z A CAI 1 
HETATM 1152 C  CAJ . 36Z E 5 .   ? -8.947  14.413  -3.468  0.75 46.26 ? 1204 36Z A CAJ 1 
HETATM 1153 N  NAR . 36Z E 5 .   ? -8.791  15.681  -3.821  0.75 46.73 ? 1204 36Z A NAR 1 
HETATM 1154 C  CAK . 36Z E 5 .   ? -9.056  14.076  -2.123  0.75 48.07 ? 1204 36Z A CAK 1 
HETATM 1155 C  CAL . 36Z E 5 .   ? -9.219  12.732  -1.747  0.75 50.97 ? 1204 36Z A CAL 1 
HETATM 1156 C  CAN . 36Z E 5 .   ? -9.308  12.395  -0.388  0.75 51.80 ? 1204 36Z A CAN 1 
HETATM 1157 O  OAO . 36Z E 5 .   ? -9.197  13.276  0.471   0.75 53.19 ? 1204 36Z A OAO 1 
HETATM 1158 O  OAP . 36Z E 5 .   ? -9.411  11.049  -0.118  0.75 50.38 ? 1204 36Z A OAP 1 
HETATM 1159 C  CAQ . 36Z E 5 .   ? -10.015 10.697  1.134   0.75 49.09 ? 1204 36Z A CAQ 1 
HETATM 1160 O  O   . HOH F 6 .   ? -8.530  12.048  -20.156 1.00 46.40 ? 1301 HOH A O   1 
HETATM 1161 O  O   . HOH F 6 .   ? 7.086   -23.496 6.720   1.00 40.08 ? 1302 HOH A O   1 
HETATM 1162 O  O   . HOH F 6 .   ? -8.614  20.728  -19.822 1.00 39.79 ? 1303 HOH A O   1 
HETATM 1163 O  O   . HOH F 6 .   ? 5.084   -5.210  20.872  1.00 34.33 ? 1304 HOH A O   1 
HETATM 1164 O  O   . HOH F 6 .   ? 8.229   -23.343 1.458   1.00 32.46 ? 1305 HOH A O   1 
HETATM 1165 O  O   . HOH F 6 .   ? 15.097  4.622   3.329   1.00 32.95 ? 1306 HOH A O   1 
HETATM 1166 O  O   . HOH F 6 .   ? -10.812 13.075  -14.430 1.00 37.87 ? 1307 HOH A O   1 
HETATM 1167 O  O   . HOH F 6 .   ? -14.696 0.477   -13.830 1.00 48.07 ? 1308 HOH A O   1 
HETATM 1168 O  O   . HOH F 6 .   ? -6.437  -5.914  -2.054  1.00 41.25 ? 1309 HOH A O   1 
HETATM 1169 O  O   . HOH F 6 .   ? 7.269   5.034   11.063  1.00 39.20 ? 1310 HOH A O   1 
HETATM 1170 O  O   . HOH F 6 .   ? -6.199  -2.121  12.918  1.00 29.27 ? 1311 HOH A O   1 
HETATM 1171 O  O   . HOH F 6 .   ? -1.009  19.882  -11.588 1.00 25.93 ? 1312 HOH A O   1 
HETATM 1172 O  O   . HOH F 6 .   ? -16.070 -0.564  -5.562  1.00 38.34 ? 1313 HOH A O   1 
HETATM 1173 O  O   . HOH F 6 .   ? 10.391  -22.762 12.265  1.00 49.92 ? 1314 HOH A O   1 
HETATM 1174 O  O   . HOH F 6 .   ? 15.051  -19.795 16.612  1.00 69.50 ? 1315 HOH A O   1 
HETATM 1175 O  O   . HOH F 6 .   ? 10.058  -0.241  8.965   1.00 33.78 ? 1316 HOH A O   1 
HETATM 1176 O  O   . HOH F 6 .   ? 13.460  -21.504 -2.564  1.00 37.21 ? 1317 HOH A O   1 
HETATM 1177 O  O   . HOH F 6 .   ? 7.557   10.413  6.262   1.00 35.38 ? 1318 HOH A O   1 
HETATM 1178 O  O   . HOH F 6 .   ? -5.552  17.050  -7.169  1.00 38.48 ? 1319 HOH A O   1 
HETATM 1179 O  O   . HOH F 6 .   ? 20.580  -0.478  2.349   1.00 42.31 ? 1320 HOH A O   1 
HETATM 1180 O  O   . HOH F 6 .   ? 14.385  -2.396  8.228   1.00 35.58 ? 1321 HOH A O   1 
HETATM 1181 O  O   . HOH F 6 .   ? 15.283  -9.322  10.515  1.00 21.97 ? 1322 HOH A O   1 
HETATM 1182 O  O   . HOH F 6 .   ? -4.230  -6.164  -4.116  1.00 56.10 ? 1323 HOH A O   1 
HETATM 1183 O  O   . HOH F 6 .   ? -18.579 -1.196  -8.227  1.00 50.95 ? 1324 HOH A O   1 
HETATM 1184 O  O   . HOH F 6 .   ? -14.319 -3.833  -3.481  1.00 39.50 ? 1325 HOH A O   1 
HETATM 1185 O  O   . HOH F 6 .   ? -9.098  17.846  -18.052 1.00 45.53 ? 1326 HOH A O   1 
HETATM 1186 O  O   . HOH F 6 .   ? 1.604   14.172  -13.210 1.00 32.46 ? 1327 HOH A O   1 
HETATM 1187 O  O   . HOH F 6 .   ? -5.311  -9.167  0.594   1.00 47.94 ? 1328 HOH A O   1 
HETATM 1188 O  O   . HOH F 6 .   ? 5.927   11.327  -8.898  1.00 24.15 ? 1329 HOH A O   1 
HETATM 1189 O  O   . HOH F 6 .   ? 12.387  -22.740 3.712   1.00 24.02 ? 1330 HOH A O   1 
HETATM 1190 O  O   . HOH F 6 .   ? 8.838   -22.560 -0.957  1.00 37.19 ? 1331 HOH A O   1 
HETATM 1191 O  O   . HOH F 6 .   ? 12.706  -14.336 11.310  1.00 33.46 ? 1332 HOH A O   1 
HETATM 1192 O  O   . HOH F 6 .   ? 5.858   -0.457  13.460  1.00 26.25 ? 1333 HOH A O   1 
HETATM 1193 O  O   . HOH F 6 .   ? 8.101   9.571   -7.828  1.00 39.94 ? 1334 HOH A O   1 
HETATM 1194 O  O   . HOH F 6 .   ? 11.952  7.560   4.700   1.00 41.72 ? 1335 HOH A O   1 
HETATM 1195 O  O   . HOH F 6 .   ? 17.200  -15.019 -0.642  1.00 34.85 ? 1336 HOH A O   1 
HETATM 1196 O  O   . HOH F 6 .   ? 19.685  -7.377  7.728   1.00 41.36 ? 1337 HOH A O   1 
HETATM 1197 O  O   . HOH F 6 .   ? 15.020  -6.376  12.984  1.00 22.91 ? 1338 HOH A O   1 
HETATM 1198 O  O   . HOH F 6 .   ? 12.766  -3.229  10.589  1.00 35.53 ? 1339 HOH A O   1 
HETATM 1199 O  O   . HOH F 6 .   ? 17.945  -3.794  1.528   1.00 48.21 ? 1340 HOH A O   1 
HETATM 1200 O  O   . HOH F 6 .   ? 9.366   11.838  -4.537  1.00 40.04 ? 1341 HOH A O   1 
HETATM 1201 O  O   . HOH F 6 .   ? -7.665  21.023  -12.511 1.00 38.44 ? 1342 HOH A O   1 
HETATM 1202 O  O   . HOH F 6 .   ? -2.174  20.446  -16.251 1.00 22.36 ? 1343 HOH A O   1 
HETATM 1203 O  O   . HOH F 6 .   ? -8.727  -6.053  0.702   1.00 37.54 ? 1344 HOH A O   1 
HETATM 1204 O  O   . HOH F 6 .   ? -7.522  -4.303  11.605  1.00 28.29 ? 1345 HOH A O   1 
HETATM 1205 O  O   . HOH F 6 .   ? 6.741   14.594  -5.116  1.00 25.57 ? 1346 HOH A O   1 
HETATM 1206 O  O   . HOH F 6 .   ? -2.042  14.242  -19.038 1.00 36.47 ? 1347 HOH A O   1 
HETATM 1207 O  O   . HOH F 6 .   ? 21.105  -11.186 4.501   1.00 40.96 ? 1348 HOH A O   1 
HETATM 1208 O  O   . HOH F 6 .   ? 7.540   -25.003 10.435  1.00 53.76 ? 1349 HOH A O   1 
HETATM 1209 O  O   . HOH F 6 .   ? -18.992 -4.149  -10.850 1.00 37.88 ? 1350 HOH A O   1 
HETATM 1210 O  O   . HOH F 6 .   ? -12.699 9.736   -14.422 1.00 57.40 ? 1351 HOH A O   1 
HETATM 1211 O  O   . HOH F 6 .   ? -1.323  -10.704 16.409  1.00 45.17 ? 1352 HOH A O   1 
HETATM 1212 O  O   . HOH F 6 .   ? 5.686   14.679  8.047   1.00 59.99 ? 1353 HOH A O   1 
HETATM 1213 O  O   . HOH F 6 .   ? -19.516 4.202   -12.792 1.00 67.94 ? 1354 HOH A O   1 
HETATM 1214 O  O   . HOH F 6 .   ? 5.614   7.178   -13.150 1.00 59.74 ? 1355 HOH A O   1 
HETATM 1215 O  O   . HOH F 6 .   ? 20.917  -16.028 1.139   1.00 53.18 ? 1356 HOH A O   1 
HETATM 1216 O  O   . HOH F 6 .   ? -16.677 -3.312  -6.560  1.00 37.52 ? 1357 HOH A O   1 
HETATM 1217 O  O   . HOH F 6 .   ? 1.232   -11.191 18.666  1.00 64.75 ? 1358 HOH A O   1 
HETATM 1218 O  O   . HOH F 6 .   ? -1.655  -7.916  14.664  1.00 41.72 ? 1359 HOH A O   1 
HETATM 1219 O  O   . HOH F 6 .   ? 11.029  -18.626 10.770  1.00 32.45 ? 1360 HOH A O   1 
HETATM 1220 O  O   . HOH F 6 .   ? -12.051 11.288  -17.155 1.00 50.50 ? 1361 HOH A O   1 
HETATM 1221 O  O   . HOH F 6 .   ? 16.622  -1.981  8.036   1.00 40.79 ? 1362 HOH A O   1 
HETATM 1222 O  O   . HOH F 6 .   ? 16.470  -22.950 13.985  1.00 39.79 ? 1363 HOH A O   1 
HETATM 1223 O  O   . HOH F 6 .   ? 10.380  8.474   6.243   1.00 38.78 ? 1364 HOH A O   1 
HETATM 1224 O  O   . HOH F 6 .   ? -4.162  -6.985  15.565  1.00 36.28 ? 1365 HOH A O   1 
HETATM 1225 O  O   . HOH F 6 .   ? -8.832  16.682  -9.959  1.00 53.11 ? 1366 HOH A O   1 
HETATM 1226 O  O   . HOH F 6 .   ? -5.444  24.453  -17.267 1.00 44.97 ? 1367 HOH A O   1 
HETATM 1227 O  O   . HOH F 6 .   ? -5.002  18.502  -2.836  1.00 55.99 ? 1368 HOH A O   1 
HETATM 1228 O  O   . HOH F 6 .   ? -7.721  15.237  -20.979 1.00 28.09 ? 1369 HOH A O   1 
HETATM 1229 O  O   . HOH F 6 .   ? 17.940  -4.242  6.868   1.00 41.36 ? 1370 HOH A O   1 
HETATM 1230 O  O   . HOH F 6 .   ? 12.601  -16.303 16.061  1.00 55.96 ? 1371 HOH A O   1 
HETATM 1231 O  O   . HOH F 6 .   ? 14.121  -22.281 11.591  1.00 39.31 ? 1372 HOH A O   1 
HETATM 1232 O  O   . HOH F 6 .   ? 4.628   2.002   13.041  1.00 33.58 ? 1373 HOH A O   1 
HETATM 1233 O  O   . HOH F 6 .   ? 12.816  -16.389 13.092  1.00 43.12 ? 1374 HOH A O   1 
HETATM 1234 O  O   . HOH F 6 .   ? 1.723   10.360  13.953  1.00 60.54 ? 1375 HOH A O   1 
HETATM 1235 O  O   . HOH F 6 .   ? 4.293   7.700   16.141  1.00 39.25 ? 1376 HOH A O   1 
HETATM 1236 O  O   . HOH F 6 .   ? -8.999  -7.950  -9.974  1.00 59.42 ? 1377 HOH A O   1 
HETATM 1237 O  O   . HOH F 6 .   ? -11.862 -7.385  -1.764  1.00 42.01 ? 1378 HOH A O   1 
HETATM 1238 O  O   . HOH F 6 .   ? 10.165  15.285  -2.281  1.00 47.78 ? 1379 HOH A O   1 
HETATM 1239 O  O   . HOH F 6 .   ? -8.650  16.353  -7.305  1.00 60.24 ? 1380 HOH A O   1 
HETATM 1240 O  O   . HOH F 6 .   ? 5.836   -27.200 3.089   1.00 64.89 ? 1381 HOH A O   1 
HETATM 1241 O  O   . HOH F 6 .   ? -9.703  21.490  -14.546 1.00 58.75 ? 1382 HOH A O   1 
HETATM 1242 O  O   . HOH F 6 .   ? -7.287  -6.029  13.673  1.00 29.89 ? 1383 HOH A O   1 
HETATM 1243 O  O   . HOH F 6 .   ? 21.763  1.453   0.987   1.00 53.32 ? 1384 HOH A O   1 
HETATM 1244 O  O   . HOH F 6 .   ? 15.616  -25.004 14.965  1.00 56.48 ? 1385 HOH A O   1 
HETATM 1245 O  O   . HOH F 6 .   ? 7.089   13.256  6.147   1.00 69.24 ? 1386 HOH A O   1 
HETATM 1246 O  O   . HOH F 6 .   ? 8.113   13.046  -6.674  1.00 29.11 ? 1387 HOH A O   1 
HETATM 1247 O  O   . HOH F 6 .   ? -9.722  9.711   -20.726 1.00 43.82 ? 1388 HOH A O   1 
HETATM 1248 O  O   . HOH F 6 .   ? 0.317   19.542  0.693   1.00 44.42 ? 1389 HOH A O   1 
HETATM 1249 O  O   . HOH F 6 .   ? -14.044 2.204   -15.753 1.00 48.40 ? 1390 HOH A O   1 
HETATM 1250 O  O   . HOH F 6 .   ? 0.933   21.458  2.899   1.00 59.60 ? 1391 HOH A O   1 
HETATM 1251 O  O   . HOH F 6 .   ? -8.905  24.470  -20.403 1.00 40.20 ? 1392 HOH A O   1 
HETATM 1252 O  O   . HOH F 6 .   ? -16.100 -1.385  -3.118  1.00 40.35 ? 1393 HOH A O   1 
HETATM 1253 O  O   . HOH F 6 .   ? -0.855  7.330   -16.069 1.00 48.93 ? 1394 HOH A O   1 
HETATM 1254 O  O   . HOH F 6 .   ? 10.884  -22.683 -3.319  1.00 42.32 ? 1395 HOH A O   1 
HETATM 1255 O  O   . HOH F 6 .   ? -4.033  1.606   14.167  1.00 47.82 ? 1396 HOH A O   1 
HETATM 1256 O  O   . HOH F 6 .   ? -21.287 -1.867  -8.661  1.00 60.30 ? 1397 HOH A O   1 
HETATM 1257 O  O   . HOH F 6 .   ? -7.106  25.818  -18.602 1.00 56.13 ? 1398 HOH A O   1 
HETATM 1258 O  O   . HOH F 6 .   ? -0.294  20.005  -14.302 1.00 29.20 ? 1399 HOH A O   1 
HETATM 1259 O  O   . HOH F 6 .   ? -12.682 -1.129  -17.260 1.00 71.57 ? 1400 HOH A O   1 
HETATM 1260 O  O   . HOH F 6 .   ? -0.218  -8.641  7.759   1.00 20.01 ? 1401 HOH A O   1 
HETATM 1261 O  O   . HOH F 6 .   ? -1.988  -4.137  -7.426  1.00 20.88 ? 1402 HOH A O   1 
HETATM 1262 O  O   . HOH F 6 .   ? 11.268  3.501   -6.240  1.00 22.40 ? 1403 HOH A O   1 
HETATM 1263 O  O   . HOH F 6 .   ? 0.816   -11.482 9.301   1.00 23.92 ? 1404 HOH A O   1 
HETATM 1264 O  O   . HOH F 6 .   ? -6.077  5.808   -4.940  1.00 24.19 ? 1405 HOH A O   1 
HETATM 1265 O  O   . HOH F 6 .   ? -9.602  -1.202  -8.469  1.00 25.50 ? 1406 HOH A O   1 
HETATM 1266 O  O   . HOH F 6 .   ? -6.575  5.924   -2.166  1.00 26.00 ? 1407 HOH A O   1 
HETATM 1267 O  O   . HOH F 6 .   ? 3.492   -7.065  -5.450  1.00 25.75 ? 1408 HOH A O   1 
HETATM 1268 O  O   . HOH F 6 .   ? -0.524  12.617  4.696   1.00 27.10 ? 1409 HOH A O   1 
HETATM 1269 O  O   . HOH F 6 .   ? 13.189  1.737   -5.802  1.00 26.31 ? 1410 HOH A O   1 
HETATM 1270 O  O   . HOH F 6 .   ? -6.464  -0.062  -10.303 1.00 26.67 ? 1411 HOH A O   1 
HETATM 1271 O  O   . HOH F 6 .   ? -8.094  6.775   -6.580  1.00 26.23 ? 1412 HOH A O   1 
HETATM 1272 O  O   . HOH F 6 .   ? -8.742  3.710   -3.848  1.00 28.70 ? 1413 HOH A O   1 
HETATM 1273 O  O   . HOH F 6 .   ? -2.423  14.570  -0.882  1.00 26.07 ? 1414 HOH A O   1 
HETATM 1274 O  O   . HOH F 6 .   ? -2.434  -2.218  -9.241  1.00 27.28 ? 1415 HOH A O   1 
HETATM 1275 O  O   . HOH F 6 .   ? -6.563  1.960   9.958   1.00 28.25 ? 1416 HOH A O   1 
HETATM 1276 O  O   . HOH F 6 .   ? 11.639  -2.364  -3.831  1.00 28.23 ? 1417 HOH A O   1 
HETATM 1277 O  O   . HOH F 6 .   ? 2.407   -5.268  -7.119  1.00 26.55 ? 1418 HOH A O   1 
HETATM 1278 O  O   . HOH F 6 .   ? -3.742  6.712   6.894   1.00 30.38 ? 1419 HOH A O   1 
HETATM 1279 O  O   . HOH F 6 .   ? 5.967   -5.942  -5.937  1.00 30.32 ? 1420 HOH A O   1 
HETATM 1280 O  O   . HOH F 6 .   ? 0.303   -14.118 10.036  1.00 31.44 ? 1421 HOH A O   1 
HETATM 1281 O  O   . HOH F 6 .   ? -10.195 2.749   0.248   1.00 29.44 ? 1422 HOH A O   1 
HETATM 1282 O  O   . HOH F 6 .   ? 0.095   -5.450  -8.573  1.00 31.20 ? 1423 HOH A O   1 
HETATM 1283 O  O   . HOH F 6 .   ? 16.036  2.688   -2.449  1.00 34.75 ? 1424 HOH A O   1 
HETATM 1284 O  O   . HOH F 6 .   ? 0.896   0.803   -9.387  1.00 31.60 ? 1425 HOH A O   1 
HETATM 1285 O  O   . HOH F 6 .   ? -1.756  10.863  8.361   1.00 31.72 ? 1426 HOH A O   1 
HETATM 1286 O  O   . HOH F 6 .   ? 7.141   9.441   2.837   1.00 30.41 ? 1427 HOH A O   1 
HETATM 1287 O  O   . HOH F 6 .   ? 5.260   15.937  4.957   1.00 32.60 ? 1428 HOH A O   1 
HETATM 1288 O  O   . HOH F 6 .   ? -2.279  -8.079  -1.236  1.00 35.19 ? 1429 HOH A O   1 
HETATM 1289 O  O   . HOH F 6 .   ? 9.669   10.465  -1.372  1.00 33.15 ? 1430 HOH A O   1 
HETATM 1290 O  O   . HOH F 6 .   ? -8.972  5.862   -16.997 1.00 34.71 ? 1431 HOH A O   1 
HETATM 1291 O  O   . HOH F 6 .   ? -11.173 -0.650  -10.849 1.00 35.21 ? 1432 HOH A O   1 
HETATM 1292 O  O   . HOH F 6 .   ? 13.809  -11.748 -1.670  1.00 34.03 ? 1433 HOH A O   1 
HETATM 1293 O  O   . HOH F 6 .   ? 19.077  -7.497  0.900   1.00 36.09 ? 1434 HOH A O   1 
HETATM 1294 O  O   . HOH F 6 .   ? -8.361  -8.356  14.462  1.00 36.13 ? 1435 HOH A O   1 
HETATM 1295 O  O   . HOH F 6 .   ? 4.939   -0.825  -9.316  1.00 36.50 ? 1436 HOH A O   1 
HETATM 1296 O  O   . HOH F 6 .   ? 3.880   -13.228 -2.002  1.00 32.39 ? 1437 HOH A O   1 
HETATM 1297 O  O   . HOH F 6 .   ? -3.915  7.701   -16.211 1.00 34.45 ? 1438 HOH A O   1 
HETATM 1298 O  O   . HOH F 6 .   ? 11.219  7.543   -4.717  1.00 36.34 ? 1439 HOH A O   1 
HETATM 1299 O  O   . HOH F 6 .   ? 15.399  2.964   -5.030  1.00 36.68 ? 1440 HOH A O   1 
HETATM 1300 O  O   . HOH F 6 .   ? -10.724 4.738   -1.617  1.00 35.14 ? 1441 HOH A O   1 
HETATM 1301 O  O   . HOH F 6 .   ? 2.546   -13.789 13.863  1.00 35.22 ? 1442 HOH A O   1 
HETATM 1302 O  O   . HOH F 6 .   ? -1.068  14.879  6.201   1.00 36.77 ? 1443 HOH A O   1 
HETATM 1303 O  O   . HOH F 6 .   ? -8.047  7.696   -0.932  1.00 37.11 ? 1444 HOH A O   1 
HETATM 1304 O  O   . HOH F 6 .   ? 9.032   9.467   -5.053  1.00 36.48 ? 1445 HOH A O   1 
HETATM 1305 O  O   . HOH F 6 .   ? -1.476  17.658  1.714   1.00 37.19 ? 1446 HOH A O   1 
HETATM 1306 O  O   . HOH F 6 .   ? 11.689  8.063   1.831   1.00 37.24 ? 1447 HOH A O   1 
HETATM 1307 O  O   . HOH F 6 .   ? -6.624  0.571   12.221  1.00 36.17 ? 1448 HOH A O   1 
HETATM 1308 O  O   . HOH F 6 .   ? -9.049  -3.785  -8.986  1.00 37.78 ? 1449 HOH A O   1 
HETATM 1309 O  O   . HOH F 6 .   ? 11.798  6.474   -0.306  1.00 34.68 ? 1450 HOH A O   1 
HETATM 1310 O  O   . HOH F 6 .   ? -2.436  4.553   7.880   1.00 37.70 ? 1451 HOH A O   1 
HETATM 1311 O  O   . HOH F 6 .   ? 12.621  -1.167  -6.159  1.00 35.84 ? 1452 HOH A O   1 
HETATM 1312 O  O   . HOH F 6 .   ? 9.738   8.903   3.299   1.00 41.64 ? 1453 HOH A O   1 
HETATM 1313 O  O   . HOH F 6 .   ? 12.411  7.906   -2.332  1.00 39.12 ? 1454 HOH A O   1 
HETATM 1314 O  O   . HOH F 6 .   ? -13.444 4.276   -1.598  1.00 36.99 ? 1455 HOH A O   1 
HETATM 1315 O  O   . HOH F 6 .   ? -4.253  13.011  -19.890 1.00 36.75 ? 1456 HOH A O   1 
HETATM 1316 O  O   . HOH F 6 .   ? -6.755  -2.831  -10.580 1.00 38.77 ? 1457 HOH A O   1 
HETATM 1317 O  O   . HOH F 6 .   ? 12.434  5.997   -6.655  1.00 39.03 ? 1458 HOH A O   1 
HETATM 1318 O  O   . HOH F 6 .   ? -4.254  -5.846  -7.144  1.00 41.76 ? 1459 HOH A O   1 
HETATM 1319 O  O   . HOH F 6 .   ? -3.756  9.492   -18.237 1.00 37.66 ? 1460 HOH A O   1 
HETATM 1320 O  O   . HOH F 6 .   ? 1.285   2.539   10.451  1.00 37.93 ? 1461 HOH A O   1 
HETATM 1321 O  O   . HOH F 6 .   ? 14.170  5.422   0.529   1.00 37.41 ? 1462 HOH A O   1 
HETATM 1322 O  O   . HOH F 6 .   ? -3.462  17.124  -0.075  1.00 40.12 ? 1463 HOH A O   1 
HETATM 1323 O  O   . HOH F 6 .   ? 13.275  -4.544  -2.759  1.00 40.41 ? 1464 HOH A O   1 
HETATM 1324 O  O   . HOH F 6 .   ? -0.127  4.837   9.764   1.00 40.96 ? 1465 HOH A O   1 
HETATM 1325 O  O   . HOH F 6 .   ? -5.838  -9.981  13.652  1.00 41.92 ? 1466 HOH A O   1 
HETATM 1326 O  O   . HOH F 6 .   ? -3.542  8.652   8.676   1.00 42.34 ? 1467 HOH A O   1 
HETATM 1327 O  O   . HOH F 6 .   ? 14.849  -5.136  -0.522  1.00 44.47 ? 1468 HOH A O   1 
HETATM 1328 O  O   . HOH F 6 .   ? -10.267 -5.187  -10.738 1.00 39.94 ? 1469 HOH A O   1 
HETATM 1329 O  O   . HOH F 6 .   ? 6.241   15.970  1.962   1.00 41.24 ? 1470 HOH A O   1 
HETATM 1330 O  O   . HOH F 6 .   ? -9.858  0.458   7.806   1.00 40.46 ? 1471 HOH A O   1 
HETATM 1331 O  O   . HOH F 6 .   ? -2.920  -10.010 0.843   1.00 42.14 ? 1472 HOH A O   1 
HETATM 1332 O  O   . HOH F 6 .   ? 14.831  5.718   -5.590  1.00 42.84 ? 1473 HOH A O   1 
HETATM 1333 O  O   . HOH F 6 .   ? 1.535   2.281   -11.412 1.00 42.96 ? 1474 HOH A O   1 
HETATM 1334 O  O   . HOH F 6 .   ? -0.104  -1.767  -10.860 1.00 40.38 ? 1475 HOH A O   1 
HETATM 1335 O  O   . HOH F 6 .   ? -0.989  1.901   -13.282 1.00 47.08 ? 1476 HOH A O   1 
HETATM 1336 O  O   . HOH F 6 .   ? 18.502  1.334   -2.339  1.00 43.21 ? 1477 HOH A O   1 
HETATM 1337 O  O   . HOH F 6 .   ? -3.956  15.024  -4.650  1.00 42.43 ? 1478 HOH A O   1 
HETATM 1338 O  O   . HOH F 6 .   ? 15.012  7.246   -3.320  1.00 43.35 ? 1479 HOH A O   1 
HETATM 1339 O  O   . HOH F 6 .   ? -11.370 -2.849  -1.810  1.00 51.78 ? 1480 HOH A O   1 
HETATM 1340 O  O   . HOH F 6 .   ? -4.784  4.144   10.110  1.00 46.37 ? 1481 HOH A O   1 
HETATM 1341 O  O   . HOH F 6 .   ? 1.029   14.839  8.015   1.00 45.45 ? 1482 HOH A O   1 
HETATM 1342 O  O   . HOH F 6 .   ? 16.065  -13.486 -2.479  1.00 45.04 ? 1483 HOH A O   1 
HETATM 1343 O  O   . HOH F 6 .   ? 7.850   0.202   -8.949  1.00 45.68 ? 1484 HOH A O   1 
HETATM 1344 O  O   . HOH F 6 .   ? -10.278 2.514   6.208   1.00 48.10 ? 1485 HOH A O   1 
HETATM 1345 O  O   . HOH F 6 .   ? 3.091   5.184   -13.912 1.00 42.04 ? 1486 HOH A O   1 
HETATM 1346 O  O   . HOH F 6 .   ? 1.998   -12.941 16.453  1.00 49.37 ? 1487 HOH A O   1 
HETATM 1347 O  O   . HOH F 6 .   ? 16.460  5.221   -1.241  1.00 45.59 ? 1488 HOH A O   1 
HETATM 1348 O  O   . HOH F 6 .   ? 13.537  -8.338  -1.238  1.00 47.51 ? 1489 HOH A O   1 
HETATM 1349 O  O   . HOH F 6 .   ? 4.096   0.323   -11.855 1.00 45.54 ? 1490 HOH A O   1 
HETATM 1350 O  O   . HOH F 6 .   ? -6.013  16.289  -4.436  1.00 47.50 ? 1491 HOH A O   1 
HETATM 1351 O  O   . HOH F 6 .   ? -2.786  -15.592 11.482  1.00 52.66 ? 1492 HOH A O   1 
HETATM 1352 O  O   . HOH F 6 .   ? -1.210  -0.916  -13.363 1.00 52.50 ? 1493 HOH A O   1 
HETATM 1353 O  O   . HOH F 6 .   ? -13.522 8.721   3.772   1.00 48.42 ? 1494 HOH A O   1 
HETATM 1354 O  O   . HOH F 6 .   ? -14.411 2.427   -0.158  1.00 47.20 ? 1495 HOH A O   1 
HETATM 1355 O  O   . HOH F 6 .   ? 1.487   -16.017 12.298  1.00 44.95 ? 1496 HOH A O   1 
HETATM 1356 O  O   . HOH F 6 .   ? 9.245   2.299   -8.057  1.00 49.57 ? 1497 HOH A O   1 
HETATM 1357 O  O   . HOH F 6 .   ? -3.642  2.548   -13.595 1.00 47.30 ? 1498 HOH A O   1 
HETATM 1358 O  O   . HOH F 6 .   ? -3.140  -14.695 6.595   1.00 54.42 ? 1499 HOH A O   1 
HETATM 1359 O  O   . HOH F 6 .   ? 11.039  -6.587  -2.752  1.00 51.82 ? 1500 HOH A O   1 
HETATM 1360 O  O   . HOH F 6 .   ? -5.995  -5.187  -9.203  1.00 51.64 ? 1501 HOH A O   1 
HETATM 1361 O  O   . HOH F 6 .   ? -4.363  -1.800  -13.331 1.00 51.60 ? 1502 HOH A O   1 
HETATM 1362 O  O   . HOH F 6 .   ? -5.700  -12.368 12.570  1.00 56.42 ? 1503 HOH A O   1 
HETATM 1363 O  O   . HOH F 6 .   ? -15.820 0.423   -1.181  1.00 56.85 ? 1504 HOH A O   1 
HETATM 1364 O  O   . HOH F 6 .   ? 6.983   -23.920 17.822  1.00 48.96 ? 1505 HOH A O   1 
HETATM 1365 O  O   . HOH F 6 .   ? -12.399 1.542   1.444   1.00 56.02 ? 1506 HOH A O   1 
HETATM 1366 O  O   . HOH F 6 .   ? 3.356   -9.268  -7.032  1.00 50.94 ? 1507 HOH A O   1 
HETATM 1367 O  O   . HOH F 6 .   ? -3.803  4.130   -15.910 1.00 57.19 ? 1508 HOH A O   1 
HETATM 1368 O  O   . HOH F 6 .   ? -3.745  13.020  7.604   1.00 52.09 ? 1509 HOH A O   1 
HETATM 1369 O  O   . HOH F 6 .   ? -6.180  11.541  6.906   1.00 52.03 ? 1510 HOH A O   1 
HETATM 1370 O  O   . HOH F 6 .   ? -13.026 12.142  -0.897  1.00 50.77 ? 1511 HOH A O   1 
HETATM 1371 O  O   . HOH F 6 .   ? -4.254  -12.754 2.883   1.00 48.01 ? 1512 HOH A O   1 
HETATM 1372 O  O   . HOH F 6 .   ? -9.534  -3.514  2.149   1.00 54.79 ? 1513 HOH A O   1 
HETATM 1373 O  O   . HOH F 6 .   ? 2.548   -21.129 13.620  1.00 57.27 ? 1514 HOH A O   1 
HETATM 1374 O  O   . HOH F 6 .   ? 12.330  10.744  -2.193  1.00 59.99 ? 1515 HOH A O   1 
HETATM 1375 O  O   . HOH F 6 .   ? -10.196 3.030   -16.815 1.00 54.12 ? 1516 HOH A O   1 
HETATM 1376 O  O   . HOH F 6 .   ? -2.435  -12.308 -0.888  1.00 54.47 ? 1517 HOH A O   1 
HETATM 1377 O  O   . HOH F 6 .   ? 9.136   -8.184  -2.524  1.00 64.29 ? 1518 HOH A O   1 
HETATM 1378 O  O   . HOH F 6 .   ? 8.712   -6.676  -4.614  1.00 55.87 ? 1519 HOH A O   1 
HETATM 1379 O  O   . HOH F 6 .   ? -0.834  -13.562 16.449  1.00 56.34 ? 1520 HOH A O   1 
HETATM 1380 O  O   . HOH F 6 .   ? -5.599  5.678   -17.370 1.00 57.49 ? 1521 HOH A O   1 
HETATM 1381 O  O   . HOH F 6 .   ? 2.384   -18.306 12.244  1.00 55.88 ? 1522 HOH A O   1 
HETATM 1382 O  O   . HOH F 6 .   ? -10.038 -1.166  0.823   1.00 51.79 ? 1523 HOH A O   1 
HETATM 1383 O  O   . HOH F 6 .   ? -6.543  -13.972 5.887   1.00 55.27 ? 1524 HOH A O   1 
HETATM 1384 O  O   . HOH F 6 .   ? 9.623   -18.465 -3.242  1.00 58.43 ? 1525 HOH A O   1 
HETATM 1385 O  O   . HOH F 6 .   ? -15.723 4.367   1.996   1.00 65.02 ? 1526 HOH A O   1 
HETATM 1386 O  O   . HOH F 6 .   ? 5.261   -3.484  -9.904  1.00 54.24 ? 1527 HOH A O   1 
HETATM 1387 O  O   . HOH F 6 .   ? 14.788  -4.515  -5.092  1.00 58.32 ? 1528 HOH A O   1 
HETATM 1388 O  O   . HOH F 6 .   ? 9.753   -22.176 16.695  1.00 58.63 ? 1529 HOH A O   1 
HETATM 1389 O  O   . HOH F 6 .   ? 7.176   8.255   -10.992 1.00 61.11 ? 1530 HOH A O   1 
HETATM 1390 O  O   . HOH F 6 .   ? -18.095 6.439   -4.226  1.00 59.46 ? 1531 HOH A O   1 
HETATM 1391 O  O   . HOH F 6 .   ? -17.920 12.357  -8.751  1.00 72.95 ? 1532 HOH A O   1 
HETATM 1392 O  O   . HOH F 6 .   ? 20.441  -10.177 1.725   1.00 56.73 ? 1533 HOH A O   1 
HETATM 1393 O  O   . HOH F 6 .   ? 4.000   -23.090 8.135   1.00 66.29 ? 1534 HOH A O   1 
HETATM 1394 O  O   . HOH F 6 .   ? 0.007   -18.756 2.748   1.00 63.35 ? 1535 HOH A O   1 
HETATM 1395 O  O   . HOH F 6 .   ? -1.791  -15.743 8.897   1.00 53.38 ? 1536 HOH A O   1 
HETATM 1396 O  O   . HOH F 6 .   ? 19.782  -1.292  -1.914  1.00 56.17 ? 1537 HOH A O   1 
HETATM 1397 O  O   . HOH F 6 .   ? 2.112   -25.842 0.951   1.00 62.32 ? 1538 HOH A O   1 
HETATM 1398 O  O   . HOH F 6 .   ? 15.253  -2.629  -7.116  1.00 63.10 ? 1539 HOH A O   1 
HETATM 1399 O  O   . HOH F 6 .   ? -1.199  -19.103 5.360   1.00 54.17 ? 1540 HOH A O   1 
HETATM 1400 O  O   . HOH F 6 .   ? 18.878  -3.649  -3.880  1.00 65.16 ? 1541 HOH A O   1 
HETATM 1401 O  O   . HOH F 6 .   ? 1.674   -3.665  -10.619 1.00 59.86 ? 1542 HOH A O   1 
HETATM 1402 O  O   . HOH F 6 .   ? -1.290  -10.467 -2.821  1.00 56.75 ? 1543 HOH A O   1 
HETATM 1403 O  O   . HOH F 6 .   ? 0.849   -14.373 -2.719  1.00 72.00 ? 1544 HOH A O   1 
HETATM 1404 O  O   . HOH F 6 .   ? -0.466  -8.534  -8.973  1.00 59.29 ? 1545 HOH A O   1 
HETATM 1405 O  O   . HOH F 6 .   ? -5.784  9.973   9.212   1.00 62.64 ? 1546 HOH A O   1 
HETATM 1406 O  O   . HOH F 6 .   ? 12.033  7.083   -9.206  1.00 62.65 ? 1547 HOH A O   1 
HETATM 1407 O  O   . HOH F 6 .   ? 2.140   -19.212 -1.846  1.00 59.86 ? 1548 HOH A O   1 
HETATM 1408 O  O   . HOH F 6 .   ? -11.413 -3.002  -12.402 1.00 58.03 ? 1549 HOH A O   1 
HETATM 1409 O  O   . HOH F 6 .   ? 17.307  -4.895  -1.814  1.00 71.86 ? 1550 HOH A O   1 
HETATM 1410 O  O   . HOH F 6 .   ? 4.541   -25.820 12.792  1.00 65.42 ? 1551 HOH A O   1 
HETATM 1411 O  O   . HOH F 6 .   ? -0.939  -15.210 2.164   1.00 68.09 ? 1552 HOH A O   1 
HETATM 1412 O  O   . HOH F 6 .   ? -2.815  -15.861 14.254  1.00 71.03 ? 1553 HOH A O   1 
# 
loop_
_pdbx_poly_seq_scheme.asym_id 
_pdbx_poly_seq_scheme.entity_id 
_pdbx_poly_seq_scheme.seq_id 
_pdbx_poly_seq_scheme.mon_id 
_pdbx_poly_seq_scheme.ndb_seq_num 
_pdbx_poly_seq_scheme.pdb_seq_num 
_pdbx_poly_seq_scheme.auth_seq_num 
_pdbx_poly_seq_scheme.pdb_mon_id 
_pdbx_poly_seq_scheme.auth_mon_id 
_pdbx_poly_seq_scheme.pdb_strand_id 
_pdbx_poly_seq_scheme.pdb_ins_code 
_pdbx_poly_seq_scheme.hetero 
A 1 1   SER 1   979  979  SER SER A . n 
A 1 2   MET 2   980  980  MET MET A . n 
A 1 3   GLN 3   981  981  GLN GLN A . n 
A 1 4   GLU 4   982  982  GLU GLU A . n 
A 1 5   GLU 5   983  983  GLU GLU A . n 
A 1 6   ASP 6   984  984  ASP ASP A . n 
A 1 7   THR 7   985  985  THR THR A . n 
A 1 8   PHE 8   986  986  PHE PHE A . n 
A 1 9   ARG 9   987  987  ARG ARG A . n 
A 1 10  GLU 10  988  988  GLU GLU A . n 
A 1 11  LEU 11  989  989  LEU LEU A . n 
A 1 12  ARG 12  990  990  ARG ARG A . n 
A 1 13  ILE 13  991  991  ILE ILE A . n 
A 1 14  PHE 14  992  992  PHE PHE A . n 
A 1 15  LEU 15  993  993  LEU LEU A . n 
A 1 16  ARG 16  994  994  ARG ARG A . n 
A 1 17  ASN 17  995  995  ASN ASN A . n 
A 1 18  VAL 18  996  996  VAL VAL A . n 
A 1 19  THR 19  997  997  THR THR A . n 
A 1 20  HIS 20  998  998  HIS HIS A . n 
A 1 21  ARG 21  999  999  ARG ARG A . n 
A 1 22  LEU 22  1000 1000 LEU LEU A . n 
A 1 23  ALA 23  1001 1001 ALA ALA A . n 
A 1 24  ILE 24  1002 1002 ILE ILE A . n 
A 1 25  ASP 25  1003 1003 ASP ASP A . n 
A 1 26  LYS 26  1004 1004 LYS LYS A . n 
A 1 27  ARG 27  1005 1005 ARG ARG A . n 
A 1 28  PHE 28  1006 1006 PHE PHE A . n 
A 1 29  ARG 29  1007 1007 ARG ARG A . n 
A 1 30  VAL 30  1008 1008 VAL VAL A . n 
A 1 31  PHE 31  1009 1009 PHE PHE A . n 
A 1 32  THR 32  1010 1010 THR THR A . n 
A 1 33  LYS 33  1011 1011 LYS LYS A . n 
A 1 34  PRO 34  1012 1012 PRO PRO A . n 
A 1 35  VAL 35  1013 1013 VAL VAL A . n 
A 1 36  ASP 36  1014 1014 ASP ASP A . n 
A 1 37  PRO 37  1015 1015 PRO PRO A . n 
A 1 38  ASP 38  1016 1016 ASP ASP A . n 
A 1 39  GLU 39  1017 1017 GLU GLU A . n 
A 1 40  VAL 40  1018 1018 VAL VAL A . n 
A 1 41  PRO 41  1019 1019 PRO PRO A . n 
A 1 42  ASP 42  1020 1020 ASP ASP A . n 
A 1 43  TYR 43  1021 1021 TYR TYR A . n 
A 1 44  VAL 44  1022 1022 VAL VAL A . n 
A 1 45  THR 45  1023 1023 THR THR A . n 
A 1 46  VAL 46  1024 1024 VAL VAL A . n 
A 1 47  ILE 47  1025 1025 ILE ILE A . n 
A 1 48  LYS 48  1026 1026 LYS LYS A . n 
A 1 49  GLN 49  1027 1027 GLN GLN A . n 
A 1 50  PRO 50  1028 1028 PRO PRO A . n 
A 1 51  MET 51  1029 1029 MET MET A . n 
A 1 52  ASP 52  1030 1030 ASP ASP A . n 
A 1 53  LEU 53  1031 1031 LEU LEU A . n 
A 1 54  SER 54  1032 1032 SER SER A . n 
A 1 55  SER 55  1033 1033 SER SER A . n 
A 1 56  VAL 56  1034 1034 VAL VAL A . n 
A 1 57  ILE 57  1035 1035 ILE ILE A . n 
A 1 58  SER 58  1036 1036 SER SER A . n 
A 1 59  LYS 59  1037 1037 LYS LYS A . n 
A 1 60  ILE 60  1038 1038 ILE ILE A . n 
A 1 61  ASP 61  1039 1039 ASP ASP A . n 
A 1 62  LEU 62  1040 1040 LEU LEU A . n 
A 1 63  HIS 63  1041 1041 HIS HIS A . n 
A 1 64  LYS 64  1042 1042 LYS LYS A . n 
A 1 65  TYR 65  1043 1043 TYR TYR A . n 
A 1 66  LEU 66  1044 1044 LEU LEU A . n 
A 1 67  THR 67  1045 1045 THR THR A . n 
A 1 68  VAL 68  1046 1046 VAL VAL A . n 
A 1 69  LYS 69  1047 1047 LYS LYS A . n 
A 1 70  ASP 70  1048 1048 ASP ASP A . n 
A 1 71  TYR 71  1049 1049 TYR TYR A . n 
A 1 72  LEU 72  1050 1050 LEU LEU A . n 
A 1 73  ARG 73  1051 1051 ARG ARG A . n 
A 1 74  ASP 74  1052 1052 ASP ASP A . n 
A 1 75  ILE 75  1053 1053 ILE ILE A . n 
A 1 76  ASP 76  1054 1054 ASP ASP A . n 
A 1 77  LEU 77  1055 1055 LEU LEU A . n 
A 1 78  ILE 78  1056 1056 ILE ILE A . n 
A 1 79  CYS 79  1057 1057 CYS CYS A . n 
A 1 80  SER 80  1058 1058 SER SER A . n 
A 1 81  ASN 81  1059 1059 ASN ASN A . n 
A 1 82  ALA 82  1060 1060 ALA ALA A . n 
A 1 83  LEU 83  1061 1061 LEU LEU A . n 
A 1 84  GLU 84  1062 1062 GLU GLU A . n 
A 1 85  TYR 85  1063 1063 TYR TYR A . n 
A 1 86  ASN 86  1064 1064 ASN ASN A . n 
A 1 87  PRO 87  1065 1065 PRO PRO A . n 
A 1 88  ASP 88  1066 1066 ASP ASP A . n 
A 1 89  ARG 89  1067 1067 ARG ARG A . n 
A 1 90  ASP 90  1068 1068 ASP ASP A . n 
A 1 91  PRO 91  1069 1069 PRO PRO A . n 
A 1 92  GLY 92  1070 1070 GLY GLY A . n 
A 1 93  ASP 93  1071 1071 ASP ASP A . n 
A 1 94  ARG 94  1072 1072 ARG ARG A . n 
A 1 95  LEU 95  1073 1073 LEU LEU A . n 
A 1 96  ILE 96  1074 1074 ILE ILE A . n 
A 1 97  ARG 97  1075 1075 ARG ARG A . n 
A 1 98  HIS 98  1076 1076 HIS HIS A . n 
A 1 99  ARG 99  1077 1077 ARG ARG A . n 
A 1 100 ALA 100 1078 1078 ALA ALA A . n 
A 1 101 CYS 101 1079 1079 CYS CYS A . n 
A 1 102 ALA 102 1080 1080 ALA ALA A . n 
A 1 103 LEU 103 1081 1081 LEU LEU A . n 
A 1 104 ARG 104 1082 1082 ARG ARG A . n 
A 1 105 ASP 105 1083 1083 ASP ASP A . n 
A 1 106 THR 106 1084 1084 THR THR A . n 
A 1 107 ALA 107 1085 1085 ALA ALA A . n 
A 1 108 TYR 108 1086 1086 TYR TYR A . n 
A 1 109 ALA 109 1087 1087 ALA ALA A . n 
A 1 110 ILE 110 1088 1088 ILE ILE A . n 
A 1 111 ILE 111 1089 1089 ILE ILE A . n 
A 1 112 LYS 112 1090 1090 LYS LYS A . n 
A 1 113 GLU 113 1091 1091 GLU GLU A . n 
A 1 114 GLU 114 1092 1092 GLU GLU A . n 
A 1 115 LEU 115 1093 1093 LEU LEU A . n 
A 1 116 ASP 116 1094 1094 ASP ASP A . n 
A 1 117 GLU 117 1095 1095 GLU GLU A . n 
A 1 118 ASP 118 1096 1096 ASP ASP A . n 
A 1 119 PHE 119 1097 1097 PHE PHE A . n 
A 1 120 GLU 120 1098 1098 GLU GLU A . n 
A 1 121 GLN 121 1099 1099 GLN GLN A . n 
A 1 122 LEU 122 1100 1100 LEU LEU A . n 
A 1 123 CYS 123 1101 1101 CYS CYS A . n 
A 1 124 GLU 124 1102 1102 GLU GLU A . n 
A 1 125 GLU 125 1103 1103 GLU GLU A . n 
A 1 126 ILE 126 1104 1104 ILE ILE A . n 
A 1 127 GLN 127 1105 1105 GLN GLN A . n 
A 1 128 GLU 128 1106 1106 GLU GLU A . n 
A 1 129 SER 129 1107 1107 SER SER A . n 
A 1 130 ARG 130 1108 1108 ARG ARG A . n 
# 
loop_
_pdbx_nonpoly_scheme.asym_id 
_pdbx_nonpoly_scheme.entity_id 
_pdbx_nonpoly_scheme.mon_id 
_pdbx_nonpoly_scheme.ndb_seq_num 
_pdbx_nonpoly_scheme.pdb_seq_num 
_pdbx_nonpoly_scheme.auth_seq_num 
_pdbx_nonpoly_scheme.pdb_mon_id 
_pdbx_nonpoly_scheme.auth_mon_id 
_pdbx_nonpoly_scheme.pdb_strand_id 
_pdbx_nonpoly_scheme.pdb_ins_code 
B 2 SO4 1   1201 1201 SO4 SO4 A . 
C 3 CL  1   1202 1202 CL  CL  A . 
D 4 GOL 1   1203 1203 GOL GOL A . 
E 5 36Z 1   1204 1204 36Z 36Z A . 
F 6 HOH 1   1301 1301 HOH HOH A . 
F 6 HOH 2   1302 1303 HOH HOH A . 
F 6 HOH 3   1303 1304 HOH HOH A . 
F 6 HOH 4   1304 1302 HOH HOH A . 
F 6 HOH 5   1305 1306 HOH HOH A . 
F 6 HOH 6   1306 1312 HOH HOH A . 
F 6 HOH 7   1307 1307 HOH HOH A . 
F 6 HOH 8   1308 1313 HOH HOH A . 
F 6 HOH 9   1309 1308 HOH HOH A . 
F 6 HOH 10  1310 1328 HOH HOH A . 
F 6 HOH 11  1311 1315 HOH HOH A . 
F 6 HOH 12  1312 1317 HOH HOH A . 
F 6 HOH 13  1313 1316 HOH HOH A . 
F 6 HOH 14  1314 1305 HOH HOH A . 
F 6 HOH 15  1315 1342 HOH HOH A . 
F 6 HOH 16  1316 1310 HOH HOH A . 
F 6 HOH 17  1317 1325 HOH HOH A . 
F 6 HOH 18  1318 1311 HOH HOH A . 
F 6 HOH 19  1319 1320 HOH HOH A . 
F 6 HOH 20  1320 1314 HOH HOH A . 
F 6 HOH 21  1321 1324 HOH HOH A . 
F 6 HOH 22  1322 1329 HOH HOH A . 
F 6 HOH 23  1323 1323 HOH HOH A . 
F 6 HOH 24  1324 1326 HOH HOH A . 
F 6 HOH 25  1325 1333 HOH HOH A . 
F 6 HOH 26  1326 1309 HOH HOH A . 
F 6 HOH 27  1327 1340 HOH HOH A . 
F 6 HOH 28  1328 1334 HOH HOH A . 
F 6 HOH 29  1329 1319 HOH HOH A . 
F 6 HOH 30  1330 1336 HOH HOH A . 
F 6 HOH 31  1331 1353 HOH HOH A . 
F 6 HOH 32  1332 1321 HOH HOH A . 
F 6 HOH 33  1333 1327 HOH HOH A . 
F 6 HOH 34  1334 1331 HOH HOH A . 
F 6 HOH 35  1335 1332 HOH HOH A . 
F 6 HOH 36  1336 1318 HOH HOH A . 
F 6 HOH 37  1337 1335 HOH HOH A . 
F 6 HOH 38  1338 1346 HOH HOH A . 
F 6 HOH 39  1339 1322 HOH HOH A . 
F 6 HOH 40  1340 1339 HOH HOH A . 
F 6 HOH 41  1341 1352 HOH HOH A . 
F 6 HOH 42  1342 1338 HOH HOH A . 
F 6 HOH 43  1343 1341 HOH HOH A . 
F 6 HOH 44  1344 1349 HOH HOH A . 
F 6 HOH 45  1345 1345 HOH HOH A . 
F 6 HOH 46  1346 1355 HOH HOH A . 
F 6 HOH 47  1347 1337 HOH HOH A . 
F 6 HOH 48  1348 1347 HOH HOH A . 
F 6 HOH 49  1349 1344 HOH HOH A . 
F 6 HOH 50  1350 1363 HOH HOH A . 
F 6 HOH 51  1351 1330 HOH HOH A . 
F 6 HOH 52  1352 1351 HOH HOH A . 
F 6 HOH 53  1353 1364 HOH HOH A . 
F 6 HOH 54  1354 1356 HOH HOH A . 
F 6 HOH 55  1355 1362 HOH HOH A . 
F 6 HOH 56  1356 1358 HOH HOH A . 
F 6 HOH 57  1357 1366 HOH HOH A . 
F 6 HOH 58  1358 1343 HOH HOH A . 
F 6 HOH 59  1359 1354 HOH HOH A . 
F 6 HOH 60  1360 1357 HOH HOH A . 
F 6 HOH 61  1361 1348 HOH HOH A . 
F 6 HOH 62  1362 1365 HOH HOH A . 
F 6 HOH 63  1363 1367 HOH HOH A . 
F 6 HOH 64  1364 1359 HOH HOH A . 
F 6 HOH 65  1365 1360 HOH HOH A . 
F 6 HOH 66  1366 1350 HOH HOH A . 
F 6 HOH 67  1367 1370 HOH HOH A . 
F 6 HOH 68  1368 1361 HOH HOH A . 
F 6 HOH 69  1369 1371 HOH HOH A . 
F 6 HOH 70  1370 1369 HOH HOH A . 
F 6 HOH 71  1371 1373 HOH HOH A . 
F 6 HOH 72  1372 1377 HOH HOH A . 
F 6 HOH 73  1373 1378 HOH HOH A . 
F 6 HOH 74  1374 1374 HOH HOH A . 
F 6 HOH 75  1375 1375 HOH HOH A . 
F 6 HOH 76  1376 1372 HOH HOH A . 
F 6 HOH 77  1377 1368 HOH HOH A . 
F 6 HOH 78  1378 1376 HOH HOH A . 
F 6 HOH 79  1379 1379 HOH HOH A . 
F 6 HOH 80  1380 1381 HOH HOH A . 
F 6 HOH 81  1381 1388 HOH HOH A . 
F 6 HOH 82  1382 1380 HOH HOH A . 
F 6 HOH 83  1383 1383 HOH HOH A . 
F 6 HOH 84  1384 1387 HOH HOH A . 
F 6 HOH 85  1385 1391 HOH HOH A . 
F 6 HOH 86  1386 1384 HOH HOH A . 
F 6 HOH 87  1387 1389 HOH HOH A . 
F 6 HOH 88  1388 1382 HOH HOH A . 
F 6 HOH 89  1389 1386 HOH HOH A . 
F 6 HOH 90  1390 1385 HOH HOH A . 
F 6 HOH 91  1391 1530 HOH HOH A . 
F 6 HOH 92  1392 1396 HOH HOH A . 
F 6 HOH 93  1393 1390 HOH HOH A . 
F 6 HOH 94  1394 1392 HOH HOH A . 
F 6 HOH 95  1395 1394 HOH HOH A . 
F 6 HOH 96  1396 1393 HOH HOH A . 
F 6 HOH 97  1397 1395 HOH HOH A . 
F 6 HOH 98  1398 1397 HOH HOH A . 
F 6 HOH 99  1399 1398 HOH HOH A . 
F 6 HOH 100 1400 1399 HOH HOH A . 
F 6 HOH 101 1401 1400 HOH HOH A . 
F 6 HOH 102 1402 1401 HOH HOH A . 
F 6 HOH 103 1403 1402 HOH HOH A . 
F 6 HOH 104 1404 1403 HOH HOH A . 
F 6 HOH 105 1405 1404 HOH HOH A . 
F 6 HOH 106 1406 1405 HOH HOH A . 
F 6 HOH 107 1407 1406 HOH HOH A . 
F 6 HOH 108 1408 1407 HOH HOH A . 
F 6 HOH 109 1409 1408 HOH HOH A . 
F 6 HOH 110 1410 1409 HOH HOH A . 
F 6 HOH 111 1411 1410 HOH HOH A . 
F 6 HOH 112 1412 1411 HOH HOH A . 
F 6 HOH 113 1413 1412 HOH HOH A . 
F 6 HOH 114 1414 1413 HOH HOH A . 
F 6 HOH 115 1415 1414 HOH HOH A . 
F 6 HOH 116 1416 1415 HOH HOH A . 
F 6 HOH 117 1417 1416 HOH HOH A . 
F 6 HOH 118 1418 1417 HOH HOH A . 
F 6 HOH 119 1419 1418 HOH HOH A . 
F 6 HOH 120 1420 1419 HOH HOH A . 
F 6 HOH 121 1421 1420 HOH HOH A . 
F 6 HOH 122 1422 1421 HOH HOH A . 
F 6 HOH 123 1423 1422 HOH HOH A . 
F 6 HOH 124 1424 1423 HOH HOH A . 
F 6 HOH 125 1425 1424 HOH HOH A . 
F 6 HOH 126 1426 1425 HOH HOH A . 
F 6 HOH 127 1427 1426 HOH HOH A . 
F 6 HOH 128 1428 1427 HOH HOH A . 
F 6 HOH 129 1429 1428 HOH HOH A . 
F 6 HOH 130 1430 1429 HOH HOH A . 
F 6 HOH 131 1431 1430 HOH HOH A . 
F 6 HOH 132 1432 1431 HOH HOH A . 
F 6 HOH 133 1433 1432 HOH HOH A . 
F 6 HOH 134 1434 1433 HOH HOH A . 
F 6 HOH 135 1435 1434 HOH HOH A . 
F 6 HOH 136 1436 1435 HOH HOH A . 
F 6 HOH 137 1437 1436 HOH HOH A . 
F 6 HOH 138 1438 1437 HOH HOH A . 
F 6 HOH 139 1439 1438 HOH HOH A . 
F 6 HOH 140 1440 1439 HOH HOH A . 
F 6 HOH 141 1441 1440 HOH HOH A . 
F 6 HOH 142 1442 1441 HOH HOH A . 
F 6 HOH 143 1443 1442 HOH HOH A . 
F 6 HOH 144 1444 1443 HOH HOH A . 
F 6 HOH 145 1445 1444 HOH HOH A . 
F 6 HOH 146 1446 1445 HOH HOH A . 
F 6 HOH 147 1447 1446 HOH HOH A . 
F 6 HOH 148 1448 1447 HOH HOH A . 
F 6 HOH 149 1449 1448 HOH HOH A . 
F 6 HOH 150 1450 1449 HOH HOH A . 
F 6 HOH 151 1451 1450 HOH HOH A . 
F 6 HOH 152 1452 1451 HOH HOH A . 
F 6 HOH 153 1453 1452 HOH HOH A . 
F 6 HOH 154 1454 1453 HOH HOH A . 
F 6 HOH 155 1455 1454 HOH HOH A . 
F 6 HOH 156 1456 1455 HOH HOH A . 
F 6 HOH 157 1457 1456 HOH HOH A . 
F 6 HOH 158 1458 1457 HOH HOH A . 
F 6 HOH 159 1459 1458 HOH HOH A . 
F 6 HOH 160 1460 1459 HOH HOH A . 
F 6 HOH 161 1461 1460 HOH HOH A . 
F 6 HOH 162 1462 1461 HOH HOH A . 
F 6 HOH 163 1463 1462 HOH HOH A . 
F 6 HOH 164 1464 1463 HOH HOH A . 
F 6 HOH 165 1465 1464 HOH HOH A . 
F 6 HOH 166 1466 1465 HOH HOH A . 
F 6 HOH 167 1467 1466 HOH HOH A . 
F 6 HOH 168 1468 1467 HOH HOH A . 
F 6 HOH 169 1469 1468 HOH HOH A . 
F 6 HOH 170 1470 1469 HOH HOH A . 
F 6 HOH 171 1471 1470 HOH HOH A . 
F 6 HOH 172 1472 1471 HOH HOH A . 
F 6 HOH 173 1473 1472 HOH HOH A . 
F 6 HOH 174 1474 1473 HOH HOH A . 
F 6 HOH 175 1475 1474 HOH HOH A . 
F 6 HOH 176 1476 1475 HOH HOH A . 
F 6 HOH 177 1477 1476 HOH HOH A . 
F 6 HOH 178 1478 1477 HOH HOH A . 
F 6 HOH 179 1479 1478 HOH HOH A . 
F 6 HOH 180 1480 1479 HOH HOH A . 
F 6 HOH 181 1481 1480 HOH HOH A . 
F 6 HOH 182 1482 1481 HOH HOH A . 
F 6 HOH 183 1483 1482 HOH HOH A . 
F 6 HOH 184 1484 1483 HOH HOH A . 
F 6 HOH 185 1485 1484 HOH HOH A . 
F 6 HOH 186 1486 1485 HOH HOH A . 
F 6 HOH 187 1487 1486 HOH HOH A . 
F 6 HOH 188 1488 1487 HOH HOH A . 
F 6 HOH 189 1489 1488 HOH HOH A . 
F 6 HOH 190 1490 1489 HOH HOH A . 
F 6 HOH 191 1491 1490 HOH HOH A . 
F 6 HOH 192 1492 1491 HOH HOH A . 
F 6 HOH 193 1493 1492 HOH HOH A . 
F 6 HOH 194 1494 1493 HOH HOH A . 
F 6 HOH 195 1495 1494 HOH HOH A . 
F 6 HOH 196 1496 1495 HOH HOH A . 
F 6 HOH 197 1497 1496 HOH HOH A . 
F 6 HOH 198 1498 1497 HOH HOH A . 
F 6 HOH 199 1499 1498 HOH HOH A . 
F 6 HOH 200 1500 1499 HOH HOH A . 
F 6 HOH 201 1501 1500 HOH HOH A . 
F 6 HOH 202 1502 1501 HOH HOH A . 
F 6 HOH 203 1503 1502 HOH HOH A . 
F 6 HOH 204 1504 1503 HOH HOH A . 
F 6 HOH 205 1505 1504 HOH HOH A . 
F 6 HOH 206 1506 1505 HOH HOH A . 
F 6 HOH 207 1507 1506 HOH HOH A . 
F 6 HOH 208 1508 1507 HOH HOH A . 
F 6 HOH 209 1509 1508 HOH HOH A . 
F 6 HOH 210 1510 1509 HOH HOH A . 
F 6 HOH 211 1511 1510 HOH HOH A . 
F 6 HOH 212 1512 1511 HOH HOH A . 
F 6 HOH 213 1513 1512 HOH HOH A . 
F 6 HOH 214 1514 1513 HOH HOH A . 
F 6 HOH 215 1515 1514 HOH HOH A . 
F 6 HOH 216 1516 1515 HOH HOH A . 
F 6 HOH 217 1517 1516 HOH HOH A . 
F 6 HOH 218 1518 1517 HOH HOH A . 
F 6 HOH 219 1519 1518 HOH HOH A . 
F 6 HOH 220 1520 1519 HOH HOH A . 
F 6 HOH 221 1521 1520 HOH HOH A . 
F 6 HOH 222 1522 1521 HOH HOH A . 
F 6 HOH 223 1523 1522 HOH HOH A . 
F 6 HOH 224 1524 1523 HOH HOH A . 
F 6 HOH 225 1525 1524 HOH HOH A . 
F 6 HOH 226 1526 1525 HOH HOH A . 
F 6 HOH 227 1527 1526 HOH HOH A . 
F 6 HOH 228 1528 1527 HOH HOH A . 
F 6 HOH 229 1529 1528 HOH HOH A . 
F 6 HOH 230 1530 1529 HOH HOH A . 
F 6 HOH 231 1531 1531 HOH HOH A . 
F 6 HOH 232 1532 1532 HOH HOH A . 
F 6 HOH 233 1533 1533 HOH HOH A . 
F 6 HOH 234 1534 1534 HOH HOH A . 
F 6 HOH 235 1535 1535 HOH HOH A . 
F 6 HOH 236 1536 1536 HOH HOH A . 
F 6 HOH 237 1537 1537 HOH HOH A . 
F 6 HOH 238 1538 1538 HOH HOH A . 
F 6 HOH 239 1539 1539 HOH HOH A . 
F 6 HOH 240 1540 1540 HOH HOH A . 
F 6 HOH 241 1541 1541 HOH HOH A . 
F 6 HOH 242 1542 1542 HOH HOH A . 
F 6 HOH 243 1543 1543 HOH HOH A . 
F 6 HOH 244 1544 1544 HOH HOH A . 
F 6 HOH 245 1545 1545 HOH HOH A . 
F 6 HOH 246 1546 1546 HOH HOH A . 
F 6 HOH 247 1547 1547 HOH HOH A . 
F 6 HOH 248 1548 1548 HOH HOH A . 
F 6 HOH 249 1549 1549 HOH HOH A . 
F 6 HOH 250 1550 1550 HOH HOH A . 
F 6 HOH 251 1551 1551 HOH HOH A . 
F 6 HOH 252 1552 1552 HOH HOH A . 
F 6 HOH 253 1553 1553 HOH HOH A . 
# 
_pdbx_struct_assembly.id                   1 
_pdbx_struct_assembly.details              author_and_software_defined_assembly 
_pdbx_struct_assembly.method_details       PISA 
_pdbx_struct_assembly.oligomeric_details   monomeric 
_pdbx_struct_assembly.oligomeric_count     1 
# 
_pdbx_struct_assembly_gen.assembly_id       1 
_pdbx_struct_assembly_gen.oper_expression   1 
_pdbx_struct_assembly_gen.asym_id_list      A,B,C,D,E,F 
# 
_pdbx_struct_oper_list.id                   1 
_pdbx_struct_oper_list.type                 'identity operation' 
_pdbx_struct_oper_list.name                 1_555 
_pdbx_struct_oper_list.symmetry_operation   x,y,z 
_pdbx_struct_oper_list.matrix[1][1]         1.0000000000 
_pdbx_struct_oper_list.matrix[1][2]         0.0000000000 
_pdbx_struct_oper_list.matrix[1][3]         0.0000000000 
_pdbx_struct_oper_list.vector[1]            0.0000000000 
_pdbx_struct_oper_list.matrix[2][1]         0.0000000000 
_pdbx_struct_oper_list.matrix[2][2]         1.0000000000 
_pdbx_struct_oper_list.matrix[2][3]         0.0000000000 
_pdbx_struct_oper_list.vector[2]            0.0000000000 
_pdbx_struct_oper_list.matrix[3][1]         0.0000000000 
_pdbx_struct_oper_list.matrix[3][2]         0.0000000000 
_pdbx_struct_oper_list.matrix[3][3]         1.0000000000 
_pdbx_struct_oper_list.vector[3]            0.0000000000 
# 
loop_
_pdbx_audit_revision_history.ordinal 
_pdbx_audit_revision_history.data_content_type 
_pdbx_audit_revision_history.major_revision 
_pdbx_audit_revision_history.minor_revision 
_pdbx_audit_revision_history.revision_date 
1 'Structure model' 1 0 2014-12-24 
2 'Structure model' 1 1 2015-02-04 
3 'Structure model' 1 2 2015-03-04 
4 'Structure model' 1 3 2023-09-27 
# 
_pdbx_audit_revision_details.ordinal             1 
_pdbx_audit_revision_details.revision_ordinal    1 
_pdbx_audit_revision_details.data_content_type   'Structure model' 
_pdbx_audit_revision_details.provider            repository 
_pdbx_audit_revision_details.type                'Initial release' 
_pdbx_audit_revision_details.description         ? 
_pdbx_audit_revision_details.details             ? 
# 
loop_
_pdbx_audit_revision_group.ordinal 
_pdbx_audit_revision_group.revision_ordinal 
_pdbx_audit_revision_group.data_content_type 
_pdbx_audit_revision_group.group 
1 2 'Structure model' 'Derived calculations'   
2 3 'Structure model' 'Database references'    
3 4 'Structure model' 'Data collection'        
4 4 'Structure model' 'Database references'    
5 4 'Structure model' 'Derived calculations'   
6 4 'Structure model' Other                    
7 4 'Structure model' 'Refinement description' 
8 4 'Structure model' 'Source and taxonomy'    
# 
loop_
_pdbx_audit_revision_category.ordinal 
_pdbx_audit_revision_category.revision_ordinal 
_pdbx_audit_revision_category.data_content_type 
_pdbx_audit_revision_category.category 
1  4 'Structure model' chem_comp_atom                
2  4 'Structure model' chem_comp_bond                
3  4 'Structure model' citation                      
4  4 'Structure model' database_2                    
5  4 'Structure model' entity_src_gen                
6  4 'Structure model' pdbx_database_status          
7  4 'Structure model' pdbx_initial_refinement_model 
8  4 'Structure model' pdbx_prerelease_seq           
9  4 'Structure model' pdbx_struct_oper_list         
10 4 'Structure model' refine_hist                   
# 
loop_
_pdbx_audit_revision_item.ordinal 
_pdbx_audit_revision_item.revision_ordinal 
_pdbx_audit_revision_item.data_content_type 
_pdbx_audit_revision_item.item 
1 4 'Structure model' '_citation.journal_id_CSD'                    
2 4 'Structure model' '_database_2.pdbx_DOI'                        
3 4 'Structure model' '_database_2.pdbx_database_accession'         
4 4 'Structure model' '_entity_src_gen.pdbx_alt_source_flag'        
5 4 'Structure model' '_pdbx_database_status.pdb_format_compatible' 
6 4 'Structure model' '_pdbx_struct_oper_list.symmetry_operation'   
7 4 'Structure model' '_refine_hist.number_atoms_total'             
8 4 'Structure model' '_refine_hist.pdbx_number_atoms_nucleic_acid' 
9 4 'Structure model' '_refine_hist.pdbx_number_atoms_protein'      
# 
loop_
_software.citation_id 
_software.classification 
_software.compiler_name 
_software.compiler_version 
_software.contact_author 
_software.contact_author_email 
_software.date 
_software.description 
_software.dependencies 
_software.hardware 
_software.language 
_software.location 
_software.mods 
_software.name 
_software.os 
_software.os_version 
_software.type 
_software.version 
_software.pdbx_ordinal 
? refinement        ? ? ? ? ? ? ? ? ? ? ? REFMAC      ? ? ? 5.8.0049 1 
? 'data scaling'    ? ? ? ? ? ? ? ? ? ? ? Aimless     ? ? ? 0.1.27   2 
? 'data extraction' ? ? ? ? ? ? ? ? ? ? ? PDB_EXTRACT ? ? ? 3.14     3 
# 
_pdbx_distant_solvent_atoms.id                                1 
_pdbx_distant_solvent_atoms.PDB_model_num                     1 
_pdbx_distant_solvent_atoms.auth_atom_id                      O 
_pdbx_distant_solvent_atoms.label_alt_id                      ? 
_pdbx_distant_solvent_atoms.auth_asym_id                      A 
_pdbx_distant_solvent_atoms.auth_comp_id                      HOH 
_pdbx_distant_solvent_atoms.auth_seq_id                       1479 
_pdbx_distant_solvent_atoms.PDB_ins_code                      ? 
_pdbx_distant_solvent_atoms.neighbor_macromolecule_distance   5.85 
_pdbx_distant_solvent_atoms.neighbor_ligand_distance          . 
# 
loop_
_chem_comp_atom.comp_id 
_chem_comp_atom.atom_id 
_chem_comp_atom.type_symbol 
_chem_comp_atom.pdbx_aromatic_flag 
_chem_comp_atom.pdbx_stereo_config 
_chem_comp_atom.pdbx_ordinal 
36Z CAF  C  N N 1   
36Z CAE  C  Y N 2   
36Z OAA  O  Y N 3   
36Z NAB  N  Y N 4   
36Z CAC  C  Y N 5   
36Z CAG  C  N N 6   
36Z CAD  C  Y N 7   
36Z CAH  C  Y N 8   
36Z CAM  C  Y N 9   
36Z CAI  C  Y N 10  
36Z CAJ  C  Y N 11  
36Z NAR  N  N N 12  
36Z CAK  C  Y N 13  
36Z CAL  C  Y N 14  
36Z CAN  C  N N 15  
36Z OAO  O  N N 16  
36Z OAP  O  N N 17  
36Z CAQ  C  N N 18  
36Z H1   H  N N 19  
36Z H2   H  N N 20  
36Z H3   H  N N 21  
36Z H4   H  N N 22  
36Z H5   H  N N 23  
36Z H6   H  N N 24  
36Z H7   H  N N 25  
36Z H8   H  N N 26  
36Z H9   H  N N 27  
36Z H10  H  N N 28  
36Z H11  H  N N 29  
36Z H12  H  N N 30  
36Z H13  H  N N 31  
36Z H14  H  N N 32  
ALA N    N  N N 33  
ALA CA   C  N S 34  
ALA C    C  N N 35  
ALA O    O  N N 36  
ALA CB   C  N N 37  
ALA OXT  O  N N 38  
ALA H    H  N N 39  
ALA H2   H  N N 40  
ALA HA   H  N N 41  
ALA HB1  H  N N 42  
ALA HB2  H  N N 43  
ALA HB3  H  N N 44  
ALA HXT  H  N N 45  
ARG N    N  N N 46  
ARG CA   C  N S 47  
ARG C    C  N N 48  
ARG O    O  N N 49  
ARG CB   C  N N 50  
ARG CG   C  N N 51  
ARG CD   C  N N 52  
ARG NE   N  N N 53  
ARG CZ   C  N N 54  
ARG NH1  N  N N 55  
ARG NH2  N  N N 56  
ARG OXT  O  N N 57  
ARG H    H  N N 58  
ARG H2   H  N N 59  
ARG HA   H  N N 60  
ARG HB2  H  N N 61  
ARG HB3  H  N N 62  
ARG HG2  H  N N 63  
ARG HG3  H  N N 64  
ARG HD2  H  N N 65  
ARG HD3  H  N N 66  
ARG HE   H  N N 67  
ARG HH11 H  N N 68  
ARG HH12 H  N N 69  
ARG HH21 H  N N 70  
ARG HH22 H  N N 71  
ARG HXT  H  N N 72  
ASN N    N  N N 73  
ASN CA   C  N S 74  
ASN C    C  N N 75  
ASN O    O  N N 76  
ASN CB   C  N N 77  
ASN CG   C  N N 78  
ASN OD1  O  N N 79  
ASN ND2  N  N N 80  
ASN OXT  O  N N 81  
ASN H    H  N N 82  
ASN H2   H  N N 83  
ASN HA   H  N N 84  
ASN HB2  H  N N 85  
ASN HB3  H  N N 86  
ASN HD21 H  N N 87  
ASN HD22 H  N N 88  
ASN HXT  H  N N 89  
ASP N    N  N N 90  
ASP CA   C  N S 91  
ASP C    C  N N 92  
ASP O    O  N N 93  
ASP CB   C  N N 94  
ASP CG   C  N N 95  
ASP OD1  O  N N 96  
ASP OD2  O  N N 97  
ASP OXT  O  N N 98  
ASP H    H  N N 99  
ASP H2   H  N N 100 
ASP HA   H  N N 101 
ASP HB2  H  N N 102 
ASP HB3  H  N N 103 
ASP HD2  H  N N 104 
ASP HXT  H  N N 105 
CL  CL   CL N N 106 
CYS N    N  N N 107 
CYS CA   C  N R 108 
CYS C    C  N N 109 
CYS O    O  N N 110 
CYS CB   C  N N 111 
CYS SG   S  N N 112 
CYS OXT  O  N N 113 
CYS H    H  N N 114 
CYS H2   H  N N 115 
CYS HA   H  N N 116 
CYS HB2  H  N N 117 
CYS HB3  H  N N 118 
CYS HG   H  N N 119 
CYS HXT  H  N N 120 
GLN N    N  N N 121 
GLN CA   C  N S 122 
GLN C    C  N N 123 
GLN O    O  N N 124 
GLN CB   C  N N 125 
GLN CG   C  N N 126 
GLN CD   C  N N 127 
GLN OE1  O  N N 128 
GLN NE2  N  N N 129 
GLN OXT  O  N N 130 
GLN H    H  N N 131 
GLN H2   H  N N 132 
GLN HA   H  N N 133 
GLN HB2  H  N N 134 
GLN HB3  H  N N 135 
GLN HG2  H  N N 136 
GLN HG3  H  N N 137 
GLN HE21 H  N N 138 
GLN HE22 H  N N 139 
GLN HXT  H  N N 140 
GLU N    N  N N 141 
GLU CA   C  N S 142 
GLU C    C  N N 143 
GLU O    O  N N 144 
GLU CB   C  N N 145 
GLU CG   C  N N 146 
GLU CD   C  N N 147 
GLU OE1  O  N N 148 
GLU OE2  O  N N 149 
GLU OXT  O  N N 150 
GLU H    H  N N 151 
GLU H2   H  N N 152 
GLU HA   H  N N 153 
GLU HB2  H  N N 154 
GLU HB3  H  N N 155 
GLU HG2  H  N N 156 
GLU HG3  H  N N 157 
GLU HE2  H  N N 158 
GLU HXT  H  N N 159 
GLY N    N  N N 160 
GLY CA   C  N N 161 
GLY C    C  N N 162 
GLY O    O  N N 163 
GLY OXT  O  N N 164 
GLY H    H  N N 165 
GLY H2   H  N N 166 
GLY HA2  H  N N 167 
GLY HA3  H  N N 168 
GLY HXT  H  N N 169 
GOL C1   C  N N 170 
GOL O1   O  N N 171 
GOL C2   C  N N 172 
GOL O2   O  N N 173 
GOL C3   C  N N 174 
GOL O3   O  N N 175 
GOL H11  H  N N 176 
GOL H12  H  N N 177 
GOL HO1  H  N N 178 
GOL H2   H  N N 179 
GOL HO2  H  N N 180 
GOL H31  H  N N 181 
GOL H32  H  N N 182 
GOL HO3  H  N N 183 
HIS N    N  N N 184 
HIS CA   C  N S 185 
HIS C    C  N N 186 
HIS O    O  N N 187 
HIS CB   C  N N 188 
HIS CG   C  Y N 189 
HIS ND1  N  Y N 190 
HIS CD2  C  Y N 191 
HIS CE1  C  Y N 192 
HIS NE2  N  Y N 193 
HIS OXT  O  N N 194 
HIS H    H  N N 195 
HIS H2   H  N N 196 
HIS HA   H  N N 197 
HIS HB2  H  N N 198 
HIS HB3  H  N N 199 
HIS HD1  H  N N 200 
HIS HD2  H  N N 201 
HIS HE1  H  N N 202 
HIS HE2  H  N N 203 
HIS HXT  H  N N 204 
HOH O    O  N N 205 
HOH H1   H  N N 206 
HOH H2   H  N N 207 
ILE N    N  N N 208 
ILE CA   C  N S 209 
ILE C    C  N N 210 
ILE O    O  N N 211 
ILE CB   C  N S 212 
ILE CG1  C  N N 213 
ILE CG2  C  N N 214 
ILE CD1  C  N N 215 
ILE OXT  O  N N 216 
ILE H    H  N N 217 
ILE H2   H  N N 218 
ILE HA   H  N N 219 
ILE HB   H  N N 220 
ILE HG12 H  N N 221 
ILE HG13 H  N N 222 
ILE HG21 H  N N 223 
ILE HG22 H  N N 224 
ILE HG23 H  N N 225 
ILE HD11 H  N N 226 
ILE HD12 H  N N 227 
ILE HD13 H  N N 228 
ILE HXT  H  N N 229 
LEU N    N  N N 230 
LEU CA   C  N S 231 
LEU C    C  N N 232 
LEU O    O  N N 233 
LEU CB   C  N N 234 
LEU CG   C  N N 235 
LEU CD1  C  N N 236 
LEU CD2  C  N N 237 
LEU OXT  O  N N 238 
LEU H    H  N N 239 
LEU H2   H  N N 240 
LEU HA   H  N N 241 
LEU HB2  H  N N 242 
LEU HB3  H  N N 243 
LEU HG   H  N N 244 
LEU HD11 H  N N 245 
LEU HD12 H  N N 246 
LEU HD13 H  N N 247 
LEU HD21 H  N N 248 
LEU HD22 H  N N 249 
LEU HD23 H  N N 250 
LEU HXT  H  N N 251 
LYS N    N  N N 252 
LYS CA   C  N S 253 
LYS C    C  N N 254 
LYS O    O  N N 255 
LYS CB   C  N N 256 
LYS CG   C  N N 257 
LYS CD   C  N N 258 
LYS CE   C  N N 259 
LYS NZ   N  N N 260 
LYS OXT  O  N N 261 
LYS H    H  N N 262 
LYS H2   H  N N 263 
LYS HA   H  N N 264 
LYS HB2  H  N N 265 
LYS HB3  H  N N 266 
LYS HG2  H  N N 267 
LYS HG3  H  N N 268 
LYS HD2  H  N N 269 
LYS HD3  H  N N 270 
LYS HE2  H  N N 271 
LYS HE3  H  N N 272 
LYS HZ1  H  N N 273 
LYS HZ2  H  N N 274 
LYS HZ3  H  N N 275 
LYS HXT  H  N N 276 
MET N    N  N N 277 
MET CA   C  N S 278 
MET C    C  N N 279 
MET O    O  N N 280 
MET CB   C  N N 281 
MET CG   C  N N 282 
MET SD   S  N N 283 
MET CE   C  N N 284 
MET OXT  O  N N 285 
MET H    H  N N 286 
MET H2   H  N N 287 
MET HA   H  N N 288 
MET HB2  H  N N 289 
MET HB3  H  N N 290 
MET HG2  H  N N 291 
MET HG3  H  N N 292 
MET HE1  H  N N 293 
MET HE2  H  N N 294 
MET HE3  H  N N 295 
MET HXT  H  N N 296 
PHE N    N  N N 297 
PHE CA   C  N S 298 
PHE C    C  N N 299 
PHE O    O  N N 300 
PHE CB   C  N N 301 
PHE CG   C  Y N 302 
PHE CD1  C  Y N 303 
PHE CD2  C  Y N 304 
PHE CE1  C  Y N 305 
PHE CE2  C  Y N 306 
PHE CZ   C  Y N 307 
PHE OXT  O  N N 308 
PHE H    H  N N 309 
PHE H2   H  N N 310 
PHE HA   H  N N 311 
PHE HB2  H  N N 312 
PHE HB3  H  N N 313 
PHE HD1  H  N N 314 
PHE HD2  H  N N 315 
PHE HE1  H  N N 316 
PHE HE2  H  N N 317 
PHE HZ   H  N N 318 
PHE HXT  H  N N 319 
PRO N    N  N N 320 
PRO CA   C  N S 321 
PRO C    C  N N 322 
PRO O    O  N N 323 
PRO CB   C  N N 324 
PRO CG   C  N N 325 
PRO CD   C  N N 326 
PRO OXT  O  N N 327 
PRO H    H  N N 328 
PRO HA   H  N N 329 
PRO HB2  H  N N 330 
PRO HB3  H  N N 331 
PRO HG2  H  N N 332 
PRO HG3  H  N N 333 
PRO HD2  H  N N 334 
PRO HD3  H  N N 335 
PRO HXT  H  N N 336 
SER N    N  N N 337 
SER CA   C  N S 338 
SER C    C  N N 339 
SER O    O  N N 340 
SER CB   C  N N 341 
SER OG   O  N N 342 
SER OXT  O  N N 343 
SER H    H  N N 344 
SER H2   H  N N 345 
SER HA   H  N N 346 
SER HB2  H  N N 347 
SER HB3  H  N N 348 
SER HG   H  N N 349 
SER HXT  H  N N 350 
SO4 S    S  N N 351 
SO4 O1   O  N N 352 
SO4 O2   O  N N 353 
SO4 O3   O  N N 354 
SO4 O4   O  N N 355 
THR N    N  N N 356 
THR CA   C  N S 357 
THR C    C  N N 358 
THR O    O  N N 359 
THR CB   C  N R 360 
THR OG1  O  N N 361 
THR CG2  C  N N 362 
THR OXT  O  N N 363 
THR H    H  N N 364 
THR H2   H  N N 365 
THR HA   H  N N 366 
THR HB   H  N N 367 
THR HG1  H  N N 368 
THR HG21 H  N N 369 
THR HG22 H  N N 370 
THR HG23 H  N N 371 
THR HXT  H  N N 372 
TYR N    N  N N 373 
TYR CA   C  N S 374 
TYR C    C  N N 375 
TYR O    O  N N 376 
TYR CB   C  N N 377 
TYR CG   C  Y N 378 
TYR CD1  C  Y N 379 
TYR CD2  C  Y N 380 
TYR CE1  C  Y N 381 
TYR CE2  C  Y N 382 
TYR CZ   C  Y N 383 
TYR OH   O  N N 384 
TYR OXT  O  N N 385 
TYR H    H  N N 386 
TYR H2   H  N N 387 
TYR HA   H  N N 388 
TYR HB2  H  N N 389 
TYR HB3  H  N N 390 
TYR HD1  H  N N 391 
TYR HD2  H  N N 392 
TYR HE1  H  N N 393 
TYR HE2  H  N N 394 
TYR HH   H  N N 395 
TYR HXT  H  N N 396 
VAL N    N  N N 397 
VAL CA   C  N S 398 
VAL C    C  N N 399 
VAL O    O  N N 400 
VAL CB   C  N N 401 
VAL CG1  C  N N 402 
VAL CG2  C  N N 403 
VAL OXT  O  N N 404 
VAL H    H  N N 405 
VAL H2   H  N N 406 
VAL HA   H  N N 407 
VAL HB   H  N N 408 
VAL HG11 H  N N 409 
VAL HG12 H  N N 410 
VAL HG13 H  N N 411 
VAL HG21 H  N N 412 
VAL HG22 H  N N 413 
VAL HG23 H  N N 414 
VAL HXT  H  N N 415 
# 
loop_
_chem_comp_bond.comp_id 
_chem_comp_bond.atom_id_1 
_chem_comp_bond.atom_id_2 
_chem_comp_bond.value_order 
_chem_comp_bond.pdbx_aromatic_flag 
_chem_comp_bond.pdbx_stereo_config 
_chem_comp_bond.pdbx_ordinal 
36Z OAO CAN  doub N N 1   
36Z OAP CAQ  sing N N 2   
36Z OAP CAN  sing N N 3   
36Z CAN CAL  sing N N 4   
36Z CAK CAL  doub Y N 5   
36Z CAK CAJ  sing Y N 6   
36Z CAL CAM  sing Y N 7   
36Z NAR CAJ  sing N N 8   
36Z CAJ CAI  doub Y N 9   
36Z CAM CAH  doub Y N 10  
36Z CAG CAC  sing N N 11  
36Z CAI CAH  sing Y N 12  
36Z CAH CAD  sing N N 13  
36Z CAC CAD  sing Y N 14  
36Z CAC NAB  doub Y N 15  
36Z CAD CAE  doub Y N 16  
36Z NAB OAA  sing Y N 17  
36Z CAE CAF  sing N N 18  
36Z CAE OAA  sing Y N 19  
36Z CAF H1   sing N N 20  
36Z CAF H2   sing N N 21  
36Z CAF H3   sing N N 22  
36Z CAG H4   sing N N 23  
36Z CAG H5   sing N N 24  
36Z CAG H6   sing N N 25  
36Z CAM H7   sing N N 26  
36Z CAI H8   sing N N 27  
36Z NAR H9   sing N N 28  
36Z NAR H10  sing N N 29  
36Z CAK H11  sing N N 30  
36Z CAQ H12  sing N N 31  
36Z CAQ H13  sing N N 32  
36Z CAQ H14  sing N N 33  
ALA N   CA   sing N N 34  
ALA N   H    sing N N 35  
ALA N   H2   sing N N 36  
ALA CA  C    sing N N 37  
ALA CA  CB   sing N N 38  
ALA CA  HA   sing N N 39  
ALA C   O    doub N N 40  
ALA C   OXT  sing N N 41  
ALA CB  HB1  sing N N 42  
ALA CB  HB2  sing N N 43  
ALA CB  HB3  sing N N 44  
ALA OXT HXT  sing N N 45  
ARG N   CA   sing N N 46  
ARG N   H    sing N N 47  
ARG N   H2   sing N N 48  
ARG CA  C    sing N N 49  
ARG CA  CB   sing N N 50  
ARG CA  HA   sing N N 51  
ARG C   O    doub N N 52  
ARG C   OXT  sing N N 53  
ARG CB  CG   sing N N 54  
ARG CB  HB2  sing N N 55  
ARG CB  HB3  sing N N 56  
ARG CG  CD   sing N N 57  
ARG CG  HG2  sing N N 58  
ARG CG  HG3  sing N N 59  
ARG CD  NE   sing N N 60  
ARG CD  HD2  sing N N 61  
ARG CD  HD3  sing N N 62  
ARG NE  CZ   sing N N 63  
ARG NE  HE   sing N N 64  
ARG CZ  NH1  sing N N 65  
ARG CZ  NH2  doub N N 66  
ARG NH1 HH11 sing N N 67  
ARG NH1 HH12 sing N N 68  
ARG NH2 HH21 sing N N 69  
ARG NH2 HH22 sing N N 70  
ARG OXT HXT  sing N N 71  
ASN N   CA   sing N N 72  
ASN N   H    sing N N 73  
ASN N   H2   sing N N 74  
ASN CA  C    sing N N 75  
ASN CA  CB   sing N N 76  
ASN CA  HA   sing N N 77  
ASN C   O    doub N N 78  
ASN C   OXT  sing N N 79  
ASN CB  CG   sing N N 80  
ASN CB  HB2  sing N N 81  
ASN CB  HB3  sing N N 82  
ASN CG  OD1  doub N N 83  
ASN CG  ND2  sing N N 84  
ASN ND2 HD21 sing N N 85  
ASN ND2 HD22 sing N N 86  
ASN OXT HXT  sing N N 87  
ASP N   CA   sing N N 88  
ASP N   H    sing N N 89  
ASP N   H2   sing N N 90  
ASP CA  C    sing N N 91  
ASP CA  CB   sing N N 92  
ASP CA  HA   sing N N 93  
ASP C   O    doub N N 94  
ASP C   OXT  sing N N 95  
ASP CB  CG   sing N N 96  
ASP CB  HB2  sing N N 97  
ASP CB  HB3  sing N N 98  
ASP CG  OD1  doub N N 99  
ASP CG  OD2  sing N N 100 
ASP OD2 HD2  sing N N 101 
ASP OXT HXT  sing N N 102 
CYS N   CA   sing N N 103 
CYS N   H    sing N N 104 
CYS N   H2   sing N N 105 
CYS CA  C    sing N N 106 
CYS CA  CB   sing N N 107 
CYS CA  HA   sing N N 108 
CYS C   O    doub N N 109 
CYS C   OXT  sing N N 110 
CYS CB  SG   sing N N 111 
CYS CB  HB2  sing N N 112 
CYS CB  HB3  sing N N 113 
CYS SG  HG   sing N N 114 
CYS OXT HXT  sing N N 115 
GLN N   CA   sing N N 116 
GLN N   H    sing N N 117 
GLN N   H2   sing N N 118 
GLN CA  C    sing N N 119 
GLN CA  CB   sing N N 120 
GLN CA  HA   sing N N 121 
GLN C   O    doub N N 122 
GLN C   OXT  sing N N 123 
GLN CB  CG   sing N N 124 
GLN CB  HB2  sing N N 125 
GLN CB  HB3  sing N N 126 
GLN CG  CD   sing N N 127 
GLN CG  HG2  sing N N 128 
GLN CG  HG3  sing N N 129 
GLN CD  OE1  doub N N 130 
GLN CD  NE2  sing N N 131 
GLN NE2 HE21 sing N N 132 
GLN NE2 HE22 sing N N 133 
GLN OXT HXT  sing N N 134 
GLU N   CA   sing N N 135 
GLU N   H    sing N N 136 
GLU N   H2   sing N N 137 
GLU CA  C    sing N N 138 
GLU CA  CB   sing N N 139 
GLU CA  HA   sing N N 140 
GLU C   O    doub N N 141 
GLU C   OXT  sing N N 142 
GLU CB  CG   sing N N 143 
GLU CB  HB2  sing N N 144 
GLU CB  HB3  sing N N 145 
GLU CG  CD   sing N N 146 
GLU CG  HG2  sing N N 147 
GLU CG  HG3  sing N N 148 
GLU CD  OE1  doub N N 149 
GLU CD  OE2  sing N N 150 
GLU OE2 HE2  sing N N 151 
GLU OXT HXT  sing N N 152 
GLY N   CA   sing N N 153 
GLY N   H    sing N N 154 
GLY N   H2   sing N N 155 
GLY CA  C    sing N N 156 
GLY CA  HA2  sing N N 157 
GLY CA  HA3  sing N N 158 
GLY C   O    doub N N 159 
GLY C   OXT  sing N N 160 
GLY OXT HXT  sing N N 161 
GOL C1  O1   sing N N 162 
GOL C1  C2   sing N N 163 
GOL C1  H11  sing N N 164 
GOL C1  H12  sing N N 165 
GOL O1  HO1  sing N N 166 
GOL C2  O2   sing N N 167 
GOL C2  C3   sing N N 168 
GOL C2  H2   sing N N 169 
GOL O2  HO2  sing N N 170 
GOL C3  O3   sing N N 171 
GOL C3  H31  sing N N 172 
GOL C3  H32  sing N N 173 
GOL O3  HO3  sing N N 174 
HIS N   CA   sing N N 175 
HIS N   H    sing N N 176 
HIS N   H2   sing N N 177 
HIS CA  C    sing N N 178 
HIS CA  CB   sing N N 179 
HIS CA  HA   sing N N 180 
HIS C   O    doub N N 181 
HIS C   OXT  sing N N 182 
HIS CB  CG   sing N N 183 
HIS CB  HB2  sing N N 184 
HIS CB  HB3  sing N N 185 
HIS CG  ND1  sing Y N 186 
HIS CG  CD2  doub Y N 187 
HIS ND1 CE1  doub Y N 188 
HIS ND1 HD1  sing N N 189 
HIS CD2 NE2  sing Y N 190 
HIS CD2 HD2  sing N N 191 
HIS CE1 NE2  sing Y N 192 
HIS CE1 HE1  sing N N 193 
HIS NE2 HE2  sing N N 194 
HIS OXT HXT  sing N N 195 
HOH O   H1   sing N N 196 
HOH O   H2   sing N N 197 
ILE N   CA   sing N N 198 
ILE N   H    sing N N 199 
ILE N   H2   sing N N 200 
ILE CA  C    sing N N 201 
ILE CA  CB   sing N N 202 
ILE CA  HA   sing N N 203 
ILE C   O    doub N N 204 
ILE C   OXT  sing N N 205 
ILE CB  CG1  sing N N 206 
ILE CB  CG2  sing N N 207 
ILE CB  HB   sing N N 208 
ILE CG1 CD1  sing N N 209 
ILE CG1 HG12 sing N N 210 
ILE CG1 HG13 sing N N 211 
ILE CG2 HG21 sing N N 212 
ILE CG2 HG22 sing N N 213 
ILE CG2 HG23 sing N N 214 
ILE CD1 HD11 sing N N 215 
ILE CD1 HD12 sing N N 216 
ILE CD1 HD13 sing N N 217 
ILE OXT HXT  sing N N 218 
LEU N   CA   sing N N 219 
LEU N   H    sing N N 220 
LEU N   H2   sing N N 221 
LEU CA  C    sing N N 222 
LEU CA  CB   sing N N 223 
LEU CA  HA   sing N N 224 
LEU C   O    doub N N 225 
LEU C   OXT  sing N N 226 
LEU CB  CG   sing N N 227 
LEU CB  HB2  sing N N 228 
LEU CB  HB3  sing N N 229 
LEU CG  CD1  sing N N 230 
LEU CG  CD2  sing N N 231 
LEU CG  HG   sing N N 232 
LEU CD1 HD11 sing N N 233 
LEU CD1 HD12 sing N N 234 
LEU CD1 HD13 sing N N 235 
LEU CD2 HD21 sing N N 236 
LEU CD2 HD22 sing N N 237 
LEU CD2 HD23 sing N N 238 
LEU OXT HXT  sing N N 239 
LYS N   CA   sing N N 240 
LYS N   H    sing N N 241 
LYS N   H2   sing N N 242 
LYS CA  C    sing N N 243 
LYS CA  CB   sing N N 244 
LYS CA  HA   sing N N 245 
LYS C   O    doub N N 246 
LYS C   OXT  sing N N 247 
LYS CB  CG   sing N N 248 
LYS CB  HB2  sing N N 249 
LYS CB  HB3  sing N N 250 
LYS CG  CD   sing N N 251 
LYS CG  HG2  sing N N 252 
LYS CG  HG3  sing N N 253 
LYS CD  CE   sing N N 254 
LYS CD  HD2  sing N N 255 
LYS CD  HD3  sing N N 256 
LYS CE  NZ   sing N N 257 
LYS CE  HE2  sing N N 258 
LYS CE  HE3  sing N N 259 
LYS NZ  HZ1  sing N N 260 
LYS NZ  HZ2  sing N N 261 
LYS NZ  HZ3  sing N N 262 
LYS OXT HXT  sing N N 263 
MET N   CA   sing N N 264 
MET N   H    sing N N 265 
MET N   H2   sing N N 266 
MET CA  C    sing N N 267 
MET CA  CB   sing N N 268 
MET CA  HA   sing N N 269 
MET C   O    doub N N 270 
MET C   OXT  sing N N 271 
MET CB  CG   sing N N 272 
MET CB  HB2  sing N N 273 
MET CB  HB3  sing N N 274 
MET CG  SD   sing N N 275 
MET CG  HG2  sing N N 276 
MET CG  HG3  sing N N 277 
MET SD  CE   sing N N 278 
MET CE  HE1  sing N N 279 
MET CE  HE2  sing N N 280 
MET CE  HE3  sing N N 281 
MET OXT HXT  sing N N 282 
PHE N   CA   sing N N 283 
PHE N   H    sing N N 284 
PHE N   H2   sing N N 285 
PHE CA  C    sing N N 286 
PHE CA  CB   sing N N 287 
PHE CA  HA   sing N N 288 
PHE C   O    doub N N 289 
PHE C   OXT  sing N N 290 
PHE CB  CG   sing N N 291 
PHE CB  HB2  sing N N 292 
PHE CB  HB3  sing N N 293 
PHE CG  CD1  doub Y N 294 
PHE CG  CD2  sing Y N 295 
PHE CD1 CE1  sing Y N 296 
PHE CD1 HD1  sing N N 297 
PHE CD2 CE2  doub Y N 298 
PHE CD2 HD2  sing N N 299 
PHE CE1 CZ   doub Y N 300 
PHE CE1 HE1  sing N N 301 
PHE CE2 CZ   sing Y N 302 
PHE CE2 HE2  sing N N 303 
PHE CZ  HZ   sing N N 304 
PHE OXT HXT  sing N N 305 
PRO N   CA   sing N N 306 
PRO N   CD   sing N N 307 
PRO N   H    sing N N 308 
PRO CA  C    sing N N 309 
PRO CA  CB   sing N N 310 
PRO CA  HA   sing N N 311 
PRO C   O    doub N N 312 
PRO C   OXT  sing N N 313 
PRO CB  CG   sing N N 314 
PRO CB  HB2  sing N N 315 
PRO CB  HB3  sing N N 316 
PRO CG  CD   sing N N 317 
PRO CG  HG2  sing N N 318 
PRO CG  HG3  sing N N 319 
PRO CD  HD2  sing N N 320 
PRO CD  HD3  sing N N 321 
PRO OXT HXT  sing N N 322 
SER N   CA   sing N N 323 
SER N   H    sing N N 324 
SER N   H2   sing N N 325 
SER CA  C    sing N N 326 
SER CA  CB   sing N N 327 
SER CA  HA   sing N N 328 
SER C   O    doub N N 329 
SER C   OXT  sing N N 330 
SER CB  OG   sing N N 331 
SER CB  HB2  sing N N 332 
SER CB  HB3  sing N N 333 
SER OG  HG   sing N N 334 
SER OXT HXT  sing N N 335 
SO4 S   O1   doub N N 336 
SO4 S   O2   doub N N 337 
SO4 S   O3   sing N N 338 
SO4 S   O4   sing N N 339 
THR N   CA   sing N N 340 
THR N   H    sing N N 341 
THR N   H2   sing N N 342 
THR CA  C    sing N N 343 
THR CA  CB   sing N N 344 
THR CA  HA   sing N N 345 
THR C   O    doub N N 346 
THR C   OXT  sing N N 347 
THR CB  OG1  sing N N 348 
THR CB  CG2  sing N N 349 
THR CB  HB   sing N N 350 
THR OG1 HG1  sing N N 351 
THR CG2 HG21 sing N N 352 
THR CG2 HG22 sing N N 353 
THR CG2 HG23 sing N N 354 
THR OXT HXT  sing N N 355 
TYR N   CA   sing N N 356 
TYR N   H    sing N N 357 
TYR N   H2   sing N N 358 
TYR CA  C    sing N N 359 
TYR CA  CB   sing N N 360 
TYR CA  HA   sing N N 361 
TYR C   O    doub N N 362 
TYR C   OXT  sing N N 363 
TYR CB  CG   sing N N 364 
TYR CB  HB2  sing N N 365 
TYR CB  HB3  sing N N 366 
TYR CG  CD1  doub Y N 367 
TYR CG  CD2  sing Y N 368 
TYR CD1 CE1  sing Y N 369 
TYR CD1 HD1  sing N N 370 
TYR CD2 CE2  doub Y N 371 
TYR CD2 HD2  sing N N 372 
TYR CE1 CZ   doub Y N 373 
TYR CE1 HE1  sing N N 374 
TYR CE2 CZ   sing Y N 375 
TYR CE2 HE2  sing N N 376 
TYR CZ  OH   sing N N 377 
TYR OH  HH   sing N N 378 
TYR OXT HXT  sing N N 379 
VAL N   CA   sing N N 380 
VAL N   H    sing N N 381 
VAL N   H2   sing N N 382 
VAL CA  C    sing N N 383 
VAL CA  CB   sing N N 384 
VAL CA  HA   sing N N 385 
VAL C   O    doub N N 386 
VAL C   OXT  sing N N 387 
VAL CB  CG1  sing N N 388 
VAL CB  CG2  sing N N 389 
VAL CB  HB   sing N N 390 
VAL CG1 HG11 sing N N 391 
VAL CG1 HG12 sing N N 392 
VAL CG1 HG13 sing N N 393 
VAL CG2 HG21 sing N N 394 
VAL CG2 HG22 sing N N 395 
VAL CG2 HG23 sing N N 396 
VAL OXT HXT  sing N N 397 
# 
loop_
_pdbx_entity_nonpoly.entity_id 
_pdbx_entity_nonpoly.name 
_pdbx_entity_nonpoly.comp_id 
2 'SULFATE ION'                                             SO4 
3 'CHLORIDE ION'                                            CL  
4 GLYCEROL                                                  GOL 
5 'methyl 3-amino-5-(3,5-dimethyl-1,2-oxazol-4-yl)benzoate' 36Z 
6 water                                                     HOH 
# 
_pdbx_initial_refinement_model.id               1 
_pdbx_initial_refinement_model.entity_id_list   ? 
_pdbx_initial_refinement_model.type             'experimental model' 
_pdbx_initial_refinement_model.source_name      PDB 
_pdbx_initial_refinement_model.accession_code   3DAI 
_pdbx_initial_refinement_model.details          ? 
# 
